data_4D97
#
_entry.id   4D97
#
_cell.length_a   66.445
_cell.length_b   165.289
_cell.length_c   68.706
_cell.angle_alpha   90.00
_cell.angle_beta   118.71
_cell.angle_gamma   90.00
#
_symmetry.space_group_name_H-M   'P 1 21 1'
#
loop_
_entity.id
_entity.type
_entity.pdbx_description
1 polymer 'D-cysteine desulfhydrase'
2 non-polymer BENZAMIDINE
3 non-polymer D-SERINE
4 water water
#
_entity_poly.entity_id   1
_entity_poly.type   'polypeptide(L)'
_entity_poly.pdbx_seq_one_letter_code
;MRGSHHHHHHGMASMPLHHLTRFPRLEFIGAPTPLEYLPRLSDYLGREIYIKRDDVTPIAMGGN(LLP)LRKLEFLVADA
LREGADTLITAGAIQSNHVRQTAAVAAKLGLHCVALLENPIGTTAENYLTNGNRLLLDLFNTQIEMCDALTDPDAQLQTL
ATRIEAQGFRPYVIPVGGSSALGAMGYVESALEIAQQCEEVVGLSSVVVASGSAGTHAGLAVGLEHLMPDVELIGVTVSR
SVAEQKPKVIALQQAIAGQLALTATADIHLWDDYFAPGYGVPNDAGMEAVKLLASLEGVLLDPVYTGKAMAGLIDGISQK
RFNDDGPILFIHTGGAPALFAYHPHVTYPE
;
_entity_poly.pdbx_strand_id   A,B,C,D
#
# COMPACT_ATOMS: atom_id res chain seq x y z
N MET A 15 -47.65 7.94 0.12
CA MET A 15 -48.25 9.15 -0.51
C MET A 15 -47.59 10.46 -0.05
N PRO A 16 -47.53 10.72 1.27
CA PRO A 16 -47.07 12.06 1.70
C PRO A 16 -45.60 12.36 1.39
N LEU A 17 -44.75 11.32 1.37
CA LEU A 17 -43.33 11.49 1.09
C LEU A 17 -42.96 11.22 -0.38
N HIS A 18 -43.91 11.44 -1.29
CA HIS A 18 -43.72 11.09 -2.70
C HIS A 18 -42.69 11.91 -3.43
N HIS A 19 -42.39 13.12 -2.92
CA HIS A 19 -41.37 13.97 -3.53
C HIS A 19 -39.97 13.41 -3.43
N LEU A 20 -39.78 12.39 -2.60
CA LEU A 20 -38.50 11.67 -2.52
C LEU A 20 -38.09 11.08 -3.87
N THR A 21 -39.08 10.76 -4.70
CA THR A 21 -38.88 10.23 -6.05
C THR A 21 -37.99 11.12 -6.92
N ARG A 22 -38.18 12.44 -6.81
CA ARG A 22 -37.48 13.38 -7.68
C ARG A 22 -35.96 13.47 -7.40
N PHE A 23 -35.55 13.06 -6.21
CA PHE A 23 -34.12 13.04 -5.86
C PHE A 23 -33.45 11.78 -6.39
N PRO A 24 -32.42 11.95 -7.23
CA PRO A 24 -31.65 10.80 -7.74
C PRO A 24 -30.93 10.09 -6.60
N ARG A 25 -30.87 8.76 -6.66
CA ARG A 25 -30.15 7.98 -5.64
C ARG A 25 -29.49 6.76 -6.24
N LEU A 26 -28.28 6.46 -5.76
CA LEU A 26 -27.59 5.22 -6.10
C LEU A 26 -28.07 4.12 -5.17
N GLU A 27 -27.96 2.88 -5.61
CA GLU A 27 -28.36 1.76 -4.76
C GLU A 27 -27.15 1.12 -4.09
N PHE A 28 -27.00 1.38 -2.80
CA PHE A 28 -25.89 0.85 -2.00
C PHE A 28 -26.35 -0.18 -0.99
N ILE A 29 -27.61 -0.08 -0.59
CA ILE A 29 -28.14 -0.94 0.48
C ILE A 29 -28.91 -2.12 -0.10
N GLY A 30 -29.77 -1.84 -1.07
CA GLY A 30 -30.62 -2.87 -1.66
C GLY A 30 -31.91 -3.00 -0.88
N ALA A 31 -32.15 -4.20 -0.35
CA ALA A 31 -33.37 -4.50 0.40
C ALA A 31 -33.39 -3.79 1.77
N PRO A 32 -34.60 -3.53 2.31
CA PRO A 32 -34.72 -2.95 3.64
C PRO A 32 -33.90 -3.72 4.66
N THR A 33 -33.21 -3.01 5.55
CA THR A 33 -32.39 -3.65 6.58
C THR A 33 -33.31 -4.30 7.63
N PRO A 34 -32.83 -5.34 8.32
CA PRO A 34 -33.68 -6.06 9.27
C PRO A 34 -34.21 -5.17 10.40
N LEU A 35 -35.45 -5.41 10.78
CA LEU A 35 -36.01 -4.86 12.01
C LEU A 35 -36.33 -6.06 12.89
N GLU A 36 -35.63 -6.16 14.02
CA GLU A 36 -35.63 -7.38 14.83
C GLU A 36 -36.09 -7.13 16.26
N TYR A 37 -36.79 -8.10 16.84
CA TYR A 37 -37.11 -8.04 18.26
C TYR A 37 -35.89 -8.50 19.05
N LEU A 38 -35.64 -7.88 20.21
CA LEU A 38 -34.54 -8.29 21.08
C LEU A 38 -35.08 -8.94 22.34
N PRO A 39 -35.32 -10.27 22.30
CA PRO A 39 -36.05 -10.90 23.40
C PRO A 39 -35.30 -10.93 24.72
N ARG A 40 -33.98 -11.07 24.68
CA ARG A 40 -33.21 -11.17 25.92
C ARG A 40 -32.98 -9.80 26.55
N LEU A 41 -32.70 -8.79 25.72
CA LEU A 41 -32.63 -7.40 26.20
C LEU A 41 -33.98 -6.95 26.77
N SER A 42 -35.06 -7.30 26.06
CA SER A 42 -36.42 -6.95 26.49
C SER A 42 -36.73 -7.59 27.83
N ASP A 43 -36.33 -8.84 27.98
CA ASP A 43 -36.50 -9.56 29.24
C ASP A 43 -35.76 -8.86 30.40
N TYR A 44 -34.53 -8.43 30.14
CA TYR A 44 -33.72 -7.76 31.17
C TYR A 44 -34.26 -6.36 31.52
N LEU A 45 -34.67 -5.60 30.50
CA LEU A 45 -35.07 -4.21 30.72
C LEU A 45 -36.53 -4.05 31.16
N GLY A 46 -37.32 -5.11 30.96
CA GLY A 46 -38.73 -5.11 31.34
C GLY A 46 -39.64 -4.34 30.41
N ARG A 47 -39.23 -4.25 29.16
CA ARG A 47 -39.85 -3.39 28.15
C ARG A 47 -39.56 -4.01 26.80
N GLU A 48 -40.52 -3.96 25.87
CA GLU A 48 -40.31 -4.51 24.52
C GLU A 48 -39.34 -3.65 23.73
N ILE A 49 -38.22 -4.24 23.33
CA ILE A 49 -37.18 -3.54 22.57
C ILE A 49 -37.01 -4.16 21.19
N TYR A 50 -37.08 -3.32 20.17
CA TYR A 50 -36.79 -3.72 18.80
C TYR A 50 -35.55 -2.95 18.31
N ILE A 51 -34.90 -3.49 17.29
CA ILE A 51 -33.70 -2.87 16.73
C ILE A 51 -33.79 -2.78 15.21
N LYS A 52 -33.46 -1.60 14.67
CA LYS A 52 -33.38 -1.41 13.23
C LYS A 52 -31.92 -1.54 12.85
N ARG A 53 -31.61 -2.57 12.06
CA ARG A 53 -30.23 -2.95 11.83
C ARG A 53 -29.57 -2.24 10.65
N ASP A 54 -29.43 -0.92 10.77
CA ASP A 54 -28.73 -0.15 9.75
C ASP A 54 -27.22 -0.34 9.82
N ASP A 55 -26.77 -1.15 10.78
CA ASP A 55 -25.37 -1.54 10.88
C ASP A 55 -25.02 -2.66 9.91
N VAL A 56 -26.04 -3.33 9.37
CA VAL A 56 -25.83 -4.43 8.43
C VAL A 56 -26.17 -4.01 6.99
N THR A 57 -25.23 -3.33 6.37
CA THR A 57 -25.35 -2.99 4.97
C THR A 57 -24.13 -3.57 4.22
N PRO A 58 -24.22 -3.71 2.88
CA PRO A 58 -23.21 -4.50 2.17
C PRO A 58 -21.84 -3.82 2.03
N ILE A 59 -21.79 -2.52 2.23
CA ILE A 59 -20.55 -1.80 1.96
C ILE A 59 -19.65 -1.59 3.18
N ALA A 60 -18.45 -2.16 3.10
CA ALA A 60 -17.36 -1.96 4.07
C ALA A 60 -17.82 -1.79 5.52
N MET A 61 -18.46 -2.83 6.06
CA MET A 61 -18.84 -2.93 7.47
C MET A 61 -20.02 -2.06 7.89
N GLY A 62 -20.70 -1.48 6.90
CA GLY A 62 -22.04 -0.90 7.11
C GLY A 62 -22.15 0.41 7.85
N GLY A 63 -23.40 0.82 8.12
CA GLY A 63 -23.65 2.01 8.93
C GLY A 63 -24.66 2.98 8.35
N ASN A 64 -25.08 3.93 9.17
CA ASN A 64 -26.09 4.92 8.79
C ASN A 64 -25.64 5.84 7.66
N LEU A 66 -24.11 5.37 5.02
CA LEU A 66 -24.35 4.82 3.68
C LEU A 66 -25.68 5.27 3.08
N ARG A 67 -26.72 5.36 3.90
CA ARG A 67 -28.03 5.84 3.43
C ARG A 67 -27.93 7.28 2.90
N LYS A 68 -27.15 8.11 3.58
CA LYS A 68 -26.92 9.48 3.15
C LYS A 68 -26.14 9.51 1.84
N LEU A 69 -25.12 8.67 1.74
CA LEU A 69 -24.25 8.61 0.55
C LEU A 69 -24.99 8.22 -0.73
N GLU A 70 -26.06 7.43 -0.62
CA GLU A 70 -26.89 7.09 -1.78
C GLU A 70 -27.37 8.37 -2.50
N PHE A 71 -27.75 9.38 -1.73
CA PHE A 71 -28.22 10.65 -2.28
C PHE A 71 -27.08 11.59 -2.64
N LEU A 72 -26.12 11.72 -1.72
CA LEU A 72 -25.00 12.64 -1.90
C LEU A 72 -24.16 12.30 -3.12
N VAL A 73 -23.84 11.02 -3.28
CA VAL A 73 -22.95 10.59 -4.36
C VAL A 73 -23.68 10.56 -5.72
N ALA A 74 -24.98 10.27 -5.69
CA ALA A 74 -25.82 10.45 -6.89
C ALA A 74 -25.76 11.89 -7.39
N ASP A 75 -25.82 12.83 -6.44
CA ASP A 75 -25.72 14.27 -6.74
C ASP A 75 -24.34 14.58 -7.31
N ALA A 76 -23.31 14.01 -6.71
CA ALA A 76 -21.93 14.19 -7.18
C ALA A 76 -21.77 13.74 -8.62
N LEU A 77 -22.30 12.55 -8.94
CA LEU A 77 -22.21 12.00 -10.29
C LEU A 77 -22.98 12.83 -11.32
N ARG A 78 -24.15 13.35 -10.94
CA ARG A 78 -24.91 14.27 -11.78
C ARG A 78 -24.16 15.57 -12.09
N GLU A 79 -23.31 15.99 -11.16
CA GLU A 79 -22.49 17.19 -11.31
C GLU A 79 -21.22 16.96 -12.15
N GLY A 80 -20.94 15.71 -12.50
CA GLY A 80 -19.71 15.36 -13.22
C GLY A 80 -18.47 15.34 -12.34
N ALA A 81 -18.66 15.30 -11.03
CA ALA A 81 -17.56 15.24 -10.08
C ALA A 81 -16.86 13.88 -10.12
N ASP A 82 -15.54 13.89 -9.92
CA ASP A 82 -14.75 12.65 -9.96
C ASP A 82 -13.99 12.43 -8.65
N THR A 83 -14.27 13.30 -7.68
CA THR A 83 -13.56 13.33 -6.40
C THR A 83 -14.53 13.69 -5.27
N LEU A 84 -14.47 12.92 -4.19
CA LEU A 84 -15.25 13.20 -3.00
C LEU A 84 -14.35 13.71 -1.88
N ILE A 85 -14.71 14.86 -1.34
CA ILE A 85 -13.97 15.43 -0.22
C ILE A 85 -14.88 15.55 0.98
N THR A 86 -14.41 15.05 2.11
CA THR A 86 -15.15 15.14 3.37
C THR A 86 -14.20 15.21 4.58
N ALA A 87 -14.78 15.34 5.78
CA ALA A 87 -13.98 15.53 6.99
C ALA A 87 -14.56 14.73 8.15
N GLY A 88 -13.73 14.49 9.15
CA GLY A 88 -14.19 13.86 10.39
C GLY A 88 -13.03 13.52 11.29
N ALA A 89 -13.33 12.83 12.40
CA ALA A 89 -12.32 12.32 13.32
C ALA A 89 -11.51 11.24 12.62
N ILE A 90 -10.30 10.97 13.14
CA ILE A 90 -9.46 9.87 12.65
C ILE A 90 -10.29 8.58 12.56
N GLN A 91 -11.15 8.37 13.54
CA GLN A 91 -11.98 7.15 13.58
C GLN A 91 -13.41 7.33 13.06
N SER A 92 -13.62 8.34 12.23
CA SER A 92 -14.93 8.60 11.62
C SER A 92 -15.48 7.43 10.82
N ASN A 93 -16.70 7.04 11.11
CA ASN A 93 -17.40 6.05 10.29
C ASN A 93 -17.81 6.61 8.92
N HIS A 94 -18.18 7.88 8.90
CA HIS A 94 -18.57 8.57 7.68
C HIS A 94 -17.44 8.60 6.67
N VAL A 95 -16.25 8.96 7.13
CA VAL A 95 -15.08 9.01 6.25
C VAL A 95 -14.83 7.62 5.66
N ARG A 96 -14.85 6.60 6.52
CA ARG A 96 -14.66 5.22 6.10
C ARG A 96 -15.68 4.78 5.05
N GLN A 97 -16.95 5.09 5.27
CA GLN A 97 -18.00 4.73 4.31
C GLN A 97 -17.88 5.52 3.01
N THR A 98 -17.54 6.81 3.12
CA THR A 98 -17.30 7.66 1.94
C THR A 98 -16.16 7.09 1.09
N ALA A 99 -15.06 6.73 1.76
CA ALA A 99 -13.88 6.17 1.09
C ALA A 99 -14.20 4.87 0.36
N ALA A 100 -14.98 4.02 1.02
CA ALA A 100 -15.40 2.74 0.45
C ALA A 100 -16.24 2.91 -0.81
N VAL A 101 -17.21 3.82 -0.75
CA VAL A 101 -18.06 4.14 -1.90
C VAL A 101 -17.24 4.74 -3.04
N ALA A 102 -16.31 5.63 -2.70
CA ALA A 102 -15.41 6.23 -3.68
C ALA A 102 -14.62 5.17 -4.43
N ALA A 103 -14.03 4.23 -3.70
CA ALA A 103 -13.25 3.15 -4.29
C ALA A 103 -14.11 2.30 -5.22
N LYS A 104 -15.31 1.95 -4.75
CA LYS A 104 -16.28 1.17 -5.52
C LYS A 104 -16.63 1.84 -6.85
N LEU A 105 -16.74 3.17 -6.85
CA LEU A 105 -17.15 3.90 -8.04
C LEU A 105 -15.99 4.49 -8.87
N GLY A 106 -14.76 4.24 -8.43
CA GLY A 106 -13.59 4.78 -9.13
C GLY A 106 -13.46 6.28 -9.01
N LEU A 107 -14.01 6.83 -7.92
CA LEU A 107 -13.83 8.23 -7.59
C LEU A 107 -12.63 8.40 -6.68
N HIS A 108 -11.92 9.51 -6.84
CA HIS A 108 -10.88 9.90 -5.89
C HIS A 108 -11.54 10.28 -4.59
N CYS A 109 -10.83 10.08 -3.47
CA CYS A 109 -11.34 10.51 -2.17
C CYS A 109 -10.27 11.23 -1.36
N VAL A 110 -10.63 12.39 -0.85
CA VAL A 110 -9.75 13.16 0.02
C VAL A 110 -10.44 13.40 1.36
N ALA A 111 -9.73 13.09 2.45
CA ALA A 111 -10.29 13.18 3.78
C ALA A 111 -9.48 14.10 4.68
N LEU A 112 -10.16 15.08 5.27
CA LEU A 112 -9.57 15.94 6.27
C LEU A 112 -9.85 15.37 7.65
N LEU A 113 -8.81 14.91 8.34
CA LEU A 113 -8.99 14.25 9.64
C LEU A 113 -8.44 15.05 10.80
N GLU A 114 -9.11 14.93 11.94
CA GLU A 114 -8.63 15.47 13.21
C GLU A 114 -8.58 14.40 14.29
N ASN A 115 -7.75 14.65 15.31
CA ASN A 115 -7.74 13.86 16.53
C ASN A 115 -8.56 14.63 17.56
N PRO A 116 -9.83 14.23 17.79
CA PRO A 116 -10.70 15.02 18.66
C PRO A 116 -10.45 14.83 20.16
N ILE A 117 -9.75 13.76 20.53
CA ILE A 117 -9.56 13.44 21.95
C ILE A 117 -8.10 13.60 22.44
N GLY A 118 -7.21 14.00 21.54
CA GLY A 118 -5.79 14.18 21.87
C GLY A 118 -5.08 12.93 22.37
N THR A 119 -5.50 11.77 21.87
CA THR A 119 -4.88 10.50 22.24
C THR A 119 -3.61 10.24 21.44
N THR A 120 -2.67 9.51 22.06
CA THR A 120 -1.49 9.03 21.35
C THR A 120 -1.53 7.50 21.20
N ALA A 121 -2.64 6.89 21.63
CA ALA A 121 -2.82 5.44 21.53
C ALA A 121 -2.70 4.94 20.09
N GLU A 122 -1.87 3.93 19.90
CA GLU A 122 -1.51 3.45 18.56
C GLU A 122 -2.69 2.86 17.78
N ASN A 123 -3.57 2.14 18.47
CA ASN A 123 -4.77 1.58 17.81
C ASN A 123 -5.78 2.66 17.39
N TYR A 124 -5.90 3.74 18.17
CA TYR A 124 -6.76 4.84 17.75
C TYR A 124 -6.17 5.52 16.52
N LEU A 125 -4.86 5.74 16.54
CA LEU A 125 -4.19 6.43 15.44
C LEU A 125 -4.10 5.64 14.13
N THR A 126 -4.08 4.31 14.20
CA THR A 126 -3.74 3.49 13.02
C THR A 126 -4.62 2.27 12.75
N ASN A 127 -5.45 1.88 13.71
CA ASN A 127 -6.29 0.69 13.55
C ASN A 127 -7.73 1.08 13.20
N GLY A 128 -8.64 0.10 13.22
CA GLY A 128 -10.07 0.37 13.03
C GLY A 128 -10.37 1.07 11.72
N ASN A 129 -11.21 2.09 11.77
CA ASN A 129 -11.58 2.85 10.57
C ASN A 129 -10.41 3.47 9.84
N ARG A 130 -9.41 3.92 10.60
CA ARG A 130 -8.23 4.55 10.02
C ARG A 130 -7.44 3.58 9.14
N LEU A 131 -7.35 2.33 9.59
CA LEU A 131 -6.71 1.26 8.83
C LEU A 131 -7.40 1.05 7.47
N LEU A 132 -8.73 1.03 7.48
CA LEU A 132 -9.51 0.81 6.26
C LEU A 132 -9.32 1.94 5.25
N LEU A 133 -9.14 3.17 5.74
CA LEU A 133 -8.90 4.31 4.86
C LEU A 133 -7.73 4.07 3.92
N ASP A 134 -6.66 3.47 4.43
CA ASP A 134 -5.48 3.17 3.63
C ASP A 134 -5.77 2.08 2.60
N LEU A 135 -6.61 1.11 2.97
CA LEU A 135 -7.02 0.07 2.03
C LEU A 135 -7.81 0.63 0.84
N PHE A 136 -8.61 1.67 1.09
CA PHE A 136 -9.39 2.33 0.04
C PHE A 136 -8.63 3.41 -0.75
N ASN A 137 -7.33 3.54 -0.51
CA ASN A 137 -6.50 4.56 -1.17
C ASN A 137 -6.97 6.00 -0.97
N THR A 138 -7.45 6.31 0.24
CA THR A 138 -7.88 7.65 0.57
C THR A 138 -6.68 8.58 0.71
N GLN A 139 -6.73 9.75 0.08
CA GLN A 139 -5.75 10.79 0.35
C GLN A 139 -6.10 11.43 1.69
N ILE A 140 -5.18 11.35 2.64
CA ILE A 140 -5.41 11.78 4.01
C ILE A 140 -4.75 13.14 4.28
N GLU A 141 -5.55 14.09 4.74
CA GLU A 141 -5.07 15.41 5.12
C GLU A 141 -5.33 15.60 6.61
N MET A 142 -4.26 15.72 7.40
CA MET A 142 -4.41 15.99 8.82
C MET A 142 -4.59 17.48 9.07
N CYS A 143 -5.37 17.81 10.08
CA CYS A 143 -5.47 19.17 10.60
C CYS A 143 -5.51 19.13 12.12
N ASP A 144 -5.06 20.22 12.74
CA ASP A 144 -5.00 20.34 14.21
C ASP A 144 -6.38 20.16 14.83
N ALA A 145 -7.39 20.78 14.24
CA ALA A 145 -8.77 20.68 14.68
C ALA A 145 -9.73 21.17 13.60
N LEU A 146 -10.91 20.55 13.53
CA LEU A 146 -11.98 21.01 12.65
C LEU A 146 -12.76 22.14 13.33
N THR A 147 -12.13 23.31 13.42
CA THR A 147 -12.74 24.49 14.02
C THR A 147 -13.86 25.07 13.15
N ASP A 148 -13.64 25.11 11.84
CA ASP A 148 -14.65 25.54 10.89
C ASP A 148 -14.69 24.56 9.70
N PRO A 149 -15.35 23.40 9.88
CA PRO A 149 -15.28 22.32 8.89
C PRO A 149 -15.67 22.72 7.47
N ASP A 150 -16.73 23.49 7.33
CA ASP A 150 -17.18 23.95 6.01
C ASP A 150 -16.13 24.80 5.29
N ALA A 151 -15.51 25.74 6.01
CA ALA A 151 -14.48 26.60 5.44
C ALA A 151 -13.19 25.83 5.13
N GLN A 152 -12.81 24.94 6.03
CA GLN A 152 -11.61 24.10 5.85
C GLN A 152 -11.79 23.14 4.66
N LEU A 153 -13.00 22.63 4.49
CA LEU A 153 -13.32 21.76 3.34
C LEU A 153 -13.24 22.50 2.01
N GLN A 154 -13.68 23.76 2.00
CA GLN A 154 -13.63 24.58 0.77
C GLN A 154 -12.21 24.93 0.36
N THR A 155 -11.37 25.25 1.35
CA THR A 155 -9.95 25.51 1.11
C THR A 155 -9.27 24.29 0.51
N LEU A 156 -9.58 23.11 1.06
CA LEU A 156 -9.05 21.86 0.53
C LEU A 156 -9.57 21.59 -0.88
N ALA A 157 -10.86 21.85 -1.10
CA ALA A 157 -11.48 21.67 -2.41
C ALA A 157 -10.81 22.53 -3.49
N THR A 158 -10.44 23.76 -3.12
CA THR A 158 -9.73 24.67 -4.01
C THR A 158 -8.38 24.09 -4.44
N ARG A 159 -7.57 23.67 -3.47
CA ARG A 159 -6.30 22.99 -3.74
C ARG A 159 -6.47 21.81 -4.68
N ILE A 160 -7.48 20.99 -4.40
CA ILE A 160 -7.75 19.77 -5.16
C ILE A 160 -8.20 20.09 -6.59
N GLU A 161 -9.05 21.12 -6.73
CA GLU A 161 -9.51 21.60 -8.04
C GLU A 161 -8.36 22.12 -8.89
N ALA A 162 -7.35 22.72 -8.24
CA ALA A 162 -6.15 23.23 -8.92
C ALA A 162 -5.31 22.13 -9.58
N GLN A 163 -5.46 20.90 -9.11
CA GLN A 163 -4.78 19.74 -9.71
C GLN A 163 -5.54 19.19 -10.91
N GLY A 164 -6.73 19.76 -11.16
CA GLY A 164 -7.54 19.34 -12.29
C GLY A 164 -8.69 18.42 -11.91
N PHE A 165 -8.75 18.03 -10.64
CA PHE A 165 -9.86 17.23 -10.12
C PHE A 165 -11.17 18.02 -10.15
N ARG A 166 -12.28 17.30 -10.17
CA ARG A 166 -13.60 17.90 -10.08
C ARG A 166 -14.22 17.44 -8.76
N PRO A 167 -14.06 18.26 -7.71
CA PRO A 167 -14.39 17.84 -6.35
C PRO A 167 -15.85 18.06 -5.97
N TYR A 168 -16.38 17.15 -5.16
CA TYR A 168 -17.68 17.29 -4.54
C TYR A 168 -17.49 17.22 -3.04
N VAL A 169 -17.84 18.31 -2.36
CA VAL A 169 -17.64 18.42 -0.92
C VAL A 169 -18.84 17.85 -0.18
N ILE A 170 -18.57 16.87 0.67
CA ILE A 170 -19.59 16.28 1.54
C ILE A 170 -19.33 16.77 2.96
N PRO A 171 -20.34 17.43 3.59
CA PRO A 171 -20.14 17.97 4.93
C PRO A 171 -19.90 16.87 5.97
N VAL A 172 -19.38 17.26 7.12
CA VAL A 172 -19.15 16.34 8.24
C VAL A 172 -20.40 15.50 8.48
N GLY A 173 -20.20 14.19 8.60
CA GLY A 173 -21.30 13.25 8.84
C GLY A 173 -22.24 13.01 7.67
N GLY A 174 -21.97 13.67 6.54
CA GLY A 174 -22.89 13.63 5.40
C GLY A 174 -24.18 14.37 5.66
N SER A 175 -24.18 15.22 6.69
CA SER A 175 -25.42 15.86 7.16
C SER A 175 -25.78 17.17 6.47
N SER A 176 -26.34 17.04 5.28
CA SER A 176 -27.04 18.12 4.60
C SER A 176 -28.49 17.66 4.46
N ALA A 177 -29.38 18.58 4.07
CA ALA A 177 -30.77 18.21 3.81
C ALA A 177 -30.87 17.07 2.80
N LEU A 178 -30.04 17.13 1.74
CA LEU A 178 -30.00 16.05 0.76
C LEU A 178 -29.56 14.72 1.34
N GLY A 179 -28.47 14.72 2.11
CA GLY A 179 -27.98 13.49 2.76
C GLY A 179 -29.03 12.89 3.69
N ALA A 180 -29.73 13.77 4.39
CA ALA A 180 -30.75 13.34 5.36
C ALA A 180 -31.96 12.64 4.72
N MET A 181 -32.14 12.78 3.40
CA MET A 181 -33.19 12.07 2.68
C MET A 181 -33.06 10.56 2.85
N GLY A 182 -31.82 10.10 3.02
CA GLY A 182 -31.55 8.71 3.35
C GLY A 182 -32.35 8.22 4.56
N TYR A 183 -32.48 9.08 5.56
CA TYR A 183 -33.25 8.72 6.76
C TYR A 183 -34.74 9.03 6.74
N VAL A 184 -35.16 9.86 5.79
CA VAL A 184 -36.58 9.95 5.44
C VAL A 184 -36.98 8.61 4.84
N GLU A 185 -36.13 8.08 3.97
CA GLU A 185 -36.32 6.76 3.36
C GLU A 185 -36.36 5.64 4.42
N SER A 186 -35.46 5.73 5.41
CA SER A 186 -35.40 4.73 6.47
C SER A 186 -36.72 4.66 7.25
N ALA A 187 -37.32 5.83 7.48
CA ALA A 187 -38.61 5.93 8.17
C ALA A 187 -39.72 5.20 7.39
N LEU A 188 -39.67 5.26 6.07
CA LEU A 188 -40.63 4.56 5.23
C LEU A 188 -40.52 3.04 5.40
N GLU A 189 -39.28 2.53 5.46
CA GLU A 189 -39.02 1.12 5.76
C GLU A 189 -39.59 0.76 7.12
N ILE A 190 -39.27 1.59 8.12
CA ILE A 190 -39.69 1.34 9.50
C ILE A 190 -41.20 1.23 9.59
N ALA A 191 -41.90 2.21 9.03
CA ALA A 191 -43.38 2.21 9.06
C ALA A 191 -43.93 0.93 8.43
N GLN A 192 -43.39 0.54 7.29
CA GLN A 192 -43.82 -0.67 6.58
C GLN A 192 -43.53 -1.95 7.38
N GLN A 193 -42.37 -1.98 8.03
CA GLN A 193 -41.93 -3.16 8.79
C GLN A 193 -42.71 -3.33 10.09
N CYS A 194 -43.16 -2.21 10.66
CA CYS A 194 -43.93 -2.23 11.90
C CYS A 194 -45.41 -2.48 11.67
N GLU A 195 -45.86 -2.32 10.42
CA GLU A 195 -47.28 -2.40 10.07
C GLU A 195 -47.87 -3.78 10.39
N GLU A 196 -48.91 -3.78 11.23
CA GLU A 196 -49.58 -4.99 11.70
C GLU A 196 -48.66 -5.95 12.49
N VAL A 197 -47.45 -5.49 12.81
CA VAL A 197 -46.47 -6.29 13.55
C VAL A 197 -46.23 -5.73 14.94
N VAL A 198 -45.94 -4.42 15.03
CA VAL A 198 -45.78 -3.76 16.32
C VAL A 198 -46.26 -2.30 16.31
N GLY A 199 -46.97 -1.91 17.36
CA GLY A 199 -47.34 -0.52 17.59
C GLY A 199 -46.26 0.15 18.44
N LEU A 200 -45.33 0.83 17.79
CA LEU A 200 -44.23 1.49 18.47
C LEU A 200 -44.70 2.68 19.29
N SER A 201 -44.01 2.91 20.40
CA SER A 201 -44.24 4.09 21.22
CA SER A 201 -44.25 4.09 21.21
C SER A 201 -43.11 5.09 21.06
N SER A 202 -41.88 4.59 21.00
CA SER A 202 -40.70 5.43 20.98
C SER A 202 -39.63 4.90 20.04
N VAL A 203 -38.81 5.81 19.53
CA VAL A 203 -37.65 5.47 18.72
C VAL A 203 -36.47 6.23 19.31
N VAL A 204 -35.34 5.53 19.43
CA VAL A 204 -34.12 6.12 19.97
C VAL A 204 -33.00 6.06 18.92
N VAL A 205 -32.35 7.18 18.68
CA VAL A 205 -31.20 7.26 17.77
C VAL A 205 -30.11 8.18 18.33
N ALA A 206 -28.84 7.86 18.07
CA ALA A 206 -27.77 8.80 18.38
C ALA A 206 -27.90 10.05 17.51
N SER A 207 -27.66 11.22 18.11
CA SER A 207 -27.77 12.49 17.42
C SER A 207 -26.40 13.16 17.41
N GLY A 208 -25.76 13.19 16.24
CA GLY A 208 -24.40 13.70 16.11
C GLY A 208 -24.39 14.92 15.21
N SER A 209 -24.04 14.72 13.94
CA SER A 209 -24.09 15.81 12.96
C SER A 209 -25.53 16.15 12.56
N ALA A 210 -26.47 15.30 12.99
CA ALA A 210 -27.92 15.59 13.07
C ALA A 210 -28.76 15.15 11.87
N GLY A 211 -28.11 14.71 10.80
CA GLY A 211 -28.80 14.27 9.58
C GLY A 211 -29.72 13.08 9.79
N THR A 212 -29.23 12.07 10.52
CA THR A 212 -30.03 10.87 10.83
C THR A 212 -31.26 11.23 11.65
N HIS A 213 -31.06 11.96 12.74
CA HIS A 213 -32.15 12.42 13.62
C HIS A 213 -33.15 13.21 12.82
N ALA A 214 -32.66 14.20 12.06
CA ALA A 214 -33.53 15.10 11.30
C ALA A 214 -34.33 14.40 10.21
N GLY A 215 -33.69 13.49 9.49
CA GLY A 215 -34.38 12.71 8.45
C GLY A 215 -35.47 11.82 9.03
N LEU A 216 -35.14 11.13 10.12
CA LEU A 216 -36.14 10.35 10.86
C LEU A 216 -37.28 11.21 11.40
N ALA A 217 -36.96 12.41 11.87
CA ALA A 217 -37.98 13.29 12.42
C ALA A 217 -39.04 13.61 11.38
N VAL A 218 -38.60 13.96 10.17
CA VAL A 218 -39.53 14.33 9.10
C VAL A 218 -40.37 13.13 8.66
N GLY A 219 -39.71 12.01 8.41
CA GLY A 219 -40.37 10.79 7.96
C GLY A 219 -41.37 10.28 8.98
N LEU A 220 -40.95 10.23 10.25
CA LEU A 220 -41.82 9.73 11.32
C LEU A 220 -42.99 10.66 11.66
N GLU A 221 -42.80 11.98 11.56
CA GLU A 221 -43.91 12.92 11.74
C GLU A 221 -45.04 12.61 10.75
N HIS A 222 -44.67 12.21 9.53
CA HIS A 222 -45.67 12.00 8.50
C HIS A 222 -46.23 10.61 8.45
N LEU A 223 -45.41 9.61 8.76
CA LEU A 223 -45.84 8.21 8.68
C LEU A 223 -46.35 7.64 10.00
N MET A 224 -45.79 8.11 11.11
CA MET A 224 -46.14 7.58 12.42
C MET A 224 -46.20 8.72 13.44
N PRO A 225 -47.19 9.63 13.31
CA PRO A 225 -47.16 10.88 14.09
C PRO A 225 -47.22 10.73 15.61
N ASP A 226 -47.72 9.59 16.09
CA ASP A 226 -47.89 9.38 17.53
C ASP A 226 -46.64 8.80 18.21
N VAL A 227 -45.67 8.40 17.40
CA VAL A 227 -44.41 7.86 17.92
C VAL A 227 -43.49 8.98 18.41
N GLU A 228 -42.86 8.76 19.57
CA GLU A 228 -41.92 9.72 20.14
C GLU A 228 -40.49 9.42 19.71
N LEU A 229 -39.89 10.34 18.94
CA LEU A 229 -38.49 10.19 18.52
C LEU A 229 -37.52 10.87 19.49
N ILE A 230 -36.61 10.08 20.05
CA ILE A 230 -35.62 10.59 21.01
C ILE A 230 -34.23 10.51 20.41
N GLY A 231 -33.57 11.66 20.33
CA GLY A 231 -32.17 11.70 19.95
C GLY A 231 -31.31 11.78 21.19
N VAL A 232 -30.32 10.90 21.27
CA VAL A 232 -29.38 10.90 22.37
C VAL A 232 -28.11 11.56 21.86
N THR A 233 -27.77 12.72 22.39
CA THR A 233 -26.60 13.46 21.89
C THR A 233 -25.30 12.72 22.20
N VAL A 234 -24.33 12.84 21.29
CA VAL A 234 -23.03 12.19 21.43
C VAL A 234 -21.89 13.19 21.50
N SER A 235 -22.20 14.47 21.32
CA SER A 235 -21.15 15.49 21.24
C SER A 235 -21.50 16.88 21.81
N ARG A 236 -22.79 17.14 22.00
CA ARG A 236 -23.25 18.49 22.36
C ARG A 236 -24.41 18.47 23.34
N SER A 237 -24.59 19.58 24.07
CA SER A 237 -25.76 19.74 24.94
C SER A 237 -27.03 19.89 24.11
N VAL A 238 -28.18 19.71 24.75
CA VAL A 238 -29.48 19.94 24.10
C VAL A 238 -29.51 21.34 23.48
N ALA A 239 -29.01 22.34 24.22
CA ALA A 239 -29.04 23.74 23.78
C ALA A 239 -28.28 23.95 22.47
N GLU A 240 -27.10 23.33 22.35
CA GLU A 240 -26.27 23.43 21.15
C GLU A 240 -26.78 22.57 20.00
N GLN A 241 -27.30 21.39 20.32
CA GLN A 241 -27.70 20.41 19.31
C GLN A 241 -29.06 20.72 18.68
N LYS A 242 -30.01 21.17 19.49
CA LYS A 242 -31.39 21.30 19.01
C LYS A 242 -31.55 22.19 17.76
N PRO A 243 -30.92 23.39 17.74
CA PRO A 243 -31.05 24.23 16.54
C PRO A 243 -30.47 23.57 15.28
N LYS A 244 -29.45 22.73 15.45
CA LYS A 244 -28.88 21.97 14.32
C LYS A 244 -29.88 20.95 13.75
N VAL A 245 -30.56 20.23 14.63
CA VAL A 245 -31.56 19.26 14.19
C VAL A 245 -32.74 19.96 13.54
N ILE A 246 -33.24 21.03 14.18
CA ILE A 246 -34.38 21.79 13.67
C ILE A 246 -34.07 22.40 12.29
N ALA A 247 -32.86 22.95 12.13
CA ALA A 247 -32.48 23.54 10.84
C ALA A 247 -32.58 22.52 9.71
N LEU A 248 -32.06 21.33 9.95
CA LEU A 248 -32.15 20.25 8.99
C LEU A 248 -33.57 19.77 8.75
N GLN A 249 -34.30 19.47 9.83
CA GLN A 249 -35.71 19.10 9.78
C GLN A 249 -36.51 20.03 8.84
N GLN A 250 -36.37 21.33 9.05
CA GLN A 250 -37.09 22.32 8.26
C GLN A 250 -36.64 22.34 6.79
N ALA A 251 -35.32 22.25 6.58
CA ALA A 251 -34.76 22.24 5.22
C ALA A 251 -35.20 20.99 4.46
N ILE A 252 -35.22 19.83 5.13
CA ILE A 252 -35.71 18.58 4.55
C ILE A 252 -37.18 18.70 4.16
N ALA A 253 -37.99 19.19 5.09
CA ALA A 253 -39.43 19.36 4.86
C ALA A 253 -39.69 20.24 3.64
N GLY A 254 -38.97 21.36 3.55
CA GLY A 254 -39.04 22.28 2.42
C GLY A 254 -38.77 21.61 1.09
N GLN A 255 -37.70 20.81 1.03
CA GLN A 255 -37.30 20.10 -0.18
C GLN A 255 -38.35 19.08 -0.64
N LEU A 256 -39.17 18.63 0.31
CA LEU A 256 -40.20 17.64 0.04
C LEU A 256 -41.60 18.24 -0.10
N ALA A 257 -41.69 19.57 -0.10
CA ALA A 257 -42.98 20.29 -0.11
C ALA A 257 -43.90 19.82 1.02
N LEU A 258 -43.34 19.74 2.22
CA LEU A 258 -44.07 19.32 3.39
C LEU A 258 -43.84 20.35 4.49
N THR A 259 -44.70 20.34 5.50
CA THR A 259 -44.44 21.08 6.73
C THR A 259 -43.94 20.07 7.76
N ALA A 260 -43.22 20.56 8.76
CA ALA A 260 -42.78 19.71 9.87
C ALA A 260 -42.97 20.48 11.15
N THR A 261 -44.02 20.13 11.90
CA THR A 261 -44.39 20.88 13.09
C THR A 261 -43.98 20.15 14.38
N ALA A 262 -43.45 18.94 14.26
CA ALA A 262 -43.05 18.18 15.44
C ALA A 262 -41.92 18.87 16.21
N ASP A 263 -41.99 18.77 17.53
CA ASP A 263 -40.93 19.24 18.40
C ASP A 263 -39.80 18.21 18.36
N ILE A 264 -38.56 18.68 18.35
CA ILE A 264 -37.40 17.78 18.39
C ILE A 264 -37.09 17.46 19.85
N HIS A 265 -36.88 16.17 20.15
CA HIS A 265 -36.55 15.75 21.50
C HIS A 265 -35.14 15.24 21.58
N LEU A 266 -34.38 15.71 22.57
CA LEU A 266 -32.98 15.35 22.75
C LEU A 266 -32.65 15.13 24.22
N TRP A 267 -31.84 14.11 24.51
CA TRP A 267 -31.31 13.91 25.86
C TRP A 267 -29.81 14.00 25.79
N ASP A 268 -29.22 14.85 26.63
CA ASP A 268 -27.79 15.11 26.55
C ASP A 268 -26.96 14.59 27.73
N ASP A 269 -27.56 13.70 28.52
CA ASP A 269 -26.94 13.25 29.78
C ASP A 269 -25.94 12.12 29.63
N TYR A 270 -25.70 11.66 28.40
CA TYR A 270 -25.08 10.35 28.20
C TYR A 270 -23.79 10.34 27.40
N PHE A 271 -23.21 11.52 27.16
CA PHE A 271 -22.00 11.58 26.33
C PHE A 271 -20.75 12.09 27.04
N ALA A 272 -20.91 12.58 28.27
CA ALA A 272 -19.78 13.08 29.06
C ALA A 272 -18.71 11.99 29.21
N PRO A 273 -17.41 12.38 29.21
CA PRO A 273 -16.86 13.74 29.22
C PRO A 273 -16.72 14.44 27.87
N GLY A 274 -17.19 13.83 26.79
CA GLY A 274 -17.19 14.51 25.50
C GLY A 274 -17.20 13.59 24.30
N TYR A 275 -17.32 14.17 23.10
CA TYR A 275 -17.33 13.39 21.87
C TYR A 275 -16.09 12.51 21.77
N GLY A 276 -16.31 11.24 21.42
CA GLY A 276 -15.21 10.33 21.17
C GLY A 276 -14.52 9.79 22.41
N VAL A 277 -14.96 10.23 23.59
CA VAL A 277 -14.44 9.69 24.84
C VAL A 277 -15.42 8.66 25.38
N PRO A 278 -14.96 7.41 25.56
CA PRO A 278 -15.88 6.40 26.12
C PRO A 278 -16.23 6.73 27.56
N ASN A 279 -17.42 6.31 27.98
CA ASN A 279 -17.81 6.41 29.39
C ASN A 279 -18.32 5.09 29.93
N ASP A 280 -18.47 5.01 31.25
CA ASP A 280 -18.82 3.75 31.91
C ASP A 280 -20.17 3.20 31.46
N ALA A 281 -21.18 4.05 31.40
CA ALA A 281 -22.52 3.63 30.98
C ALA A 281 -22.53 3.16 29.53
N GLY A 282 -21.75 3.81 28.67
CA GLY A 282 -21.60 3.39 27.27
C GLY A 282 -20.97 2.00 27.18
N MET A 283 -19.90 1.80 27.93
CA MET A 283 -19.21 0.51 27.98
C MET A 283 -20.13 -0.62 28.45
N GLU A 284 -20.90 -0.34 29.51
CA GLU A 284 -21.83 -1.33 30.04
CA GLU A 284 -21.87 -1.29 30.07
C GLU A 284 -22.95 -1.65 29.05
N ALA A 285 -23.38 -0.66 28.27
CA ALA A 285 -24.40 -0.86 27.25
C ALA A 285 -23.86 -1.74 26.11
N VAL A 286 -22.61 -1.51 25.74
CA VAL A 286 -21.93 -2.34 24.74
C VAL A 286 -21.84 -3.78 25.23
N LYS A 287 -21.42 -3.96 26.48
CA LYS A 287 -21.33 -5.31 27.04
C LYS A 287 -22.67 -6.00 27.18
N LEU A 288 -23.71 -5.22 27.49
CA LEU A 288 -25.05 -5.76 27.63
C LEU A 288 -25.61 -6.29 26.31
N LEU A 289 -25.51 -5.48 25.25
CA LEU A 289 -26.02 -5.89 23.94
C LEU A 289 -25.23 -7.07 23.38
N ALA A 290 -23.92 -7.07 23.60
CA ALA A 290 -23.09 -8.17 23.13
C ALA A 290 -23.43 -9.47 23.85
N SER A 291 -23.51 -9.43 25.18
CA SER A 291 -23.74 -10.65 25.97
C SER A 291 -25.18 -11.18 25.91
N LEU A 292 -26.15 -10.31 25.72
CA LEU A 292 -27.56 -10.70 25.68
C LEU A 292 -28.11 -10.98 24.28
N GLU A 293 -27.58 -10.26 23.28
CA GLU A 293 -28.14 -10.34 21.92
C GLU A 293 -27.13 -10.68 20.83
N GLY A 294 -25.85 -10.77 21.18
CA GLY A 294 -24.78 -11.00 20.19
C GLY A 294 -24.64 -9.83 19.23
N VAL A 295 -25.08 -8.66 19.69
CA VAL A 295 -25.10 -7.42 18.90
C VAL A 295 -23.94 -6.54 19.31
N LEU A 296 -23.24 -5.97 18.33
CA LEU A 296 -22.06 -5.15 18.58
C LEU A 296 -22.40 -3.67 18.42
N LEU A 297 -22.30 -2.93 19.51
CA LEU A 297 -22.43 -1.46 19.49
C LEU A 297 -21.04 -0.83 19.43
N ASP A 298 -20.93 0.46 19.77
CA ASP A 298 -19.63 1.12 19.72
C ASP A 298 -19.47 2.17 20.83
N PRO A 299 -18.21 2.49 21.21
CA PRO A 299 -18.01 3.41 22.33
C PRO A 299 -18.38 4.87 22.07
N VAL A 300 -18.39 5.28 20.79
CA VAL A 300 -18.57 6.70 20.44
C VAL A 300 -20.04 7.09 20.28
N TYR A 301 -20.81 6.26 19.57
CA TYR A 301 -22.19 6.57 19.19
C TYR A 301 -23.26 5.69 19.84
N THR A 302 -23.34 4.44 19.37
CA THR A 302 -24.47 3.57 19.72
C THR A 302 -24.45 3.10 21.17
N GLY A 303 -23.26 2.91 21.73
CA GLY A 303 -23.12 2.56 23.13
C GLY A 303 -23.70 3.64 24.01
N LYS A 304 -23.41 4.89 23.66
CA LYS A 304 -23.93 6.04 24.39
C LYS A 304 -25.44 6.23 24.18
N ALA A 305 -25.91 6.05 22.94
CA ALA A 305 -27.34 6.11 22.66
C ALA A 305 -28.09 5.01 23.42
N MET A 306 -27.54 3.80 23.45
CA MET A 306 -28.17 2.68 24.16
C MET A 306 -28.17 2.93 25.68
N ALA A 307 -27.08 3.48 26.20
CA ALA A 307 -27.04 3.85 27.61
C ALA A 307 -28.19 4.83 27.93
N GLY A 308 -28.45 5.75 27.01
CA GLY A 308 -29.60 6.66 27.12
C GLY A 308 -30.96 5.98 27.15
N LEU A 309 -31.14 5.00 26.25
CA LEU A 309 -32.37 4.21 26.19
C LEU A 309 -32.61 3.49 27.50
N ILE A 310 -31.55 2.85 28.01
CA ILE A 310 -31.60 2.07 29.25
C ILE A 310 -31.97 2.97 30.43
N ASP A 311 -31.26 4.09 30.58
CA ASP A 311 -31.57 5.06 31.62
C ASP A 311 -32.96 5.67 31.49
N GLY A 312 -33.37 5.96 30.25
CA GLY A 312 -34.72 6.43 29.95
C GLY A 312 -35.78 5.49 30.49
N ILE A 313 -35.57 4.18 30.33
CA ILE A 313 -36.45 3.18 30.91
C ILE A 313 -36.38 3.20 32.45
N SER A 314 -35.17 3.19 32.98
CA SER A 314 -34.98 3.24 34.43
C SER A 314 -35.65 4.45 35.10
N GLN A 315 -35.54 5.62 34.48
CA GLN A 315 -36.05 6.87 35.05
C GLN A 315 -37.46 7.23 34.57
N LYS A 316 -38.06 6.36 33.76
CA LYS A 316 -39.37 6.60 33.12
C LYS A 316 -39.40 7.91 32.33
N ARG A 317 -38.40 8.10 31.47
CA ARG A 317 -38.25 9.34 30.70
C ARG A 317 -39.13 9.38 29.45
N PHE A 318 -39.50 8.20 28.94
CA PHE A 318 -40.30 8.12 27.71
C PHE A 318 -41.76 8.51 27.98
N ASN A 319 -42.47 8.81 26.91
CA ASN A 319 -43.88 9.19 26.96
C ASN A 319 -44.79 8.16 27.64
N ASP A 320 -44.55 6.87 27.38
CA ASP A 320 -45.25 5.78 28.09
C ASP A 320 -44.39 4.51 28.29
N ASP A 321 -45.03 3.37 28.47
CA ASP A 321 -44.34 2.12 28.75
C ASP A 321 -44.31 1.19 27.55
N GLY A 322 -44.58 1.73 26.37
CA GLY A 322 -44.72 0.93 25.15
C GLY A 322 -43.41 0.61 24.45
N PRO A 323 -43.48 -0.18 23.36
CA PRO A 323 -42.28 -0.65 22.65
C PRO A 323 -41.37 0.49 22.18
N ILE A 324 -40.08 0.25 22.28
CA ILE A 324 -39.04 1.19 21.84
C ILE A 324 -38.27 0.57 20.70
N LEU A 325 -38.09 1.35 19.63
CA LEU A 325 -37.21 0.94 18.53
C LEU A 325 -35.87 1.66 18.62
N PHE A 326 -34.79 0.89 18.71
CA PHE A 326 -33.44 1.43 18.69
C PHE A 326 -32.90 1.39 17.26
N ILE A 327 -32.47 2.54 16.76
CA ILE A 327 -31.82 2.60 15.45
C ILE A 327 -30.34 2.28 15.63
N HIS A 328 -29.92 1.10 15.18
CA HIS A 328 -28.52 0.77 15.18
C HIS A 328 -27.86 1.38 13.99
N THR A 329 -27.11 2.45 14.24
CA THR A 329 -26.48 3.25 13.19
C THR A 329 -25.08 2.74 12.81
N GLY A 330 -24.58 1.74 13.52
CA GLY A 330 -23.32 1.10 13.17
C GLY A 330 -22.21 1.40 14.17
N GLY A 331 -21.00 1.59 13.66
CA GLY A 331 -19.88 2.06 14.47
C GLY A 331 -18.90 1.03 14.99
N ALA A 332 -19.22 -0.26 14.84
CA ALA A 332 -18.45 -1.33 15.47
C ALA A 332 -16.94 -1.38 15.15
N PRO A 333 -16.52 -0.98 13.92
CA PRO A 333 -15.06 -1.01 13.70
C PRO A 333 -14.26 -0.14 14.68
N ALA A 334 -14.88 0.86 15.29
CA ALA A 334 -14.22 1.67 16.32
C ALA A 334 -13.83 0.87 17.56
N LEU A 335 -14.52 -0.25 17.83
CA LEU A 335 -14.17 -1.11 18.95
C LEU A 335 -12.69 -1.51 18.91
N PHE A 336 -12.20 -1.78 17.70
CA PHE A 336 -10.83 -2.26 17.52
C PHE A 336 -9.80 -1.13 17.61
N ALA A 337 -10.27 0.10 17.39
CA ALA A 337 -9.43 1.28 17.52
C ALA A 337 -9.32 1.73 18.96
N TYR A 338 -10.39 1.55 19.73
CA TYR A 338 -10.43 1.99 21.12
C TYR A 338 -9.79 0.99 22.09
N HIS A 339 -9.57 -0.23 21.62
CA HIS A 339 -8.94 -1.28 22.42
C HIS A 339 -7.43 -1.14 22.38
N PRO A 340 -6.75 -1.30 23.53
CA PRO A 340 -7.28 -1.53 24.89
C PRO A 340 -7.71 -0.25 25.62
N HIS A 341 -7.15 0.90 25.23
CA HIS A 341 -7.52 2.19 25.81
C HIS A 341 -7.14 3.37 24.94
N VAL A 342 -7.66 4.55 25.27
N VAL A 342 -7.70 4.52 25.32
CA VAL A 342 -7.29 5.78 24.56
CA VAL A 342 -7.57 5.82 24.64
C VAL A 342 -6.79 6.86 25.52
C VAL A 342 -7.50 5.79 23.12
N LEU B 17 -33.13 -32.34 -4.29
CA LEU B 17 -32.51 -31.57 -3.17
C LEU B 17 -33.47 -31.23 -2.03
N HIS B 18 -34.65 -31.86 -2.03
CA HIS B 18 -35.70 -31.55 -1.05
C HIS B 18 -35.39 -32.00 0.36
N HIS B 19 -34.48 -32.96 0.49
CA HIS B 19 -34.08 -33.51 1.79
C HIS B 19 -33.48 -32.51 2.75
N LEU B 20 -33.10 -31.35 2.24
CA LEU B 20 -32.58 -30.25 3.07
C LEU B 20 -33.59 -29.72 4.08
N THR B 21 -34.87 -29.78 3.74
CA THR B 21 -35.94 -29.28 4.60
C THR B 21 -36.24 -30.25 5.76
N ARG B 22 -35.69 -31.46 5.68
CA ARG B 22 -35.86 -32.45 6.75
C ARG B 22 -34.99 -32.15 7.98
N PHE B 23 -33.92 -31.40 7.79
CA PHE B 23 -33.05 -31.00 8.90
C PHE B 23 -33.61 -29.80 9.64
N PRO B 24 -33.63 -29.85 11.00
CA PRO B 24 -33.96 -28.66 11.79
C PRO B 24 -32.99 -27.53 11.45
N ARG B 25 -33.49 -26.29 11.46
CA ARG B 25 -32.70 -25.16 11.00
C ARG B 25 -33.18 -23.85 11.64
N LEU B 26 -32.24 -23.10 12.20
CA LEU B 26 -32.54 -21.78 12.74
C LEU B 26 -32.36 -20.74 11.63
N GLU B 27 -33.07 -19.62 11.74
CA GLU B 27 -32.94 -18.55 10.77
C GLU B 27 -32.02 -17.46 11.33
N PHE B 28 -30.78 -17.45 10.86
CA PHE B 28 -29.80 -16.44 11.26
C PHE B 28 -29.55 -15.42 10.15
N ILE B 29 -29.80 -15.80 8.91
CA ILE B 29 -29.48 -14.95 7.77
C ILE B 29 -30.73 -14.32 7.16
N GLY B 30 -31.72 -15.15 6.83
CA GLY B 30 -32.96 -14.67 6.22
C GLY B 30 -32.86 -14.66 4.70
N ALA B 31 -32.85 -13.45 4.13
CA ALA B 31 -32.82 -13.28 2.67
C ALA B 31 -31.50 -13.78 2.08
N PRO B 32 -31.52 -14.23 0.81
CA PRO B 32 -30.25 -14.62 0.19
C PRO B 32 -29.26 -13.45 0.20
N THR B 33 -27.98 -13.76 0.41
CA THR B 33 -26.94 -12.75 0.41
C THR B 33 -26.71 -12.27 -1.03
N PRO B 34 -26.27 -11.00 -1.21
CA PRO B 34 -26.09 -10.46 -2.55
C PRO B 34 -25.10 -11.24 -3.40
N LEU B 35 -25.35 -11.26 -4.70
CA LEU B 35 -24.38 -11.73 -5.68
C LEU B 35 -24.16 -10.58 -6.66
N GLU B 36 -22.94 -10.06 -6.68
CA GLU B 36 -22.66 -8.79 -7.35
C GLU B 36 -21.61 -8.94 -8.43
N TYR B 37 -21.78 -8.19 -9.51
CA TYR B 37 -20.72 -8.00 -10.49
C TYR B 37 -19.67 -7.05 -9.93
N LEU B 38 -18.40 -7.31 -10.24
CA LEU B 38 -17.30 -6.42 -9.85
C LEU B 38 -16.68 -5.79 -11.10
N PRO B 39 -17.28 -4.67 -11.58
CA PRO B 39 -16.88 -4.08 -12.87
C PRO B 39 -15.45 -3.54 -12.91
N ARG B 40 -14.97 -2.97 -11.81
CA ARG B 40 -13.62 -2.39 -11.78
C ARG B 40 -12.55 -3.49 -11.71
N LEU B 41 -12.74 -4.46 -10.81
CA LEU B 41 -11.84 -5.62 -10.77
C LEU B 41 -11.84 -6.39 -12.10
N SER B 42 -13.02 -6.53 -12.69
CA SER B 42 -13.17 -7.17 -13.99
C SER B 42 -12.41 -6.44 -15.08
N ASP B 43 -12.54 -5.12 -15.10
CA ASP B 43 -11.80 -4.27 -16.04
C ASP B 43 -10.30 -4.44 -15.88
N TYR B 44 -9.83 -4.46 -14.64
CA TYR B 44 -8.41 -4.58 -14.34
C TYR B 44 -7.80 -5.93 -14.75
N LEU B 45 -8.53 -7.01 -14.51
CA LEU B 45 -8.05 -8.36 -14.80
C LEU B 45 -8.36 -8.83 -16.22
N GLY B 46 -9.26 -8.11 -16.90
CA GLY B 46 -9.70 -8.48 -18.26
C GLY B 46 -10.54 -9.74 -18.27
N ARG B 47 -11.36 -9.92 -17.25
CA ARG B 47 -12.12 -11.14 -17.03
C ARG B 47 -13.36 -10.78 -16.20
N GLU B 48 -14.50 -11.35 -16.55
CA GLU B 48 -15.73 -11.10 -15.79
C GLU B 48 -15.68 -11.76 -14.42
N ILE B 49 -15.71 -10.94 -13.37
CA ILE B 49 -15.65 -11.46 -12.00
C ILE B 49 -16.92 -11.09 -11.21
N TYR B 50 -17.51 -12.09 -10.57
CA TYR B 50 -18.66 -11.90 -9.69
C TYR B 50 -18.31 -12.30 -8.27
N ILE B 51 -19.07 -11.80 -7.30
CA ILE B 51 -18.82 -12.10 -5.90
C ILE B 51 -20.11 -12.47 -5.19
N LYS B 52 -20.04 -13.57 -4.44
CA LYS B 52 -21.12 -13.98 -3.55
C LYS B 52 -20.79 -13.41 -2.18
N ARG B 53 -21.63 -12.51 -1.69
CA ARG B 53 -21.35 -11.76 -0.49
C ARG B 53 -21.80 -12.45 0.80
N ASP B 54 -21.20 -13.61 1.10
CA ASP B 54 -21.52 -14.31 2.35
C ASP B 54 -20.86 -13.68 3.57
N ASP B 55 -20.10 -12.61 3.33
CA ASP B 55 -19.52 -11.80 4.39
C ASP B 55 -20.53 -10.82 5.01
N VAL B 56 -21.71 -10.68 4.39
CA VAL B 56 -22.67 -9.65 4.76
C VAL B 56 -23.79 -10.11 5.72
N THR B 57 -23.70 -11.34 6.20
CA THR B 57 -24.70 -11.89 7.14
C THR B 57 -24.86 -11.04 8.41
N PRO B 58 -26.08 -11.01 9.01
CA PRO B 58 -26.38 -9.99 10.04
C PRO B 58 -25.78 -10.17 11.45
N ILE B 59 -25.22 -11.34 11.74
CA ILE B 59 -24.74 -11.61 13.10
C ILE B 59 -23.25 -11.36 13.26
N ALA B 60 -22.93 -10.46 14.20
CA ALA B 60 -21.55 -10.20 14.66
C ALA B 60 -20.48 -10.14 13.56
N MET B 61 -20.75 -9.29 12.57
CA MET B 61 -19.81 -9.00 11.48
C MET B 61 -19.72 -10.07 10.40
N GLY B 62 -20.59 -11.07 10.53
CA GLY B 62 -20.91 -12.00 9.43
C GLY B 62 -19.90 -13.08 9.10
N GLY B 63 -20.18 -13.81 8.02
CA GLY B 63 -19.26 -14.82 7.53
C GLY B 63 -19.93 -16.14 7.18
N ASN B 64 -19.16 -17.02 6.58
CA ASN B 64 -19.65 -18.31 6.12
C ASN B 64 -20.08 -19.25 7.24
N LEU B 66 -21.71 -18.81 9.81
CA LEU B 66 -23.11 -18.63 10.23
C LEU B 66 -24.09 -19.57 9.53
N ARG B 67 -23.85 -19.84 8.24
CA ARG B 67 -24.66 -20.78 7.47
C ARG B 67 -24.62 -22.19 8.07
N LYS B 68 -23.44 -22.60 8.53
CA LYS B 68 -23.26 -23.89 9.18
C LYS B 68 -23.98 -23.91 10.53
N LEU B 69 -23.84 -22.83 11.28
CA LEU B 69 -24.40 -22.72 12.62
C LEU B 69 -25.93 -22.75 12.64
N GLU B 70 -26.57 -22.39 11.53
CA GLU B 70 -28.03 -22.50 11.40
C GLU B 70 -28.48 -23.94 11.63
N PHE B 71 -27.69 -24.87 11.11
CA PHE B 71 -27.99 -26.30 11.25
C PHE B 71 -27.45 -26.87 12.56
N LEU B 72 -26.20 -26.54 12.89
CA LEU B 72 -25.53 -27.07 14.08
C LEU B 72 -26.23 -26.69 15.37
N VAL B 73 -26.60 -25.41 15.49
CA VAL B 73 -27.22 -24.90 16.71
C VAL B 73 -28.69 -25.35 16.82
N ALA B 74 -29.34 -25.60 15.69
CA ALA B 74 -30.69 -26.16 15.69
C ALA B 74 -30.66 -27.55 16.30
N ASP B 75 -29.64 -28.32 15.90
CA ASP B 75 -29.37 -29.64 16.46
C ASP B 75 -29.07 -29.54 17.96
N ALA B 76 -28.26 -28.55 18.33
CA ALA B 76 -27.92 -28.30 19.73
C ALA B 76 -29.18 -28.10 20.59
N LEU B 77 -30.11 -27.29 20.09
CA LEU B 77 -31.37 -27.03 20.80
C LEU B 77 -32.26 -28.27 20.87
N ARG B 78 -32.29 -29.05 19.79
CA ARG B 78 -33.03 -30.31 19.76
C ARG B 78 -32.59 -31.28 20.86
N GLU B 79 -31.28 -31.28 21.14
CA GLU B 79 -30.71 -32.09 22.22
C GLU B 79 -30.86 -31.43 23.60
N GLY B 80 -31.44 -30.23 23.64
CA GLY B 80 -31.65 -29.50 24.89
C GLY B 80 -30.36 -29.04 25.56
N ALA B 81 -29.34 -28.76 24.73
CA ALA B 81 -28.07 -28.26 25.22
C ALA B 81 -28.21 -26.82 25.73
N ASP B 82 -27.38 -26.46 26.70
CA ASP B 82 -27.36 -25.09 27.24
C ASP B 82 -25.99 -24.42 27.05
N THR B 83 -25.06 -25.17 26.45
CA THR B 83 -23.70 -24.70 26.24
C THR B 83 -23.19 -25.16 24.87
N LEU B 84 -22.54 -24.25 24.16
CA LEU B 84 -21.86 -24.59 22.92
C LEU B 84 -20.35 -24.60 23.16
N ILE B 85 -19.70 -25.66 22.70
CA ILE B 85 -18.24 -25.79 22.84
C ILE B 85 -17.62 -25.96 21.46
N THR B 86 -16.65 -25.11 21.15
CA THR B 86 -15.91 -25.23 19.90
C THR B 86 -14.43 -24.87 20.06
N ALA B 87 -13.67 -24.98 18.97
CA ALA B 87 -12.23 -24.74 19.00
C ALA B 87 -11.75 -24.03 17.74
N GLY B 88 -10.61 -23.36 17.86
CA GLY B 88 -9.98 -22.69 16.73
C GLY B 88 -8.79 -21.85 17.16
N ALA B 89 -8.17 -21.16 16.21
CA ALA B 89 -7.10 -20.24 16.51
C ALA B 89 -7.64 -19.07 17.33
N ILE B 90 -6.76 -18.36 18.02
CA ILE B 90 -7.15 -17.16 18.78
C ILE B 90 -8.02 -16.23 17.91
N GLN B 91 -7.67 -16.11 16.63
CA GLN B 91 -8.39 -15.21 15.73
C GLN B 91 -9.46 -15.89 14.86
N SER B 92 -9.93 -17.05 15.30
CA SER B 92 -10.95 -17.82 14.57
C SER B 92 -12.25 -17.04 14.34
N ASN B 93 -12.68 -16.99 13.08
CA ASN B 93 -14.00 -16.43 12.76
C ASN B 93 -15.13 -17.32 13.23
N HIS B 94 -14.92 -18.63 13.16
CA HIS B 94 -15.90 -19.61 13.61
C HIS B 94 -16.22 -19.50 15.08
N VAL B 95 -15.18 -19.39 15.92
CA VAL B 95 -15.38 -19.22 17.36
C VAL B 95 -16.16 -17.92 17.63
N ARG B 96 -15.80 -16.86 16.92
CA ARG B 96 -16.46 -15.56 17.10
C ARG B 96 -17.95 -15.63 16.76
N GLN B 97 -18.28 -16.29 15.64
CA GLN B 97 -19.67 -16.42 15.23
C GLN B 97 -20.45 -17.36 16.15
N THR B 98 -19.82 -18.45 16.58
CA THR B 98 -20.44 -19.38 17.54
C THR B 98 -20.77 -18.64 18.85
N ALA B 99 -19.83 -17.83 19.32
CA ALA B 99 -19.99 -17.09 20.58
C ALA B 99 -21.09 -16.04 20.48
N ALA B 100 -21.20 -15.39 19.32
CA ALA B 100 -22.26 -14.44 19.08
C ALA B 100 -23.63 -15.12 19.10
N VAL B 101 -23.75 -16.24 18.37
CA VAL B 101 -24.99 -17.02 18.36
C VAL B 101 -25.36 -17.54 19.77
N ALA B 102 -24.36 -18.03 20.50
CA ALA B 102 -24.57 -18.47 21.89
C ALA B 102 -25.19 -17.35 22.72
N ALA B 103 -24.56 -16.17 22.71
CA ALA B 103 -25.06 -15.01 23.43
C ALA B 103 -26.50 -14.70 23.05
N LYS B 104 -26.75 -14.63 21.75
CA LYS B 104 -28.08 -14.33 21.19
C LYS B 104 -29.16 -15.27 21.74
N LEU B 105 -28.81 -16.55 21.88
CA LEU B 105 -29.78 -17.56 22.28
C LEU B 105 -29.76 -17.89 23.78
N GLY B 106 -28.93 -17.19 24.55
CA GLY B 106 -28.85 -17.43 25.99
C GLY B 106 -28.15 -18.72 26.37
N LEU B 107 -27.28 -19.18 25.47
CA LEU B 107 -26.46 -20.37 25.72
C LEU B 107 -25.08 -19.93 26.18
N HIS B 108 -24.48 -20.71 27.04
CA HIS B 108 -23.08 -20.51 27.42
C HIS B 108 -22.21 -20.89 26.26
N CYS B 109 -20.99 -20.38 26.24
CA CYS B 109 -20.03 -20.73 25.20
C CYS B 109 -18.63 -20.91 25.78
N VAL B 110 -18.04 -22.05 25.44
CA VAL B 110 -16.68 -22.38 25.85
C VAL B 110 -15.83 -22.56 24.59
N ALA B 111 -14.74 -21.81 24.51
CA ALA B 111 -13.87 -21.85 23.35
C ALA B 111 -12.48 -22.37 23.71
N LEU B 112 -12.06 -23.42 23.02
CA LEU B 112 -10.71 -23.95 23.16
C LEU B 112 -9.82 -23.32 22.08
N LEU B 113 -8.88 -22.48 22.51
CA LEU B 113 -8.09 -21.68 21.56
C LEU B 113 -6.63 -22.06 21.51
N GLU B 114 -6.03 -21.90 20.34
CA GLU B 114 -4.59 -22.10 20.15
C GLU B 114 -3.95 -20.89 19.46
N ASN B 115 -2.65 -20.72 19.66
CA ASN B 115 -1.87 -19.73 18.93
C ASN B 115 -1.07 -20.47 17.84
N PRO B 116 -1.59 -20.47 16.61
CA PRO B 116 -1.04 -21.30 15.54
C PRO B 116 0.25 -20.79 14.93
N ILE B 117 0.63 -19.55 15.26
CA ILE B 117 1.72 -18.87 14.57
C ILE B 117 2.86 -18.41 15.49
N GLY B 118 2.68 -18.68 16.79
CA GLY B 118 3.71 -18.42 17.81
C GLY B 118 3.99 -16.95 18.03
N THR B 119 2.99 -16.10 17.74
CA THR B 119 3.15 -14.67 17.90
C THR B 119 2.90 -14.18 19.33
N THR B 120 3.57 -13.09 19.70
CA THR B 120 3.27 -12.38 20.94
C THR B 120 2.72 -10.98 20.65
N ALA B 121 2.38 -10.70 19.39
CA ALA B 121 1.84 -9.39 18.99
C ALA B 121 0.53 -9.09 19.71
N GLU B 122 0.45 -7.91 20.32
CA GLU B 122 -0.68 -7.54 21.17
CA GLU B 122 -0.69 -7.54 21.17
C GLU B 122 -2.04 -7.58 20.45
N ASN B 123 -2.07 -7.09 19.20
CA ASN B 123 -3.34 -7.07 18.46
C ASN B 123 -3.82 -8.47 18.05
N TYR B 124 -2.88 -9.34 17.72
CA TYR B 124 -3.25 -10.73 17.45
C TYR B 124 -3.81 -11.39 18.71
N LEU B 125 -3.13 -11.19 19.84
CA LEU B 125 -3.50 -11.82 21.09
C LEU B 125 -4.77 -11.27 21.75
N THR B 126 -5.12 -10.02 21.46
CA THR B 126 -6.18 -9.36 22.23
C THR B 126 -7.24 -8.57 21.44
N ASN B 127 -6.95 -8.25 20.18
CA ASN B 127 -7.86 -7.43 19.35
C ASN B 127 -8.64 -8.31 18.37
N GLY B 128 -9.30 -7.69 17.39
CA GLY B 128 -10.04 -8.41 16.34
C GLY B 128 -11.08 -9.38 16.88
N ASN B 129 -11.10 -10.60 16.33
CA ASN B 129 -12.05 -11.62 16.78
C ASN B 129 -11.95 -11.96 18.27
N ARG B 130 -10.72 -11.99 18.78
CA ARG B 130 -10.49 -12.29 20.20
C ARG B 130 -11.14 -11.27 21.14
N LEU B 131 -11.08 -9.99 20.75
CA LEU B 131 -11.75 -8.94 21.50
C LEU B 131 -13.25 -9.20 21.60
N LEU B 132 -13.87 -9.61 20.50
CA LEU B 132 -15.30 -9.87 20.48
C LEU B 132 -15.71 -11.03 21.39
N LEU B 133 -14.85 -12.05 21.49
CA LEU B 133 -15.11 -13.18 22.38
C LEU B 133 -15.36 -12.71 23.80
N ASP B 134 -14.57 -11.73 24.25
CA ASP B 134 -14.75 -11.15 25.59
C ASP B 134 -16.10 -10.42 25.71
N LEU B 135 -16.48 -9.67 24.67
CA LEU B 135 -17.77 -8.98 24.68
C LEU B 135 -18.94 -9.96 24.78
N PHE B 136 -18.79 -11.13 24.16
CA PHE B 136 -19.82 -12.18 24.18
C PHE B 136 -19.76 -13.08 25.40
N ASN B 137 -18.91 -12.73 26.37
CA ASN B 137 -18.74 -13.50 27.61
C ASN B 137 -18.35 -14.97 27.36
N THR B 138 -17.49 -15.19 26.38
CA THR B 138 -17.01 -16.54 26.06
C THR B 138 -16.05 -17.02 27.15
N GLN B 139 -16.24 -18.24 27.61
CA GLN B 139 -15.27 -18.85 28.51
C GLN B 139 -14.10 -19.35 27.66
N ILE B 140 -12.90 -18.87 27.97
CA ILE B 140 -11.72 -19.18 27.17
C ILE B 140 -10.88 -20.27 27.84
N GLU B 141 -10.56 -21.31 27.07
CA GLU B 141 -9.60 -22.31 27.50
C GLU B 141 -8.45 -22.36 26.49
N MET B 142 -7.23 -22.15 26.96
CA MET B 142 -6.07 -22.16 26.09
C MET B 142 -5.42 -23.55 26.02
N CYS B 143 -4.89 -23.89 24.84
CA CYS B 143 -4.11 -25.11 24.69
C CYS B 143 -2.90 -24.84 23.80
N ASP B 144 -1.84 -25.63 24.00
CA ASP B 144 -0.59 -25.46 23.26
C ASP B 144 -0.78 -25.64 21.76
N ALA B 145 -1.59 -26.64 21.39
CA ALA B 145 -1.89 -26.94 20.00
C ALA B 145 -3.15 -27.78 19.89
N LEU B 146 -3.87 -27.62 18.78
CA LEU B 146 -5.02 -28.46 18.48
C LEU B 146 -4.57 -29.66 17.64
N THR B 147 -3.81 -30.55 18.28
CA THR B 147 -3.21 -31.70 17.60
C THR B 147 -4.23 -32.81 17.32
N ASP B 148 -5.25 -32.91 18.17
CA ASP B 148 -6.39 -33.79 17.91
C ASP B 148 -7.68 -33.10 18.38
N PRO B 149 -8.24 -32.22 17.52
CA PRO B 149 -9.38 -31.36 17.89
C PRO B 149 -10.62 -32.10 18.39
N ASP B 150 -11.04 -33.13 17.67
CA ASP B 150 -12.23 -33.91 18.05
C ASP B 150 -12.11 -34.46 19.46
N ALA B 151 -10.97 -35.09 19.76
CA ALA B 151 -10.72 -35.70 21.07
C ALA B 151 -10.57 -34.65 22.17
N GLN B 152 -9.90 -33.55 21.85
CA GLN B 152 -9.69 -32.46 22.80
C GLN B 152 -11.02 -31.77 23.17
N LEU B 153 -11.90 -31.62 22.18
CA LEU B 153 -13.22 -31.06 22.42
C LEU B 153 -14.09 -31.98 23.28
N GLN B 154 -13.97 -33.28 23.04
CA GLN B 154 -14.69 -34.30 23.80
C GLN B 154 -14.25 -34.31 25.28
N THR B 155 -12.96 -34.14 25.52
CA THR B 155 -12.42 -34.07 26.88
C THR B 155 -12.96 -32.84 27.62
N LEU B 156 -12.90 -31.70 26.95
CA LEU B 156 -13.42 -30.46 27.53
C LEU B 156 -14.92 -30.54 27.81
N ALA B 157 -15.65 -31.19 26.90
CA ALA B 157 -17.10 -31.35 27.02
C ALA B 157 -17.50 -32.12 28.28
N THR B 158 -16.73 -33.16 28.60
CA THR B 158 -16.97 -33.96 29.80
C THR B 158 -16.73 -33.15 31.08
N ARG B 159 -15.68 -32.33 31.08
CA ARG B 159 -15.38 -31.46 32.23
C ARG B 159 -16.48 -30.42 32.46
N ILE B 160 -16.94 -29.80 31.36
CA ILE B 160 -18.01 -28.80 31.42
C ILE B 160 -19.33 -29.45 31.88
N GLU B 161 -19.58 -30.67 31.41
CA GLU B 161 -20.73 -31.45 31.82
C GLU B 161 -20.66 -31.78 33.31
N ALA B 162 -19.44 -31.99 33.81
CA ALA B 162 -19.20 -32.27 35.23
C ALA B 162 -19.42 -31.03 36.11
N GLN B 163 -19.43 -29.85 35.49
CA GLN B 163 -19.73 -28.59 36.19
C GLN B 163 -21.23 -28.30 36.28
N GLY B 164 -22.04 -29.17 35.68
CA GLY B 164 -23.50 -29.05 35.75
C GLY B 164 -24.17 -28.50 34.49
N PHE B 165 -23.40 -28.34 33.42
CA PHE B 165 -23.92 -27.86 32.16
C PHE B 165 -24.24 -29.00 31.19
N ARG B 166 -25.02 -28.70 30.16
CA ARG B 166 -25.36 -29.68 29.12
C ARG B 166 -24.72 -29.24 27.80
N PRO B 167 -23.47 -29.67 27.55
CA PRO B 167 -22.75 -29.15 26.40
C PRO B 167 -23.10 -29.80 25.06
N TYR B 168 -22.93 -29.03 23.99
CA TYR B 168 -23.01 -29.53 22.62
C TYR B 168 -21.72 -29.13 21.90
N VAL B 169 -21.05 -30.13 21.33
CA VAL B 169 -19.75 -29.91 20.68
C VAL B 169 -19.93 -29.56 19.21
N ILE B 170 -19.38 -28.42 18.83
CA ILE B 170 -19.29 -28.02 17.44
C ILE B 170 -17.85 -28.21 16.99
N PRO B 171 -17.62 -29.02 15.93
CA PRO B 171 -16.25 -29.29 15.46
C PRO B 171 -15.57 -28.05 14.89
N VAL B 172 -14.25 -28.11 14.76
CA VAL B 172 -13.46 -27.03 14.16
C VAL B 172 -14.06 -26.56 12.84
N GLY B 173 -14.23 -25.25 12.70
CA GLY B 173 -14.81 -24.66 11.50
C GLY B 173 -16.29 -24.96 11.28
N GLY B 174 -16.89 -25.68 12.22
CA GLY B 174 -18.26 -26.17 12.08
C GLY B 174 -18.42 -27.17 10.95
N SER B 175 -17.31 -27.78 10.54
CA SER B 175 -17.28 -28.64 9.36
C SER B 175 -17.61 -30.10 9.68
N SER B 176 -18.90 -30.36 9.81
CA SER B 176 -19.42 -31.72 9.81
C SER B 176 -20.37 -31.81 8.62
N ALA B 177 -20.86 -33.02 8.31
CA ALA B 177 -21.84 -33.17 7.23
C ALA B 177 -23.07 -32.29 7.48
N LEU B 178 -23.50 -32.25 8.74
CA LEU B 178 -24.64 -31.41 9.12
C LEU B 178 -24.34 -29.92 8.94
N GLY B 179 -23.21 -29.45 9.47
CA GLY B 179 -22.76 -28.07 9.28
C GLY B 179 -22.67 -27.67 7.82
N ALA B 180 -22.11 -28.57 7.01
CA ALA B 180 -21.90 -28.29 5.58
C ALA B 180 -23.19 -28.10 4.77
N MET B 181 -24.33 -28.43 5.36
CA MET B 181 -25.64 -28.24 4.72
C MET B 181 -25.91 -26.77 4.45
N GLY B 182 -25.34 -25.91 5.28
CA GLY B 182 -25.38 -24.46 5.06
C GLY B 182 -24.84 -24.07 3.70
N TYR B 183 -23.84 -24.80 3.21
CA TYR B 183 -23.28 -24.50 1.89
C TYR B 183 -23.93 -25.20 0.69
N VAL B 184 -24.73 -26.24 0.97
CA VAL B 184 -25.67 -26.74 -0.02
C VAL B 184 -26.74 -25.66 -0.23
N GLU B 185 -27.16 -25.04 0.87
CA GLU B 185 -28.12 -23.94 0.85
C GLU B 185 -27.58 -22.75 0.06
N SER B 186 -26.32 -22.40 0.29
CA SER B 186 -25.68 -21.30 -0.43
C SER B 186 -25.64 -21.56 -1.93
N ALA B 187 -25.38 -22.81 -2.31
CA ALA B 187 -25.37 -23.23 -3.72
C ALA B 187 -26.70 -22.99 -4.43
N LEU B 188 -27.81 -23.20 -3.70
CA LEU B 188 -29.16 -22.93 -4.21
C LEU B 188 -29.35 -21.45 -4.53
N GLU B 189 -28.89 -20.59 -3.62
CA GLU B 189 -28.91 -19.14 -3.85
C GLU B 189 -28.08 -18.78 -5.09
N ILE B 190 -26.84 -19.28 -5.15
CA ILE B 190 -25.96 -19.05 -6.29
C ILE B 190 -26.65 -19.41 -7.60
N ALA B 191 -27.20 -20.62 -7.67
CA ALA B 191 -27.87 -21.13 -8.87
C ALA B 191 -29.02 -20.25 -9.33
N GLN B 192 -29.84 -19.81 -8.36
CA GLN B 192 -30.94 -18.90 -8.64
C GLN B 192 -30.42 -17.55 -9.14
N GLN B 193 -29.37 -17.04 -8.49
CA GLN B 193 -28.83 -15.71 -8.80
C GLN B 193 -28.04 -15.63 -10.11
N CYS B 194 -27.52 -16.77 -10.58
CA CYS B 194 -26.71 -16.82 -11.81
C CYS B 194 -27.50 -17.09 -13.10
N GLU B 195 -28.79 -17.40 -12.96
CA GLU B 195 -29.64 -17.82 -14.08
C GLU B 195 -29.75 -16.81 -15.23
N VAL B 198 -24.55 -14.68 -15.73
CA VAL B 198 -24.80 -15.29 -17.03
C VAL B 198 -24.08 -16.63 -17.16
N GLY B 199 -23.34 -16.81 -18.27
CA GLY B 199 -22.62 -18.05 -18.56
C GLY B 199 -21.42 -18.30 -17.66
N LEU B 200 -21.69 -18.57 -16.39
CA LEU B 200 -20.66 -18.79 -15.37
C LEU B 200 -19.80 -20.02 -15.66
N SER B 201 -18.48 -19.83 -15.60
CA SER B 201 -17.53 -20.91 -15.91
CA SER B 201 -17.54 -20.91 -15.91
C SER B 201 -16.87 -21.49 -14.67
N SER B 202 -16.50 -20.63 -13.72
CA SER B 202 -15.73 -21.05 -12.56
C SER B 202 -16.21 -20.43 -11.25
N VAL B 203 -16.04 -21.17 -10.15
CA VAL B 203 -16.29 -20.69 -8.80
C VAL B 203 -15.04 -20.93 -7.94
N VAL B 204 -14.61 -19.89 -7.21
CA VAL B 204 -13.43 -19.97 -6.34
C VAL B 204 -13.83 -19.76 -4.87
N VAL B 205 -13.35 -20.63 -4.00
CA VAL B 205 -13.62 -20.52 -2.56
C VAL B 205 -12.40 -20.97 -1.76
N ALA B 206 -12.16 -20.33 -0.62
CA ALA B 206 -11.15 -20.79 0.32
C ALA B 206 -11.54 -22.15 0.86
N SER B 207 -10.56 -23.05 0.96
CA SER B 207 -10.79 -24.41 1.46
C SER B 207 -9.96 -24.63 2.71
N GLY B 208 -10.64 -24.66 3.86
CA GLY B 208 -9.99 -24.78 5.17
C GLY B 208 -10.34 -26.07 5.87
N SER B 209 -11.33 -26.01 6.77
CA SER B 209 -11.82 -27.21 7.44
C SER B 209 -12.71 -28.05 6.50
N ALA B 210 -12.99 -27.50 5.32
CA ALA B 210 -13.56 -28.22 4.16
C ALA B 210 -15.09 -28.27 4.03
N GLY B 211 -15.81 -27.89 5.07
CA GLY B 211 -17.28 -27.85 5.03
C GLY B 211 -17.86 -26.95 3.95
N THR B 212 -17.30 -25.76 3.78
CA THR B 212 -17.75 -24.82 2.74
C THR B 212 -17.52 -25.39 1.35
N HIS B 213 -16.31 -25.87 1.10
CA HIS B 213 -15.93 -26.46 -0.18
C HIS B 213 -16.82 -27.63 -0.50
N ALA B 214 -16.94 -28.55 0.45
CA ALA B 214 -17.72 -29.78 0.26
C ALA B 214 -19.20 -29.51 0.07
N GLY B 215 -19.75 -28.57 0.85
CA GLY B 215 -21.16 -28.19 0.73
C GLY B 215 -21.46 -27.62 -0.65
N LEU B 216 -20.61 -26.71 -1.09
CA LEU B 216 -20.71 -26.15 -2.44
C LEU B 216 -20.53 -27.22 -3.51
N ALA B 217 -19.63 -28.16 -3.28
CA ALA B 217 -19.38 -29.25 -4.23
C ALA B 217 -20.63 -30.06 -4.53
N VAL B 218 -21.33 -30.47 -3.47
CA VAL B 218 -22.55 -31.28 -3.59
C VAL B 218 -23.67 -30.49 -4.28
N GLY B 219 -23.87 -29.25 -3.83
CA GLY B 219 -24.93 -28.41 -4.38
C GLY B 219 -24.70 -28.05 -5.84
N LEU B 220 -23.47 -27.65 -6.17
CA LEU B 220 -23.15 -27.23 -7.53
C LEU B 220 -23.13 -28.38 -8.54
N GLU B 221 -22.76 -29.58 -8.10
CA GLU B 221 -22.82 -30.76 -8.98
C GLU B 221 -24.24 -30.93 -9.54
N HIS B 222 -25.22 -30.81 -8.67
CA HIS B 222 -26.62 -31.02 -9.05
C HIS B 222 -27.26 -29.83 -9.69
N LEU B 223 -26.82 -28.62 -9.32
CA LEU B 223 -27.47 -27.39 -9.78
C LEU B 223 -26.80 -26.75 -10.99
N MET B 224 -25.47 -26.79 -11.03
CA MET B 224 -24.70 -26.15 -12.10
C MET B 224 -23.54 -27.06 -12.52
N PRO B 225 -23.85 -28.22 -13.15
CA PRO B 225 -22.83 -29.26 -13.40
C PRO B 225 -21.69 -28.82 -14.31
N ASP B 226 -21.90 -27.80 -15.14
CA ASP B 226 -20.88 -27.36 -16.10
C ASP B 226 -19.84 -26.41 -15.49
N VAL B 227 -20.13 -25.89 -14.30
CA VAL B 227 -19.24 -24.96 -13.61
C VAL B 227 -18.11 -25.71 -12.89
N GLU B 228 -16.90 -25.15 -12.96
CA GLU B 228 -15.74 -25.71 -12.27
C GLU B 228 -15.59 -25.06 -10.89
N LEU B 229 -15.60 -25.87 -9.84
CA LEU B 229 -15.42 -25.37 -8.48
C LEU B 229 -13.98 -25.58 -8.02
N ILE B 230 -13.30 -24.47 -7.72
CA ILE B 230 -11.91 -24.52 -7.25
C ILE B 230 -11.78 -24.10 -5.79
N GLY B 231 -11.25 -24.98 -4.96
CA GLY B 231 -10.91 -24.67 -3.59
C GLY B 231 -9.46 -24.23 -3.48
N VAL B 232 -9.24 -23.03 -2.95
CA VAL B 232 -7.87 -22.58 -2.68
C VAL B 232 -7.55 -22.89 -1.21
N THR B 233 -6.62 -23.83 -0.99
CA THR B 233 -6.30 -24.25 0.36
C THR B 233 -5.66 -23.12 1.16
N VAL B 234 -5.97 -23.08 2.44
CA VAL B 234 -5.45 -22.04 3.33
C VAL B 234 -4.59 -22.63 4.46
N SER B 235 -4.49 -23.96 4.52
CA SER B 235 -3.74 -24.61 5.60
C SER B 235 -2.98 -25.88 5.20
N ARG B 236 -3.35 -26.50 4.08
CA ARG B 236 -2.81 -27.83 3.71
C ARG B 236 -2.50 -27.97 2.23
N SER B 237 -1.61 -28.90 1.92
CA SER B 237 -1.34 -29.30 0.53
C SER B 237 -2.57 -29.97 -0.08
N VAL B 238 -2.59 -30.05 -1.41
CA VAL B 238 -3.66 -30.76 -2.13
C VAL B 238 -3.80 -32.18 -1.60
N ALA B 239 -2.68 -32.86 -1.42
CA ALA B 239 -2.64 -34.25 -0.95
C ALA B 239 -3.26 -34.47 0.43
N GLU B 240 -3.05 -33.52 1.34
CA GLU B 240 -3.60 -33.62 2.69
C GLU B 240 -5.09 -33.24 2.72
N GLN B 241 -5.44 -32.27 1.87
CA GLN B 241 -6.76 -31.65 1.89
C GLN B 241 -7.84 -32.42 1.11
N LYS B 242 -7.44 -33.03 -0.01
CA LYS B 242 -8.39 -33.71 -0.90
C LYS B 242 -9.20 -34.82 -0.21
N PRO B 243 -8.55 -35.71 0.55
CA PRO B 243 -9.30 -36.72 1.33
C PRO B 243 -10.35 -36.12 2.26
N LYS B 244 -10.05 -34.98 2.89
CA LYS B 244 -10.97 -34.32 3.81
C LYS B 244 -12.23 -33.81 3.10
N VAL B 245 -12.03 -33.13 1.97
CA VAL B 245 -13.14 -32.59 1.18
C VAL B 245 -14.00 -33.73 0.62
N ILE B 246 -13.37 -34.74 0.03
CA ILE B 246 -14.08 -35.90 -0.52
C ILE B 246 -14.94 -36.60 0.54
N ALA B 247 -14.37 -36.83 1.72
CA ALA B 247 -15.08 -37.47 2.84
C ALA B 247 -16.37 -36.74 3.22
N LEU B 248 -16.29 -35.42 3.38
CA LEU B 248 -17.47 -34.61 3.66
C LEU B 248 -18.45 -34.65 2.49
N GLN B 249 -17.95 -34.44 1.28
CA GLN B 249 -18.76 -34.52 0.05
C GLN B 249 -19.64 -35.77 0.04
N GLN B 250 -19.03 -36.93 0.28
CA GLN B 250 -19.76 -38.21 0.29
C GLN B 250 -20.76 -38.28 1.45
N ALA B 251 -20.34 -37.81 2.62
CA ALA B 251 -21.19 -37.80 3.80
C ALA B 251 -22.43 -36.91 3.61
N ILE B 252 -22.22 -35.70 3.10
CA ILE B 252 -23.32 -34.79 2.75
C ILE B 252 -24.28 -35.43 1.76
N ALA B 253 -23.72 -36.01 0.70
CA ALA B 253 -24.51 -36.62 -0.38
C ALA B 253 -25.41 -37.73 0.14
N GLY B 254 -24.86 -38.62 0.97
CA GLY B 254 -25.63 -39.68 1.62
C GLY B 254 -26.81 -39.16 2.41
N GLN B 255 -26.58 -38.11 3.20
CA GLN B 255 -27.61 -37.51 4.07
C GLN B 255 -28.74 -36.88 3.27
N LEU B 256 -28.42 -36.37 2.08
CA LEU B 256 -29.41 -35.77 1.20
C LEU B 256 -29.96 -36.80 0.20
N ALA B 257 -29.51 -38.05 0.36
CA ALA B 257 -29.87 -39.16 -0.54
C ALA B 257 -29.54 -38.83 -2.00
N LEU B 258 -28.35 -38.27 -2.21
CA LEU B 258 -27.88 -37.92 -3.53
C LEU B 258 -26.61 -38.70 -3.88
N THR B 259 -26.28 -38.71 -5.16
CA THR B 259 -25.00 -39.22 -5.62
C THR B 259 -24.08 -38.02 -5.80
N ALA B 260 -22.79 -38.22 -5.50
CA ALA B 260 -21.79 -37.18 -5.72
C ALA B 260 -20.55 -37.78 -6.36
N THR B 261 -20.39 -37.51 -7.65
CA THR B 261 -19.30 -38.12 -8.42
C THR B 261 -18.30 -37.10 -8.94
N ALA B 262 -18.61 -35.81 -8.79
CA ALA B 262 -17.73 -34.75 -9.29
C ALA B 262 -16.35 -34.77 -8.62
N ASP B 263 -15.31 -34.57 -9.43
CA ASP B 263 -13.95 -34.42 -8.93
C ASP B 263 -13.81 -33.16 -8.07
N ILE B 264 -13.00 -33.27 -7.01
CA ILE B 264 -12.67 -32.13 -6.16
C ILE B 264 -11.40 -31.47 -6.70
N HIS B 265 -11.47 -30.16 -6.93
CA HIS B 265 -10.33 -29.41 -7.44
C HIS B 265 -9.77 -28.51 -6.37
N LEU B 266 -8.45 -28.59 -6.18
CA LEU B 266 -7.77 -27.82 -5.15
C LEU B 266 -6.46 -27.23 -5.65
N TRP B 267 -6.23 -25.95 -5.34
CA TRP B 267 -4.94 -25.30 -5.59
C TRP B 267 -4.29 -24.95 -4.28
N ASP B 268 -3.06 -25.42 -4.08
CA ASP B 268 -2.37 -25.27 -2.80
C ASP B 268 -1.16 -24.33 -2.80
N ASP B 269 -1.05 -23.50 -3.85
CA ASP B 269 0.15 -22.70 -4.07
C ASP B 269 0.10 -21.34 -3.38
N TYR B 270 -0.98 -21.07 -2.65
CA TYR B 270 -1.28 -19.68 -2.27
C TYR B 270 -1.39 -19.40 -0.76
N PHE B 271 -0.91 -20.33 0.07
CA PHE B 271 -1.07 -20.14 1.51
C PHE B 271 0.24 -20.11 2.32
N ALA B 272 1.36 -20.36 1.66
CA ALA B 272 2.68 -20.37 2.33
C ALA B 272 2.94 -19.08 3.09
N PRO B 273 3.59 -19.15 4.27
CA PRO B 273 4.24 -20.31 4.87
C PRO B 273 3.37 -21.15 5.81
N GLY B 274 2.06 -20.92 5.79
CA GLY B 274 1.16 -21.75 6.58
C GLY B 274 -0.10 -21.04 7.04
N TYR B 275 -1.00 -21.83 7.63
CA TYR B 275 -2.26 -21.31 8.14
C TYR B 275 -2.04 -20.09 9.04
N GLY B 276 -2.83 -19.05 8.82
CA GLY B 276 -2.85 -17.89 9.71
C GLY B 276 -1.68 -16.93 9.56
N VAL B 277 -0.79 -17.22 8.63
CA VAL B 277 0.31 -16.30 8.34
C VAL B 277 0.00 -15.54 7.05
N PRO B 278 -0.02 -14.21 7.13
CA PRO B 278 -0.27 -13.43 5.92
C PRO B 278 0.88 -13.63 4.93
N ASN B 279 0.58 -13.56 3.64
CA ASN B 279 1.62 -13.49 2.61
C ASN B 279 1.37 -12.34 1.65
N ASP B 280 2.42 -11.99 0.89
CA ASP B 280 2.38 -10.82 0.02
C ASP B 280 1.26 -10.84 -1.04
N ALA B 281 1.11 -11.96 -1.75
CA ALA B 281 0.06 -12.10 -2.75
C ALA B 281 -1.31 -11.89 -2.09
N GLY B 282 -1.50 -12.52 -0.93
CA GLY B 282 -2.73 -12.40 -0.15
C GLY B 282 -3.01 -10.95 0.24
N MET B 283 -2.01 -10.29 0.81
CA MET B 283 -2.17 -8.88 1.21
C MET B 283 -2.42 -7.96 0.01
N GLU B 284 -1.76 -8.25 -1.12
CA GLU B 284 -1.99 -7.47 -2.34
C GLU B 284 -3.39 -7.68 -2.92
N ALA B 285 -3.94 -8.87 -2.73
CA ALA B 285 -5.32 -9.17 -3.13
C ALA B 285 -6.31 -8.37 -2.27
N VAL B 286 -6.02 -8.30 -0.97
CA VAL B 286 -6.80 -7.50 -0.03
C VAL B 286 -6.81 -6.03 -0.47
N LYS B 287 -5.64 -5.49 -0.79
CA LYS B 287 -5.54 -4.10 -1.24
C LYS B 287 -6.28 -3.88 -2.55
N LEU B 288 -6.13 -4.81 -3.48
CA LEU B 288 -6.77 -4.73 -4.79
C LEU B 288 -8.30 -4.66 -4.69
N LEU B 289 -8.88 -5.56 -3.89
CA LEU B 289 -10.34 -5.60 -3.73
C LEU B 289 -10.87 -4.40 -2.97
N ALA B 290 -10.12 -3.95 -1.96
CA ALA B 290 -10.50 -2.74 -1.23
C ALA B 290 -10.43 -1.51 -2.12
N SER B 291 -9.33 -1.35 -2.86
CA SER B 291 -9.13 -0.15 -3.67
C SER B 291 -9.97 -0.11 -4.94
N LEU B 292 -10.26 -1.26 -5.55
CA LEU B 292 -11.07 -1.26 -6.76
C LEU B 292 -12.57 -1.38 -6.53
N GLU B 293 -12.96 -2.07 -5.45
CA GLU B 293 -14.35 -2.46 -5.27
C GLU B 293 -14.95 -2.06 -3.92
N GLY B 294 -14.12 -1.55 -3.01
CA GLY B 294 -14.58 -1.19 -1.66
C GLY B 294 -14.94 -2.41 -0.83
N VAL B 295 -14.40 -3.55 -1.22
CA VAL B 295 -14.68 -4.85 -0.60
C VAL B 295 -13.52 -5.24 0.31
N LEU B 296 -13.85 -5.63 1.54
CA LEU B 296 -12.83 -6.02 2.51
C LEU B 296 -12.66 -7.53 2.59
N LEU B 297 -11.51 -8.01 2.16
CA LEU B 297 -11.12 -9.40 2.36
C LEU B 297 -10.35 -9.55 3.68
N ASP B 298 -9.61 -10.64 3.83
CA ASP B 298 -8.88 -10.89 5.07
C ASP B 298 -7.54 -11.60 4.79
N PRO B 299 -6.59 -11.53 5.74
CA PRO B 299 -5.24 -12.08 5.52
C PRO B 299 -5.13 -13.61 5.62
N VAL B 300 -6.08 -14.23 6.31
CA VAL B 300 -6.00 -15.67 6.57
C VAL B 300 -6.69 -16.51 5.48
N TYR B 301 -7.84 -16.03 5.02
CA TYR B 301 -8.70 -16.85 4.16
C TYR B 301 -8.92 -16.26 2.78
N THR B 302 -9.80 -15.26 2.71
CA THR B 302 -10.25 -14.73 1.42
C THR B 302 -9.15 -14.03 0.62
N GLY B 303 -8.21 -13.37 1.31
CA GLY B 303 -7.07 -12.74 0.64
C GLY B 303 -6.24 -13.75 -0.13
N LYS B 304 -5.99 -14.89 0.51
CA LYS B 304 -5.23 -15.99 -0.12
C LYS B 304 -6.05 -16.65 -1.23
N ALA B 305 -7.36 -16.79 -1.02
CA ALA B 305 -8.24 -17.34 -2.04
C ALA B 305 -8.32 -16.44 -3.26
N MET B 306 -8.41 -15.13 -3.04
CA MET B 306 -8.42 -14.17 -4.14
C MET B 306 -7.09 -14.15 -4.89
N ALA B 307 -5.99 -14.28 -4.15
CA ALA B 307 -4.66 -14.37 -4.76
C ALA B 307 -4.61 -15.58 -5.72
N GLY B 308 -5.21 -16.69 -5.29
CA GLY B 308 -5.37 -17.88 -6.13
C GLY B 308 -6.15 -17.61 -7.41
N LEU B 309 -7.29 -16.94 -7.30
CA LEU B 309 -8.10 -16.55 -8.46
C LEU B 309 -7.30 -15.69 -9.45
N ILE B 310 -6.60 -14.68 -8.93
CA ILE B 310 -5.80 -13.78 -9.79
C ILE B 310 -4.71 -14.54 -10.53
N ASP B 311 -3.96 -15.37 -9.81
CA ASP B 311 -2.89 -16.17 -10.42
C ASP B 311 -3.46 -17.19 -11.41
N GLY B 312 -4.68 -17.67 -11.14
CA GLY B 312 -5.39 -18.57 -12.04
C GLY B 312 -5.62 -17.93 -13.41
N ILE B 313 -5.91 -16.63 -13.40
CA ILE B 313 -5.97 -15.84 -14.62
C ILE B 313 -4.57 -15.73 -15.24
N SER B 314 -3.59 -15.35 -14.42
CA SER B 314 -2.19 -15.21 -14.85
C SER B 314 -1.68 -16.47 -15.56
N GLN B 315 -1.90 -17.63 -14.95
CA GLN B 315 -1.38 -18.90 -15.44
C GLN B 315 -2.35 -19.65 -16.36
N LYS B 316 -3.44 -18.99 -16.72
CA LYS B 316 -4.52 -19.59 -17.54
C LYS B 316 -4.91 -20.97 -16.99
N ARG B 317 -5.16 -21.01 -15.69
CA ARG B 317 -5.29 -22.25 -14.94
C ARG B 317 -6.71 -22.81 -14.86
N PHE B 318 -7.71 -21.95 -15.11
CA PHE B 318 -9.11 -22.37 -15.12
C PHE B 318 -9.40 -23.22 -16.36
N ASN B 319 -10.57 -23.86 -16.37
CA ASN B 319 -10.99 -24.69 -17.50
C ASN B 319 -11.20 -23.91 -18.80
N ASP B 320 -11.83 -22.74 -18.71
CA ASP B 320 -11.93 -21.81 -19.85
C ASP B 320 -11.93 -20.33 -19.45
N ASP B 321 -11.98 -19.45 -20.46
CA ASP B 321 -11.85 -18.00 -20.28
C ASP B 321 -13.07 -17.28 -19.70
N GLY B 322 -14.11 -18.03 -19.33
CA GLY B 322 -15.39 -17.44 -18.94
C GLY B 322 -15.46 -16.83 -17.55
N PRO B 323 -16.64 -16.29 -17.19
CA PRO B 323 -16.91 -15.65 -15.89
C PRO B 323 -16.51 -16.47 -14.68
N ILE B 324 -15.97 -15.79 -13.66
CA ILE B 324 -15.57 -16.41 -12.40
C ILE B 324 -16.38 -15.83 -11.23
N LEU B 325 -16.90 -16.71 -10.39
CA LEU B 325 -17.56 -16.31 -9.15
C LEU B 325 -16.68 -16.57 -7.93
N PHE B 326 -16.37 -15.52 -7.19
CA PHE B 326 -15.63 -15.64 -5.94
C PHE B 326 -16.59 -15.71 -4.77
N ILE B 327 -16.41 -16.71 -3.91
CA ILE B 327 -17.25 -16.81 -2.72
C ILE B 327 -16.58 -16.08 -1.57
N HIS B 328 -17.16 -14.95 -1.19
CA HIS B 328 -16.64 -14.20 -0.06
C HIS B 328 -17.17 -14.74 1.24
N THR B 329 -16.30 -15.47 1.92
CA THR B 329 -16.67 -16.19 3.14
C THR B 329 -16.50 -15.33 4.41
N GLY B 330 -15.98 -14.12 4.24
CA GLY B 330 -15.86 -13.16 5.35
C GLY B 330 -14.45 -12.99 5.88
N GLY B 331 -14.32 -12.89 7.20
CA GLY B 331 -13.02 -12.83 7.86
C GLY B 331 -12.43 -11.46 8.15
N ALA B 332 -13.07 -10.39 7.68
CA ALA B 332 -12.51 -9.04 7.81
C ALA B 332 -12.14 -8.55 9.22
N PRO B 333 -12.84 -9.01 10.28
CA PRO B 333 -12.39 -8.59 11.61
C PRO B 333 -10.95 -8.95 11.95
N ALA B 334 -10.38 -9.94 11.27
CA ALA B 334 -8.96 -10.30 11.45
C ALA B 334 -8.01 -9.20 10.99
N LEU B 335 -8.46 -8.34 10.08
CA LEU B 335 -7.64 -7.20 9.60
C LEU B 335 -7.09 -6.37 10.77
N PHE B 336 -7.93 -6.18 11.79
CA PHE B 336 -7.57 -5.37 12.95
C PHE B 336 -6.69 -6.10 13.94
N ALA B 337 -6.70 -7.43 13.89
CA ALA B 337 -5.84 -8.25 14.74
C ALA B 337 -4.44 -8.37 14.15
N TYR B 338 -4.36 -8.39 12.83
CA TYR B 338 -3.10 -8.60 12.13
C TYR B 338 -2.29 -7.31 11.95
N HIS B 339 -2.95 -6.17 12.12
CA HIS B 339 -2.28 -4.87 12.06
C HIS B 339 -1.56 -4.60 13.35
N PRO B 340 -0.33 -4.07 13.28
CA PRO B 340 0.43 -3.69 12.08
C PRO B 340 1.21 -4.86 11.47
N HIS B 341 1.51 -5.84 12.30
CA HIS B 341 2.20 -7.06 11.89
C HIS B 341 2.00 -8.15 12.90
N VAL B 342 2.24 -9.39 12.43
N VAL B 342 2.31 -9.39 12.52
CA VAL B 342 2.28 -10.61 13.24
CA VAL B 342 2.35 -10.50 13.48
C VAL B 342 1.12 -10.77 14.21
C VAL B 342 3.74 -11.13 13.53
N THR C 21 23.80 9.17 -36.32
CA THR C 21 25.25 9.52 -36.21
C THR C 21 25.52 10.94 -36.71
N ARG C 22 26.76 11.19 -37.16
CA ARG C 22 27.21 12.49 -37.70
C ARG C 22 27.30 13.62 -36.67
N PHE C 23 26.18 13.92 -36.01
CA PHE C 23 26.10 15.01 -35.02
C PHE C 23 27.11 14.86 -33.88
N PRO C 24 27.69 15.98 -33.43
CA PRO C 24 28.60 15.97 -32.28
C PRO C 24 27.85 15.56 -31.02
N ARG C 25 28.41 14.62 -30.27
CA ARG C 25 27.78 14.17 -29.02
C ARG C 25 28.81 13.97 -27.90
N LEU C 26 28.50 14.53 -26.74
CA LEU C 26 29.30 14.31 -25.53
C LEU C 26 28.99 12.93 -24.96
N GLU C 27 29.94 12.34 -24.23
CA GLU C 27 29.73 11.02 -23.66
C GLU C 27 29.36 11.10 -22.17
N PHE C 28 28.07 10.96 -21.89
CA PHE C 28 27.55 11.04 -20.53
C PHE C 28 27.14 9.68 -19.96
N ILE C 29 26.86 8.71 -20.83
CA ILE C 29 26.28 7.44 -20.38
C ILE C 29 27.29 6.29 -20.37
N GLY C 30 28.07 6.16 -21.44
CA GLY C 30 29.05 5.10 -21.55
C GLY C 30 28.46 3.84 -22.18
N ALA C 31 28.58 2.72 -21.49
CA ALA C 31 28.08 1.44 -21.99
C ALA C 31 26.57 1.51 -22.26
N PRO C 32 26.06 0.66 -23.18
CA PRO C 32 24.61 0.62 -23.35
C PRO C 32 23.94 0.31 -22.00
N THR C 33 22.81 0.95 -21.74
CA THR C 33 22.07 0.74 -20.49
C THR C 33 21.44 -0.67 -20.50
N PRO C 34 21.27 -1.27 -19.30
CA PRO C 34 20.82 -2.67 -19.24
C PRO C 34 19.46 -2.89 -19.91
N LEU C 35 19.29 -4.06 -20.53
CA LEU C 35 17.99 -4.49 -21.01
C LEU C 35 17.68 -5.82 -20.33
N GLU C 36 16.71 -5.81 -19.43
CA GLU C 36 16.49 -6.93 -18.54
C GLU C 36 15.09 -7.53 -18.69
N TYR C 37 15.03 -8.85 -18.53
CA TYR C 37 13.76 -9.55 -18.40
C TYR C 37 13.20 -9.28 -17.01
N LEU C 38 11.88 -9.21 -16.90
CA LEU C 38 11.23 -9.06 -15.60
C LEU C 38 10.39 -10.30 -15.29
N PRO C 39 11.03 -11.34 -14.71
CA PRO C 39 10.41 -12.67 -14.55
C PRO C 39 9.23 -12.71 -13.58
N ARG C 40 9.27 -11.90 -12.53
CA ARG C 40 8.16 -11.88 -11.56
C ARG C 40 6.96 -11.10 -12.10
N LEU C 41 7.21 -9.95 -12.73
CA LEU C 41 6.15 -9.18 -13.37
C LEU C 41 5.54 -9.96 -14.54
N SER C 42 6.40 -10.63 -15.31
CA SER C 42 5.94 -11.43 -16.44
C SER C 42 5.05 -12.57 -15.98
N ASP C 43 5.43 -13.24 -14.89
CA ASP C 43 4.65 -14.31 -14.31
C ASP C 43 3.29 -13.81 -13.84
N TYR C 44 3.28 -12.60 -13.28
CA TYR C 44 2.06 -12.00 -12.74
C TYR C 44 1.08 -11.57 -13.83
N LEU C 45 1.60 -10.96 -14.90
CA LEU C 45 0.75 -10.45 -15.98
C LEU C 45 0.44 -11.49 -17.06
N GLY C 46 1.13 -12.63 -16.99
CA GLY C 46 0.99 -13.70 -17.99
C GLY C 46 1.48 -13.33 -19.38
N ARG C 47 2.50 -12.46 -19.44
CA ARG C 47 3.01 -11.89 -20.68
C ARG C 47 4.49 -11.61 -20.50
N GLU C 48 5.29 -11.83 -21.53
CA GLU C 48 6.73 -11.54 -21.45
C GLU C 48 7.00 -10.04 -21.44
N ILE C 49 7.57 -9.55 -20.33
CA ILE C 49 7.89 -8.14 -20.17
C ILE C 49 9.39 -7.94 -19.97
N TYR C 50 9.96 -7.04 -20.76
CA TYR C 50 11.36 -6.65 -20.64
C TYR C 50 11.41 -5.17 -20.31
N ILE C 51 12.54 -4.71 -19.77
CA ILE C 51 12.68 -3.30 -19.41
C ILE C 51 14.02 -2.76 -19.93
N LYS C 52 13.97 -1.57 -20.54
CA LYS C 52 15.16 -0.84 -20.95
C LYS C 52 15.47 0.13 -19.82
N ARG C 53 16.62 -0.09 -19.16
CA ARG C 53 16.95 0.63 -17.94
CA ARG C 53 16.95 0.63 -17.94
C ARG C 53 17.66 1.96 -18.19
N ASP C 54 16.96 2.90 -18.83
CA ASP C 54 17.50 4.24 -19.06
C ASP C 54 17.49 5.09 -17.77
N ASP C 55 16.96 4.51 -16.69
CA ASP C 55 16.98 5.15 -15.38
C ASP C 55 18.35 4.97 -14.69
N VAL C 56 19.15 4.07 -15.24
CA VAL C 56 20.47 3.72 -14.70
C VAL C 56 21.55 4.34 -15.59
N THR C 57 21.88 5.59 -15.30
CA THR C 57 23.03 6.27 -15.92
C THR C 57 23.83 6.96 -14.81
N PRO C 58 25.13 7.25 -15.06
CA PRO C 58 25.98 7.70 -13.95
C PRO C 58 25.72 9.13 -13.46
N ILE C 59 24.97 9.94 -14.21
CA ILE C 59 24.83 11.35 -13.85
C ILE C 59 23.55 11.67 -13.05
N ALA C 60 23.78 12.12 -11.81
CA ALA C 60 22.75 12.62 -10.90
C ALA C 60 21.40 11.89 -10.95
N MET C 61 21.43 10.61 -10.62
CA MET C 61 20.24 9.76 -10.50
C MET C 61 19.55 9.43 -11.83
N GLY C 62 20.23 9.74 -12.93
CA GLY C 62 19.88 9.18 -14.24
C GLY C 62 18.62 9.69 -14.93
N GLY C 63 18.29 9.06 -16.04
CA GLY C 63 17.06 9.38 -16.77
C GLY C 63 17.25 9.50 -18.27
N ASN C 64 16.11 9.49 -18.98
CA ASN C 64 16.08 9.67 -20.43
C ASN C 64 16.67 10.99 -20.94
N LEU C 66 19.20 12.68 -20.13
CA LEU C 66 20.64 12.61 -20.35
C LEU C 66 21.01 12.30 -21.79
N ARG C 67 20.28 11.37 -22.41
CA ARG C 67 20.51 11.00 -23.83
C ARG C 67 20.37 12.21 -24.75
N LYS C 68 19.38 13.05 -24.48
CA LYS C 68 19.16 14.26 -25.26
C LYS C 68 20.28 15.27 -25.02
N LEU C 69 20.71 15.38 -23.75
CA LEU C 69 21.71 16.37 -23.35
C LEU C 69 23.07 16.12 -23.99
N GLU C 70 23.38 14.86 -24.28
CA GLU C 70 24.62 14.51 -24.99
C GLU C 70 24.73 15.30 -26.30
N PHE C 71 23.63 15.34 -27.06
CA PHE C 71 23.60 16.08 -28.32
C PHE C 71 23.48 17.58 -28.08
N LEU C 72 22.58 17.97 -27.18
CA LEU C 72 22.28 19.39 -26.94
C LEU C 72 23.45 20.16 -26.33
N VAL C 73 24.12 19.56 -25.35
CA VAL C 73 25.22 20.24 -24.66
C VAL C 73 26.49 20.26 -25.53
N ALA C 74 26.62 19.27 -26.40
CA ALA C 74 27.69 19.28 -27.40
C ALA C 74 27.54 20.48 -28.34
N ASP C 75 26.30 20.78 -28.72
CA ASP C 75 25.98 21.93 -29.55
C ASP C 75 26.33 23.23 -28.82
N ALA C 76 25.99 23.28 -27.54
CA ALA C 76 26.30 24.42 -26.67
C ALA C 76 27.79 24.77 -26.66
N LEU C 77 28.62 23.73 -26.55
CA LEU C 77 30.07 23.91 -26.46
C LEU C 77 30.69 24.40 -27.78
N ARG C 78 30.11 23.97 -28.89
CA ARG C 78 30.52 24.44 -30.22
C ARG C 78 30.21 25.92 -30.42
N GLU C 79 29.12 26.38 -29.81
CA GLU C 79 28.74 27.80 -29.84
C GLU C 79 29.56 28.62 -28.83
N GLY C 80 30.37 27.93 -28.03
CA GLY C 80 31.19 28.58 -27.00
C GLY C 80 30.36 29.14 -25.86
N ALA C 81 29.23 28.48 -25.57
CA ALA C 81 28.36 28.90 -24.48
C ALA C 81 29.00 28.65 -23.11
N ASP C 82 28.70 29.52 -22.15
CA ASP C 82 29.19 29.35 -20.79
C ASP C 82 28.03 29.15 -19.79
N THR C 83 26.80 29.15 -20.34
CA THR C 83 25.58 29.10 -19.54
C THR C 83 24.51 28.28 -20.26
N LEU C 84 23.88 27.38 -19.51
CA LEU C 84 22.77 26.58 -20.01
C LEU C 84 21.46 27.10 -19.42
N ILE C 85 20.48 27.34 -20.29
CA ILE C 85 19.16 27.80 -19.87
C ILE C 85 18.08 26.84 -20.34
N THR C 86 17.19 26.46 -19.42
CA THR C 86 16.05 25.62 -19.77
C THR C 86 14.85 25.88 -18.84
N ALA C 87 13.74 25.20 -19.10
CA ALA C 87 12.51 25.42 -18.35
C ALA C 87 11.83 24.10 -18.00
N GLY C 88 10.92 24.14 -17.03
CA GLY C 88 10.11 22.97 -16.67
C GLY C 88 9.36 23.19 -15.37
N ALA C 89 8.61 22.19 -14.94
CA ALA C 89 7.93 22.24 -13.66
C ALA C 89 8.97 22.22 -12.54
N ILE C 90 8.58 22.65 -11.34
CA ILE C 90 9.46 22.62 -10.17
C ILE C 90 10.15 21.27 -10.02
N GLN C 91 9.43 20.18 -10.30
CA GLN C 91 9.96 18.83 -10.13
C GLN C 91 10.47 18.19 -11.43
N SER C 92 10.83 19.04 -12.40
CA SER C 92 11.35 18.56 -13.68
C SER C 92 12.60 17.70 -13.55
N ASN C 93 12.59 16.53 -14.18
CA ASN C 93 13.78 15.68 -14.27
C ASN C 93 14.79 16.28 -15.23
N HIS C 94 14.30 16.83 -16.33
CA HIS C 94 15.14 17.44 -17.34
C HIS C 94 15.94 18.58 -16.78
N VAL C 95 15.30 19.44 -16.00
CA VAL C 95 15.99 20.57 -15.39
C VAL C 95 17.09 20.07 -14.45
N ARG C 96 16.77 19.05 -13.66
CA ARG C 96 17.73 18.46 -12.73
C ARG C 96 18.96 17.89 -13.44
N GLN C 97 18.73 17.15 -14.52
CA GLN C 97 19.80 16.55 -15.31
C GLN C 97 20.64 17.61 -16.04
N THR C 98 19.97 18.65 -16.56
CA THR C 98 20.67 19.79 -17.18
C THR C 98 21.58 20.47 -16.16
N ALA C 99 21.05 20.75 -14.97
CA ALA C 99 21.80 21.34 -13.88
C ALA C 99 23.02 20.50 -13.51
N ALA C 100 22.84 19.18 -13.47
CA ALA C 100 23.92 18.26 -13.14
C ALA C 100 25.06 18.32 -14.16
N VAL C 101 24.69 18.32 -15.44
CA VAL C 101 25.66 18.39 -16.53
C VAL C 101 26.36 19.75 -16.58
N ALA C 102 25.60 20.83 -16.39
CA ALA C 102 26.18 22.17 -16.30
C ALA C 102 27.28 22.19 -15.24
N ALA C 103 26.95 21.73 -14.03
CA ALA C 103 27.90 21.68 -12.93
C ALA C 103 29.17 20.89 -13.29
N LYS C 104 28.97 19.69 -13.84
CA LYS C 104 30.08 18.81 -14.27
C LYS C 104 31.03 19.50 -15.25
N LEU C 105 30.46 20.26 -16.19
CA LEU C 105 31.25 20.89 -17.24
C LEU C 105 31.65 22.33 -16.93
N GLY C 106 31.32 22.81 -15.74
CA GLY C 106 31.69 24.16 -15.33
C GLY C 106 30.91 25.25 -16.04
N LEU C 107 29.70 24.93 -16.48
CA LEU C 107 28.81 25.88 -17.12
C LEU C 107 27.83 26.40 -16.07
N HIS C 108 27.41 27.66 -16.19
CA HIS C 108 26.34 28.18 -15.35
C HIS C 108 25.03 27.56 -15.78
N CYS C 109 24.06 27.53 -14.87
CA CYS C 109 22.73 27.02 -15.21
C CYS C 109 21.64 27.92 -14.67
N VAL C 110 20.73 28.32 -15.56
CA VAL C 110 19.56 29.10 -15.19
C VAL C 110 18.31 28.31 -15.56
N ALA C 111 17.42 28.11 -14.58
CA ALA C 111 16.20 27.36 -14.79
C ALA C 111 14.95 28.21 -14.63
N LEU C 112 14.06 28.13 -15.61
CA LEU C 112 12.75 28.77 -15.52
C LEU C 112 11.72 27.75 -15.07
N LEU C 113 11.16 27.95 -13.88
CA LEU C 113 10.30 26.94 -13.27
C LEU C 113 8.87 27.42 -13.00
N GLU C 114 7.91 26.52 -13.20
CA GLU C 114 6.51 26.76 -12.90
C GLU C 114 5.96 25.69 -11.96
N ASN C 115 4.93 26.07 -11.21
CA ASN C 115 4.14 25.15 -10.39
C ASN C 115 2.88 24.79 -11.20
N PRO C 116 2.89 23.61 -11.85
CA PRO C 116 1.81 23.27 -12.77
C PRO C 116 0.53 22.75 -12.11
N ILE C 117 0.59 22.47 -10.80
CA ILE C 117 -0.51 21.80 -10.12
C ILE C 117 -1.11 22.62 -8.98
N GLY C 118 -0.58 23.82 -8.77
CA GLY C 118 -1.10 24.77 -7.79
C GLY C 118 -0.93 24.37 -6.33
N THR C 119 0.04 23.51 -6.06
CA THR C 119 0.26 22.98 -4.72
C THR C 119 1.09 23.91 -3.81
N THR C 120 0.85 23.80 -2.52
CA THR C 120 1.69 24.46 -1.51
C THR C 120 2.41 23.43 -0.64
N ALA C 121 2.32 22.15 -1.03
CA ALA C 121 2.98 21.07 -0.31
C ALA C 121 4.51 21.26 -0.30
N GLU C 122 5.08 21.27 0.90
CA GLU C 122 6.49 21.62 1.07
C GLU C 122 7.46 20.68 0.34
N ASN C 123 7.19 19.37 0.37
CA ASN C 123 8.04 18.43 -0.36
C ASN C 123 8.03 18.64 -1.87
N TYR C 124 6.88 19.00 -2.42
CA TYR C 124 6.84 19.33 -3.85
C TYR C 124 7.62 20.61 -4.14
N LEU C 125 7.48 21.59 -3.25
CA LEU C 125 8.10 22.90 -3.47
C LEU C 125 9.62 22.90 -3.25
N THR C 126 10.10 22.05 -2.35
CA THR C 126 11.50 22.15 -1.88
C THR C 126 12.33 20.85 -1.89
N ASN C 127 11.67 19.69 -2.00
CA ASN C 127 12.38 18.40 -1.95
C ASN C 127 12.61 17.81 -3.34
N GLY C 128 13.02 16.55 -3.40
CA GLY C 128 13.19 15.84 -4.68
C GLY C 128 14.11 16.56 -5.64
N ASN C 129 13.69 16.64 -6.91
CA ASN C 129 14.46 17.32 -7.94
C ASN C 129 14.82 18.76 -7.61
N ARG C 130 13.88 19.48 -6.99
CA ARG C 130 14.08 20.88 -6.63
C ARG C 130 15.20 21.07 -5.60
N LEU C 131 15.30 20.14 -4.66
CA LEU C 131 16.40 20.13 -3.70
C LEU C 131 17.74 20.02 -4.43
N LEU C 132 17.77 19.15 -5.43
CA LEU C 132 19.00 18.89 -6.18
C LEU C 132 19.47 20.10 -6.97
N LEU C 133 18.52 20.91 -7.43
CA LEU C 133 18.86 22.15 -8.14
C LEU C 133 19.69 23.09 -7.28
N ASP C 134 19.30 23.22 -6.01
CA ASP C 134 20.03 24.04 -5.06
C ASP C 134 21.46 23.52 -4.83
N LEU C 135 21.60 22.19 -4.74
CA LEU C 135 22.93 21.58 -4.59
C LEU C 135 23.80 21.81 -5.83
N PHE C 136 23.18 21.82 -7.00
CA PHE C 136 23.89 22.04 -8.26
C PHE C 136 24.12 23.52 -8.57
N ASN C 137 23.75 24.37 -7.62
CA ASN C 137 23.94 25.82 -7.73
C ASN C 137 23.21 26.46 -8.91
N THR C 138 21.98 25.99 -9.17
CA THR C 138 21.16 26.49 -10.27
C THR C 138 20.54 27.84 -9.91
N GLN C 139 20.64 28.78 -10.85
CA GLN C 139 19.92 30.04 -10.73
C GLN C 139 18.46 29.79 -11.09
N ILE C 140 17.57 30.02 -10.12
CA ILE C 140 16.16 29.71 -10.24
C ILE C 140 15.34 30.97 -10.53
N GLU C 141 14.56 30.92 -11.61
CA GLU C 141 13.64 31.98 -11.99
C GLU C 141 12.23 31.42 -12.05
N MET C 142 11.36 31.89 -11.17
CA MET C 142 9.96 31.44 -11.14
C MET C 142 9.10 32.20 -12.14
N CYS C 143 8.06 31.54 -12.64
CA CYS C 143 7.03 32.19 -13.45
C CYS C 143 5.67 31.57 -13.13
N ASP C 144 4.60 32.33 -13.38
CA ASP C 144 3.24 31.86 -13.10
C ASP C 144 2.90 30.60 -13.88
N ALA C 145 3.16 30.62 -15.19
CA ALA C 145 2.90 29.49 -16.06
C ALA C 145 3.80 29.53 -17.30
N LEU C 146 4.07 28.35 -17.87
CA LEU C 146 4.85 28.26 -19.10
C LEU C 146 3.93 28.22 -20.33
N THR C 147 3.22 29.32 -20.53
CA THR C 147 2.26 29.46 -21.64
C THR C 147 2.95 29.47 -23.00
N ASP C 148 4.08 30.19 -23.09
CA ASP C 148 4.90 30.20 -24.30
C ASP C 148 6.37 29.93 -23.93
N PRO C 149 6.73 28.64 -23.79
CA PRO C 149 8.05 28.21 -23.30
C PRO C 149 9.24 28.80 -24.09
N ASP C 150 9.25 28.62 -25.41
CA ASP C 150 10.33 29.12 -26.26
C ASP C 150 10.54 30.63 -26.15
N ALA C 151 9.42 31.38 -26.15
CA ALA C 151 9.46 32.83 -26.04
C ALA C 151 9.95 33.30 -24.67
N GLN C 152 9.49 32.63 -23.62
CA GLN C 152 9.89 32.96 -22.25
C GLN C 152 11.37 32.66 -21.99
N LEU C 153 11.87 31.61 -22.64
CA LEU C 153 13.28 31.24 -22.57
C LEU C 153 14.16 32.24 -23.32
N GLN C 154 13.65 32.74 -24.45
CA GLN C 154 14.34 33.74 -25.25
C GLN C 154 14.57 35.04 -24.48
N THR C 155 13.53 35.49 -23.77
CA THR C 155 13.61 36.70 -22.95
C THR C 155 14.61 36.53 -21.81
N LEU C 156 14.57 35.35 -21.17
CA LEU C 156 15.50 35.01 -20.11
C LEU C 156 16.94 35.04 -20.61
N ALA C 157 17.17 34.45 -21.79
CA ALA C 157 18.50 34.43 -22.40
C ALA C 157 19.06 35.85 -22.60
N THR C 158 18.22 36.76 -23.07
CA THR C 158 18.59 38.15 -23.29
C THR C 158 19.07 38.80 -21.98
N ARG C 159 18.28 38.66 -20.92
CA ARG C 159 18.64 39.18 -19.59
C ARG C 159 19.99 38.63 -19.12
N ILE C 160 20.19 37.33 -19.33
CA ILE C 160 21.43 36.65 -18.93
C ILE C 160 22.61 37.11 -19.78
N GLU C 161 22.35 37.28 -21.09
CA GLU C 161 23.36 37.78 -22.03
C GLU C 161 23.78 39.21 -21.68
N ALA C 162 22.81 40.01 -21.23
CA ALA C 162 23.06 41.39 -20.80
C ALA C 162 23.90 41.46 -19.53
N GLN C 163 23.83 40.39 -18.72
CA GLN C 163 24.62 40.29 -17.49
C GLN C 163 26.09 39.90 -17.74
N GLY C 164 26.41 39.57 -18.99
CA GLY C 164 27.79 39.28 -19.39
C GLY C 164 28.10 37.83 -19.68
N PHE C 165 27.05 37.01 -19.81
CA PHE C 165 27.21 35.58 -20.07
C PHE C 165 26.88 35.23 -21.52
N ARG C 166 27.25 34.01 -21.93
CA ARG C 166 26.90 33.50 -23.25
C ARG C 166 25.96 32.30 -23.09
N PRO C 167 24.64 32.57 -23.02
CA PRO C 167 23.67 31.51 -22.77
C PRO C 167 23.34 30.65 -23.99
N TYR C 168 23.02 29.38 -23.74
CA TYR C 168 22.49 28.48 -24.74
C TYR C 168 21.15 27.94 -24.24
N VAL C 169 20.11 28.13 -25.05
CA VAL C 169 18.76 27.72 -24.68
C VAL C 169 18.51 26.27 -25.04
N ILE C 170 18.09 25.49 -24.04
CA ILE C 170 17.63 24.13 -24.25
C ILE C 170 16.12 24.15 -24.05
N PRO C 171 15.35 23.68 -25.06
CA PRO C 171 13.88 23.73 -24.94
C PRO C 171 13.34 22.81 -23.84
N VAL C 172 12.08 23.02 -23.47
CA VAL C 172 11.40 22.22 -22.45
C VAL C 172 11.53 20.73 -22.79
N GLY C 173 11.95 19.93 -21.81
CA GLY C 173 12.15 18.49 -21.99
C GLY C 173 13.35 18.12 -22.85
N GLY C 174 14.09 19.12 -23.31
CA GLY C 174 15.17 18.91 -24.28
C GLY C 174 14.68 18.33 -25.59
N SER C 175 13.40 18.53 -25.88
CA SER C 175 12.75 17.87 -27.02
C SER C 175 12.75 18.70 -28.30
N SER C 176 13.92 19.14 -28.72
CA SER C 176 14.11 19.64 -30.07
C SER C 176 14.45 18.45 -30.96
N ALA C 177 14.52 18.69 -32.27
CA ALA C 177 14.93 17.66 -33.22
C ALA C 177 16.33 17.11 -32.89
N LEU C 178 17.23 18.01 -32.48
CA LEU C 178 18.59 17.63 -32.10
C LEU C 178 18.62 16.80 -30.81
N GLY C 179 17.86 17.23 -29.80
CA GLY C 179 17.76 16.49 -28.54
C GLY C 179 17.25 15.08 -28.75
N ALA C 180 16.23 14.95 -29.60
CA ALA C 180 15.60 13.66 -29.87
C ALA C 180 16.54 12.63 -30.52
N MET C 181 17.64 13.10 -31.09
CA MET C 181 18.66 12.20 -31.65
C MET C 181 19.19 11.19 -30.64
N GLY C 182 19.14 11.56 -29.36
CA GLY C 182 19.49 10.65 -28.27
C GLY C 182 18.69 9.36 -28.32
N TYR C 183 17.42 9.45 -28.68
CA TYR C 183 16.58 8.26 -28.74
C TYR C 183 16.51 7.54 -30.07
N VAL C 184 16.92 8.23 -31.14
CA VAL C 184 17.22 7.57 -32.39
C VAL C 184 18.36 6.58 -32.13
N GLU C 185 19.42 7.06 -31.48
CA GLU C 185 20.60 6.24 -31.20
C GLU C 185 20.28 5.10 -30.22
N SER C 186 19.40 5.38 -29.26
CA SER C 186 18.97 4.38 -28.27
C SER C 186 18.25 3.19 -28.93
N ALA C 187 17.56 3.45 -30.04
CA ALA C 187 16.89 2.40 -30.80
C ALA C 187 17.87 1.36 -31.33
N LEU C 188 19.07 1.81 -31.70
CA LEU C 188 20.15 0.92 -32.12
C LEU C 188 20.64 0.02 -30.98
N GLU C 189 20.76 0.59 -29.78
CA GLU C 189 21.08 -0.18 -28.58
C GLU C 189 20.06 -1.31 -28.37
N ILE C 190 18.78 -0.93 -28.42
CA ILE C 190 17.69 -1.87 -28.21
C ILE C 190 17.73 -2.98 -29.25
N ALA C 191 17.85 -2.59 -30.53
CA ALA C 191 17.92 -3.56 -31.63
C ALA C 191 19.04 -4.56 -31.43
N GLN C 192 20.22 -4.06 -31.06
CA GLN C 192 21.38 -4.91 -30.83
C GLN C 192 21.22 -5.82 -29.61
N GLN C 193 20.64 -5.29 -28.54
CA GLN C 193 20.43 -6.06 -27.32
C GLN C 193 19.36 -7.15 -27.44
N CYS C 194 18.41 -6.97 -28.37
CA CYS C 194 17.31 -7.92 -28.54
C CYS C 194 17.62 -9.11 -29.45
N GLU C 195 18.57 -8.94 -30.38
CA GLU C 195 19.00 -10.02 -31.28
C GLU C 195 19.42 -11.27 -30.51
N GLU C 196 18.91 -12.42 -30.96
CA GLU C 196 19.17 -13.73 -30.33
C GLU C 196 18.75 -13.80 -28.86
N VAL C 197 17.99 -12.79 -28.42
CA VAL C 197 17.48 -12.73 -27.05
C VAL C 197 15.96 -12.78 -27.04
N VAL C 198 15.32 -11.82 -27.71
CA VAL C 198 13.86 -11.74 -27.73
C VAL C 198 13.28 -11.12 -29.00
N GLY C 199 12.26 -11.80 -29.55
CA GLY C 199 11.47 -11.26 -30.66
C GLY C 199 10.36 -10.38 -30.12
N LEU C 200 10.63 -9.07 -30.05
CA LEU C 200 9.70 -8.09 -29.50
C LEU C 200 8.48 -7.86 -30.38
N SER C 201 7.32 -7.69 -29.76
CA SER C 201 6.11 -7.34 -30.45
CA SER C 201 6.11 -7.34 -30.45
C SER C 201 5.77 -5.87 -30.23
N SER C 202 5.95 -5.40 -29.01
CA SER C 202 5.59 -4.04 -28.64
C SER C 202 6.63 -3.36 -27.76
N VAL C 203 6.64 -2.03 -27.84
CA VAL C 203 7.48 -1.18 -26.98
C VAL C 203 6.56 -0.12 -26.38
N VAL C 204 6.71 0.09 -25.07
CA VAL C 204 5.91 1.08 -24.36
C VAL C 204 6.83 2.15 -23.76
N VAL C 205 6.45 3.41 -23.96
CA VAL C 205 7.19 4.57 -23.44
C VAL C 205 6.24 5.70 -23.07
N ALA C 206 6.58 6.45 -22.02
CA ALA C 206 5.86 7.67 -21.67
C ALA C 206 6.04 8.73 -22.77
N SER C 207 4.97 9.48 -23.03
CA SER C 207 4.99 10.49 -24.10
C SER C 207 4.59 11.86 -23.56
N GLY C 208 5.58 12.74 -23.39
CA GLY C 208 5.36 14.06 -22.84
C GLY C 208 5.73 15.15 -23.83
N SER C 209 6.89 15.78 -23.62
CA SER C 209 7.37 16.82 -24.54
C SER C 209 7.70 16.27 -25.93
N ALA C 210 7.66 14.94 -26.07
CA ALA C 210 7.63 14.21 -27.35
C ALA C 210 8.97 13.69 -27.88
N GLY C 211 10.07 14.26 -27.43
CA GLY C 211 11.42 13.88 -27.90
C GLY C 211 11.73 12.40 -27.86
N THR C 212 11.46 11.76 -26.72
CA THR C 212 11.73 10.34 -26.53
C THR C 212 10.88 9.47 -27.46
N HIS C 213 9.59 9.77 -27.51
CA HIS C 213 8.65 9.06 -28.38
C HIS C 213 9.07 9.19 -29.82
N ALA C 214 9.22 10.42 -30.28
CA ALA C 214 9.52 10.73 -31.68
C ALA C 214 10.89 10.20 -32.08
N GLY C 215 11.87 10.37 -31.19
CA GLY C 215 13.20 9.81 -31.39
C GLY C 215 13.18 8.31 -31.59
N LEU C 216 12.48 7.60 -30.71
CA LEU C 216 12.31 6.14 -30.84
C LEU C 216 11.49 5.76 -32.08
N ALA C 217 10.49 6.56 -32.41
CA ALA C 217 9.65 6.31 -33.58
C ALA C 217 10.48 6.24 -34.85
N VAL C 218 11.34 7.24 -35.05
CA VAL C 218 12.21 7.34 -36.23
C VAL C 218 13.23 6.21 -36.21
N GLY C 219 13.90 6.03 -35.07
CA GLY C 219 14.88 4.96 -34.91
C GLY C 219 14.31 3.57 -35.10
N LEU C 220 13.11 3.34 -34.56
CA LEU C 220 12.50 2.02 -34.60
C LEU C 220 11.89 1.67 -35.96
N GLU C 221 11.35 2.66 -36.67
CA GLU C 221 10.87 2.46 -38.03
C GLU C 221 12.01 1.96 -38.93
N HIS C 222 13.17 2.62 -38.81
CA HIS C 222 14.35 2.26 -39.58
C HIS C 222 14.98 0.94 -39.21
N LEU C 223 14.99 0.61 -37.92
CA LEU C 223 15.75 -0.55 -37.43
C LEU C 223 14.96 -1.78 -36.99
N MET C 224 13.74 -1.56 -36.50
CA MET C 224 12.87 -2.66 -36.03
C MET C 224 11.42 -2.49 -36.50
N PRO C 225 11.20 -2.31 -37.82
CA PRO C 225 9.90 -1.86 -38.34
C PRO C 225 8.69 -2.74 -38.02
N ASP C 226 8.92 -3.98 -37.62
CA ASP C 226 7.84 -4.90 -37.22
C ASP C 226 7.28 -4.64 -35.80
N VAL C 227 8.02 -3.88 -35.00
CA VAL C 227 7.64 -3.65 -33.60
C VAL C 227 6.67 -2.48 -33.47
N GLU C 228 5.60 -2.68 -32.72
CA GLU C 228 4.63 -1.62 -32.45
C GLU C 228 5.11 -0.74 -31.29
N LEU C 229 5.23 0.56 -31.54
CA LEU C 229 5.62 1.51 -30.51
C LEU C 229 4.41 2.28 -29.98
N ILE C 230 4.16 2.14 -28.68
CA ILE C 230 3.03 2.82 -28.03
C ILE C 230 3.52 3.92 -27.10
N GLY C 231 3.03 5.14 -27.33
CA GLY C 231 3.27 6.24 -26.40
C GLY C 231 2.09 6.41 -25.47
N VAL C 232 2.34 6.30 -24.16
CA VAL C 232 1.32 6.61 -23.15
C VAL C 232 1.48 8.07 -22.79
N THR C 233 0.47 8.89 -23.09
CA THR C 233 0.56 10.33 -22.85
C THR C 233 0.55 10.61 -21.35
N VAL C 234 1.24 11.68 -20.95
CA VAL C 234 1.33 12.05 -19.55
C VAL C 234 0.82 13.47 -19.30
N SER C 235 0.39 14.15 -20.35
CA SER C 235 -0.02 15.56 -20.23
C SER C 235 -1.17 15.97 -21.13
N ARG C 236 -1.39 15.23 -22.22
CA ARG C 236 -2.31 15.64 -23.28
C ARG C 236 -3.14 14.48 -23.84
N SER C 237 -4.29 14.82 -24.43
CA SER C 237 -5.12 13.84 -25.13
C SER C 237 -4.41 13.38 -26.42
N VAL C 238 -4.91 12.29 -27.00
CA VAL C 238 -4.43 11.79 -28.29
C VAL C 238 -4.41 12.88 -29.37
N ALA C 239 -5.51 13.64 -29.45
CA ALA C 239 -5.67 14.70 -30.46
C ALA C 239 -4.72 15.88 -30.27
N GLU C 240 -4.30 16.12 -29.03
CA GLU C 240 -3.35 17.19 -28.72
C GLU C 240 -1.90 16.74 -28.94
N GLN C 241 -1.63 15.47 -28.62
CA GLN C 241 -0.26 14.93 -28.63
C GLN C 241 0.21 14.41 -30.00
N LYS C 242 -0.71 13.84 -30.77
CA LYS C 242 -0.36 13.25 -32.07
C LYS C 242 0.26 14.24 -33.08
N PRO C 243 -0.28 15.48 -33.18
CA PRO C 243 0.37 16.46 -34.06
C PRO C 243 1.78 16.85 -33.60
N LYS C 244 2.01 16.90 -32.29
CA LYS C 244 3.33 17.24 -31.74
C LYS C 244 4.36 16.14 -31.98
N VAL C 245 3.96 14.88 -31.80
CA VAL C 245 4.85 13.73 -32.02
C VAL C 245 5.18 13.56 -33.50
N ILE C 246 4.17 13.73 -34.36
CA ILE C 246 4.37 13.70 -35.81
C ILE C 246 5.28 14.84 -36.28
N ALA C 247 5.00 16.06 -35.84
CA ALA C 247 5.79 17.23 -36.23
C ALA C 247 7.26 17.11 -35.85
N LEU C 248 7.52 16.49 -34.70
CA LEU C 248 8.88 16.24 -34.26
C LEU C 248 9.51 15.06 -35.02
N GLN C 249 8.72 13.99 -35.20
CA GLN C 249 9.12 12.83 -36.00
C GLN C 249 9.59 13.27 -37.40
N GLN C 250 8.88 14.23 -37.98
CA GLN C 250 9.19 14.74 -39.33
C GLN C 250 10.41 15.66 -39.32
N ALA C 251 10.49 16.51 -38.30
CA ALA C 251 11.65 17.39 -38.11
C ALA C 251 12.93 16.57 -37.93
N ILE C 252 12.84 15.51 -37.14
CA ILE C 252 13.96 14.56 -36.94
C ILE C 252 14.36 13.94 -38.28
N ALA C 253 13.36 13.45 -39.00
CA ALA C 253 13.56 12.86 -40.33
C ALA C 253 14.28 13.82 -41.27
N GLY C 254 13.83 15.08 -41.28
CA GLY C 254 14.43 16.12 -42.11
C GLY C 254 15.88 16.43 -41.78
N GLN C 255 16.22 16.31 -40.49
CA GLN C 255 17.58 16.53 -40.02
C GLN C 255 18.51 15.39 -40.43
N LEU C 256 17.99 14.18 -40.45
CA LEU C 256 18.77 13.00 -40.81
C LEU C 256 18.72 12.70 -42.30
N ALA C 257 18.03 13.58 -43.03
CA ALA C 257 17.72 13.38 -44.46
C ALA C 257 17.11 11.99 -44.70
N LEU C 258 16.11 11.66 -43.89
CA LEU C 258 15.42 10.37 -43.95
C LEU C 258 13.90 10.58 -44.08
N THR C 259 13.16 9.51 -44.37
CA THR C 259 11.71 9.59 -44.43
C THR C 259 11.04 8.68 -43.40
N ALA C 260 10.25 9.29 -42.52
CA ALA C 260 9.51 8.54 -41.51
C ALA C 260 8.02 8.53 -41.82
N THR C 261 7.50 7.34 -42.15
CA THR C 261 6.11 7.18 -42.57
C THR C 261 5.24 6.51 -41.50
N ALA C 262 5.89 5.75 -40.61
CA ALA C 262 5.17 4.93 -39.62
C ALA C 262 4.14 5.72 -38.83
N ASP C 263 3.00 5.09 -38.58
CA ASP C 263 1.95 5.69 -37.77
C ASP C 263 2.40 5.85 -36.33
N ILE C 264 2.00 6.96 -35.72
CA ILE C 264 2.21 7.19 -34.30
C ILE C 264 1.02 6.63 -33.53
N HIS C 265 1.30 5.86 -32.49
CA HIS C 265 0.26 5.28 -31.63
C HIS C 265 0.35 5.82 -30.24
N LEU C 266 -0.78 6.35 -29.76
CA LEU C 266 -0.84 6.95 -28.43
C LEU C 266 -2.03 6.42 -27.65
N TRP C 267 -1.83 6.15 -26.36
CA TRP C 267 -2.94 5.86 -25.45
C TRP C 267 -3.03 6.97 -24.43
N ASP C 268 -4.18 7.61 -24.33
CA ASP C 268 -4.33 8.80 -23.47
C ASP C 268 -5.19 8.59 -22.23
N ASP C 269 -5.48 7.34 -21.90
CA ASP C 269 -6.44 7.00 -20.84
C ASP C 269 -5.84 6.99 -19.44
N TYR C 270 -4.55 7.29 -19.33
CA TYR C 270 -3.80 6.94 -18.12
C TYR C 270 -3.11 8.11 -17.40
N PHE C 271 -3.49 9.34 -17.70
CA PHE C 271 -2.81 10.48 -17.09
C PHE C 271 -3.70 11.41 -16.27
N ALA C 272 -5.01 11.15 -16.29
CA ALA C 272 -5.99 12.00 -15.58
C ALA C 272 -5.63 12.13 -14.10
N PRO C 273 -5.86 13.31 -13.50
CA PRO C 273 -6.53 14.49 -14.06
C PRO C 273 -5.59 15.48 -14.76
N GLY C 274 -4.35 15.05 -15.05
CA GLY C 274 -3.43 15.91 -15.81
C GLY C 274 -1.98 15.76 -15.47
N TYR C 275 -1.13 16.52 -16.17
CA TYR C 275 0.31 16.47 -15.97
C TYR C 275 0.71 16.75 -14.52
N GLY C 276 1.60 15.90 -14.00
CA GLY C 276 2.21 16.14 -12.70
C GLY C 276 1.32 15.85 -11.51
N VAL C 277 0.14 15.29 -11.77
CA VAL C 277 -0.75 14.86 -10.70
C VAL C 277 -0.74 13.35 -10.69
N PRO C 278 -0.37 12.74 -9.55
CA PRO C 278 -0.38 11.28 -9.49
C PRO C 278 -1.81 10.76 -9.59
N ASN C 279 -1.96 9.54 -10.08
CA ASN C 279 -3.24 8.85 -9.99
C ASN C 279 -3.10 7.46 -9.44
N ASP C 280 -4.23 6.83 -9.13
CA ASP C 280 -4.21 5.57 -8.41
C ASP C 280 -3.62 4.41 -9.19
N ALA C 281 -3.97 4.29 -10.48
CA ALA C 281 -3.41 3.24 -11.32
C ALA C 281 -1.89 3.41 -11.45
N GLY C 282 -1.46 4.66 -11.56
CA GLY C 282 -0.04 4.98 -11.66
C GLY C 282 0.72 4.62 -10.41
N MET C 283 0.17 4.99 -9.25
CA MET C 283 0.80 4.66 -7.98
C MET C 283 0.77 3.16 -7.70
N GLU C 284 -0.29 2.49 -8.12
CA GLU C 284 -0.34 1.03 -8.01
C GLU C 284 0.65 0.34 -8.94
N ALA C 285 0.91 0.93 -10.10
CA ALA C 285 1.97 0.44 -10.98
C ALA C 285 3.36 0.60 -10.34
N VAL C 286 3.60 1.75 -9.71
CA VAL C 286 4.82 2.00 -8.94
C VAL C 286 5.00 0.92 -7.87
N LYS C 287 3.94 0.66 -7.12
CA LYS C 287 3.99 -0.33 -6.05
C LYS C 287 4.25 -1.74 -6.60
N LEU C 288 3.62 -2.07 -7.73
CA LEU C 288 3.78 -3.38 -8.36
C LEU C 288 5.22 -3.65 -8.82
N LEU C 289 5.84 -2.67 -9.46
CA LEU C 289 7.20 -2.82 -9.96
C LEU C 289 8.22 -2.88 -8.83
N ALA C 290 8.00 -2.07 -7.79
CA ALA C 290 8.88 -2.08 -6.63
C ALA C 290 8.81 -3.42 -5.89
N SER C 291 7.59 -3.91 -5.61
CA SER C 291 7.42 -5.14 -4.84
C SER C 291 7.74 -6.42 -5.60
N LEU C 292 7.53 -6.42 -6.92
CA LEU C 292 7.78 -7.63 -7.72
C LEU C 292 9.19 -7.67 -8.30
N GLU C 293 9.76 -6.51 -8.58
CA GLU C 293 11.03 -6.45 -9.30
C GLU C 293 12.13 -5.63 -8.63
N GLY C 294 11.77 -4.93 -7.55
CA GLY C 294 12.72 -4.03 -6.87
C GLY C 294 13.09 -2.85 -7.75
N VAL C 295 12.22 -2.54 -8.71
CA VAL C 295 12.45 -1.46 -9.66
C VAL C 295 11.61 -0.25 -9.27
N LEU C 296 12.19 0.94 -9.35
CA LEU C 296 11.50 2.15 -8.92
C LEU C 296 11.01 3.03 -10.07
N LEU C 297 9.70 3.13 -10.23
CA LEU C 297 9.08 4.03 -11.21
C LEU C 297 8.82 5.38 -10.56
N ASP C 298 7.99 6.20 -11.18
CA ASP C 298 7.69 7.53 -10.63
C ASP C 298 6.23 7.90 -10.85
N PRO C 299 5.71 8.87 -10.06
CA PRO C 299 4.29 9.18 -10.15
C PRO C 299 3.85 10.01 -11.37
N VAL C 300 4.79 10.68 -12.02
CA VAL C 300 4.45 11.61 -13.10
C VAL C 300 4.52 10.95 -14.48
N TYR C 301 5.53 10.13 -14.70
CA TYR C 301 5.81 9.58 -16.02
C TYR C 301 5.68 8.08 -16.13
N THR C 302 6.65 7.36 -15.57
CA THR C 302 6.77 5.91 -15.77
C THR C 302 5.69 5.09 -15.09
N GLY C 303 5.19 5.54 -13.95
CA GLY C 303 4.08 4.90 -13.27
C GLY C 303 2.83 4.92 -14.13
N LYS C 304 2.53 6.08 -14.71
CA LYS C 304 1.40 6.24 -15.63
C LYS C 304 1.59 5.40 -16.89
N ALA C 305 2.79 5.47 -17.49
CA ALA C 305 3.14 4.64 -18.64
C ALA C 305 2.99 3.14 -18.37
N MET C 306 3.43 2.68 -17.19
CA MET C 306 3.33 1.26 -16.83
C MET C 306 1.88 0.85 -16.56
N ALA C 307 1.10 1.76 -16.00
CA ALA C 307 -0.33 1.53 -15.80
C ALA C 307 -1.00 1.34 -17.16
N GLY C 308 -0.53 2.11 -18.15
CA GLY C 308 -0.97 1.96 -19.54
C GLY C 308 -0.64 0.59 -20.11
N LEU C 309 0.59 0.12 -19.88
CA LEU C 309 1.02 -1.21 -20.30
C LEU C 309 0.14 -2.31 -19.72
N ILE C 310 -0.09 -2.23 -18.41
CA ILE C 310 -0.87 -3.22 -17.68
C ILE C 310 -2.29 -3.27 -18.25
N ASP C 311 -2.92 -2.11 -18.38
CA ASP C 311 -4.26 -2.03 -18.95
C ASP C 311 -4.29 -2.51 -20.40
N GLY C 312 -3.20 -2.25 -21.12
CA GLY C 312 -3.04 -2.73 -22.49
C GLY C 312 -3.19 -4.23 -22.60
N ILE C 313 -2.61 -4.95 -21.64
CA ILE C 313 -2.67 -6.41 -21.60
C ILE C 313 -4.09 -6.90 -21.29
N SER C 314 -4.70 -6.28 -20.28
CA SER C 314 -6.05 -6.66 -19.84
C SER C 314 -7.12 -6.38 -20.89
N GLN C 315 -7.02 -5.22 -21.53
CA GLN C 315 -7.99 -4.81 -22.56
C GLN C 315 -7.57 -5.24 -23.97
N LYS C 316 -6.54 -6.08 -24.07
CA LYS C 316 -6.02 -6.57 -25.34
C LYS C 316 -5.86 -5.44 -26.35
N ARG C 317 -5.13 -4.40 -25.96
CA ARG C 317 -4.94 -3.22 -26.78
C ARG C 317 -3.74 -3.35 -27.70
N PHE C 318 -2.84 -4.28 -27.38
CA PHE C 318 -1.64 -4.50 -28.18
C PHE C 318 -1.97 -5.24 -29.47
N ASN C 319 -1.07 -5.13 -30.46
CA ASN C 319 -1.25 -5.78 -31.75
C ASN C 319 -1.36 -7.30 -31.63
N ASP C 320 -0.56 -7.89 -30.73
CA ASP C 320 -0.65 -9.32 -30.44
C ASP C 320 -0.20 -9.70 -29.02
N ASP C 321 -0.05 -11.00 -28.78
CA ASP C 321 0.23 -11.57 -27.46
C ASP C 321 1.71 -11.57 -27.08
N GLY C 322 2.56 -11.02 -27.94
CA GLY C 322 4.01 -11.19 -27.80
C GLY C 322 4.68 -10.27 -26.78
N PRO C 323 6.02 -10.37 -26.66
CA PRO C 323 6.80 -9.66 -25.65
C PRO C 323 6.70 -8.16 -25.74
N ILE C 324 6.64 -7.50 -24.59
CA ILE C 324 6.62 -6.05 -24.51
C ILE C 324 7.90 -5.55 -23.84
N LEU C 325 8.49 -4.51 -24.41
CA LEU C 325 9.62 -3.83 -23.79
C LEU C 325 9.16 -2.48 -23.26
N PHE C 326 9.29 -2.31 -21.95
CA PHE C 326 9.01 -1.03 -21.31
C PHE C 326 10.30 -0.21 -21.27
N ILE C 327 10.23 1.02 -21.74
CA ILE C 327 11.37 1.93 -21.68
C ILE C 327 11.31 2.66 -20.34
N HIS C 328 12.23 2.34 -19.45
CA HIS C 328 12.31 3.07 -18.18
C HIS C 328 13.06 4.36 -18.31
N THR C 329 12.31 5.45 -18.44
CA THR C 329 12.88 6.77 -18.68
C THR C 329 13.36 7.48 -17.41
N GLY C 330 13.10 6.88 -16.25
CA GLY C 330 13.56 7.41 -14.95
C GLY C 330 12.51 8.03 -14.06
N GLY C 331 12.86 9.18 -13.46
CA GLY C 331 11.93 10.00 -12.71
C GLY C 331 11.80 9.74 -11.22
N ALA C 332 12.48 8.71 -10.72
CA ALA C 332 12.34 8.28 -9.32
C ALA C 332 12.59 9.36 -8.22
N PRO C 333 13.51 10.32 -8.45
CA PRO C 333 13.65 11.38 -7.43
C PRO C 333 12.34 12.11 -7.08
N ALA C 334 11.39 12.13 -8.03
CA ALA C 334 10.06 12.70 -7.77
C ALA C 334 9.24 11.96 -6.71
N LEU C 335 9.54 10.70 -6.44
CA LEU C 335 8.83 9.96 -5.39
C LEU C 335 8.94 10.69 -4.05
N PHE C 336 10.10 11.29 -3.80
CA PHE C 336 10.37 11.95 -2.52
C PHE C 336 9.74 13.32 -2.43
N ALA C 337 9.48 13.94 -3.58
CA ALA C 337 8.80 15.22 -3.63
C ALA C 337 7.28 15.08 -3.50
N TYR C 338 6.73 14.00 -4.08
CA TYR C 338 5.28 13.77 -4.07
C TYR C 338 4.77 13.20 -2.74
N HIS C 339 5.68 12.63 -1.96
CA HIS C 339 5.35 12.10 -0.63
C HIS C 339 5.20 13.24 0.35
N PRO C 340 4.20 13.18 1.25
CA PRO C 340 3.13 12.18 1.37
C PRO C 340 1.94 12.42 0.44
N HIS C 341 1.74 13.69 0.05
CA HIS C 341 0.70 14.09 -0.87
C HIS C 341 1.03 15.42 -1.49
N VAL C 342 0.32 15.70 -2.59
N VAL C 342 0.29 15.82 -2.52
CA VAL C 342 0.38 16.94 -3.36
CA VAL C 342 0.42 17.17 -3.07
C VAL C 342 1.77 17.58 -3.46
C VAL C 342 -0.88 17.95 -3.02
N MET D 15 45.77 -13.40 -9.21
CA MET D 15 46.57 -14.53 -8.66
C MET D 15 46.46 -14.67 -7.14
N PRO D 16 46.81 -13.61 -6.37
CA PRO D 16 46.79 -13.81 -4.91
C PRO D 16 45.38 -13.94 -4.33
N LEU D 17 44.37 -13.43 -5.04
CA LEU D 17 42.98 -13.43 -4.55
C LEU D 17 42.10 -14.48 -5.23
N HIS D 18 42.72 -15.51 -5.79
CA HIS D 18 42.02 -16.55 -6.57
C HIS D 18 41.01 -17.36 -5.79
N HIS D 19 41.16 -17.42 -4.47
CA HIS D 19 40.20 -18.12 -3.61
C HIS D 19 38.86 -17.43 -3.51
N LEU D 20 38.75 -16.24 -4.08
CA LEU D 20 37.47 -15.52 -4.20
C LEU D 20 36.42 -16.30 -5.00
N THR D 21 36.87 -16.96 -6.06
CA THR D 21 36.04 -17.96 -6.75
C THR D 21 35.90 -19.13 -5.78
N ARG D 22 34.80 -19.87 -5.87
CA ARG D 22 34.41 -20.87 -4.87
C ARG D 22 33.30 -20.31 -4.00
N PHE D 23 33.45 -19.06 -3.55
CA PHE D 23 32.35 -18.35 -2.91
C PHE D 23 31.27 -18.08 -3.97
N PRO D 24 30.08 -18.68 -3.78
CA PRO D 24 29.01 -18.39 -4.74
C PRO D 24 28.60 -16.93 -4.62
N ARG D 25 28.27 -16.31 -5.75
CA ARG D 25 27.80 -14.93 -5.72
C ARG D 25 26.76 -14.70 -6.80
N LEU D 26 25.76 -13.88 -6.49
CA LEU D 26 24.74 -13.50 -7.46
C LEU D 26 25.24 -12.30 -8.25
N GLU D 27 24.67 -12.07 -9.44
CA GLU D 27 25.07 -10.93 -10.24
C GLU D 27 24.04 -9.80 -10.18
N PHE D 28 24.33 -8.80 -9.34
CA PHE D 28 23.47 -7.64 -9.17
C PHE D 28 24.07 -6.41 -9.86
N ILE D 29 25.35 -6.48 -10.18
CA ILE D 29 26.07 -5.33 -10.75
C ILE D 29 26.45 -5.58 -12.21
N GLY D 30 27.15 -6.67 -12.47
CA GLY D 30 27.65 -6.97 -13.81
C GLY D 30 29.00 -6.34 -14.06
N ALA D 31 29.05 -5.42 -15.02
CA ALA D 31 30.30 -4.75 -15.40
C ALA D 31 30.90 -3.93 -14.25
N PRO D 32 32.23 -3.79 -14.22
CA PRO D 32 32.86 -2.94 -13.21
C PRO D 32 32.29 -1.52 -13.26
N THR D 33 32.11 -0.91 -12.09
CA THR D 33 31.57 0.45 -11.99
C THR D 33 32.64 1.46 -12.44
N PRO D 34 32.20 2.64 -12.94
CA PRO D 34 33.15 3.66 -13.42
C PRO D 34 34.19 4.07 -12.40
N LEU D 35 35.40 4.35 -12.88
CA LEU D 35 36.40 5.03 -12.09
C LEU D 35 36.78 6.27 -12.88
N GLU D 36 36.42 7.44 -12.35
CA GLU D 36 36.44 8.69 -13.11
C GLU D 36 37.37 9.71 -12.50
N TYR D 37 38.04 10.48 -13.35
CA TYR D 37 38.77 11.66 -12.90
C TYR D 37 37.78 12.77 -12.59
N LEU D 38 38.05 13.54 -11.53
CA LEU D 38 37.23 14.69 -11.18
C LEU D 38 38.03 15.97 -11.41
N PRO D 39 38.02 16.49 -12.66
CA PRO D 39 38.92 17.60 -13.01
C PRO D 39 38.63 18.92 -12.29
N ARG D 40 37.36 19.23 -12.04
CA ARG D 40 36.99 20.50 -11.41
C ARG D 40 37.32 20.47 -9.92
N LEU D 41 36.98 19.36 -9.26
CA LEU D 41 37.36 19.17 -7.86
C LEU D 41 38.88 19.19 -7.69
N SER D 42 39.58 18.50 -8.58
CA SER D 42 41.05 18.41 -8.55
C SER D 42 41.68 19.81 -8.69
N ASP D 43 41.17 20.58 -9.64
CA ASP D 43 41.60 21.97 -9.84
C ASP D 43 41.40 22.79 -8.56
N TYR D 44 40.25 22.61 -7.91
CA TYR D 44 39.96 23.33 -6.68
C TYR D 44 40.88 22.90 -5.53
N LEU D 45 41.10 21.59 -5.37
CA LEU D 45 41.85 21.08 -4.22
C LEU D 45 43.35 21.13 -4.39
N GLY D 46 43.81 21.31 -5.63
CA GLY D 46 45.25 21.36 -5.95
C GLY D 46 45.90 19.99 -5.92
N ARG D 47 45.09 18.96 -6.16
CA ARG D 47 45.47 17.57 -5.98
C ARG D 47 44.64 16.73 -6.95
N GLU D 48 45.24 15.72 -7.57
CA GLU D 48 44.50 14.81 -8.46
C GLU D 48 43.53 13.94 -7.66
N ILE D 49 42.24 14.04 -7.98
CA ILE D 49 41.20 13.27 -7.30
C ILE D 49 40.44 12.41 -8.30
N TYR D 50 40.34 11.11 -7.98
CA TYR D 50 39.56 10.17 -8.76
C TYR D 50 38.42 9.66 -7.90
N ILE D 51 37.40 9.11 -8.54
CA ILE D 51 36.24 8.60 -7.80
C ILE D 51 35.80 7.24 -8.35
N LYS D 52 35.60 6.30 -7.43
CA LYS D 52 35.07 4.99 -7.79
C LYS D 52 33.58 5.04 -7.55
N ARG D 53 32.81 4.86 -8.63
CA ARG D 53 31.39 5.15 -8.62
C ARG D 53 30.56 3.94 -8.22
N ASP D 54 30.71 3.49 -6.97
CA ASP D 54 29.92 2.36 -6.51
C ASP D 54 28.49 2.80 -6.18
N ASP D 55 28.24 4.10 -6.30
CA ASP D 55 26.90 4.68 -6.16
C ASP D 55 26.04 4.40 -7.39
N VAL D 56 26.70 4.00 -8.47
CA VAL D 56 26.06 3.77 -9.76
C VAL D 56 25.95 2.27 -10.00
N THR D 57 24.96 1.67 -9.35
CA THR D 57 24.62 0.27 -9.59
C THR D 57 23.13 0.19 -9.91
N PRO D 58 22.69 -0.87 -10.62
CA PRO D 58 21.34 -0.83 -11.21
C PRO D 58 20.18 -0.96 -10.22
N ILE D 59 20.43 -1.46 -9.01
CA ILE D 59 19.32 -1.80 -8.11
C ILE D 59 18.95 -0.72 -7.10
N ALA D 60 17.72 -0.24 -7.22
CA ALA D 60 17.10 0.67 -6.23
C ALA D 60 18.04 1.77 -5.72
N MET D 61 18.57 2.55 -6.65
CA MET D 61 19.41 3.73 -6.35
C MET D 61 20.83 3.42 -5.87
N GLY D 62 21.22 2.15 -5.96
CA GLY D 62 22.63 1.75 -5.89
C GLY D 62 23.31 1.81 -4.52
N GLY D 63 24.61 1.56 -4.51
CA GLY D 63 25.40 1.68 -3.30
C GLY D 63 26.31 0.49 -2.99
N ASN D 64 27.19 0.72 -2.03
CA ASN D 64 28.19 -0.28 -1.65
C ASN D 64 27.60 -1.58 -1.12
N LEU D 66 25.17 -3.31 -2.05
CA LEU D 66 24.84 -4.26 -3.11
CA LEU D 66 24.84 -4.26 -3.11
C LEU D 66 25.98 -5.26 -3.36
N ARG D 67 27.22 -4.78 -3.29
CA ARG D 67 28.39 -5.64 -3.47
C ARG D 67 28.43 -6.76 -2.44
N LYS D 68 28.13 -6.41 -1.19
CA LYS D 68 28.07 -7.40 -0.11
C LYS D 68 26.92 -8.38 -0.31
N LEU D 69 25.77 -7.85 -0.70
CA LEU D 69 24.56 -8.64 -0.92
C LEU D 69 24.72 -9.75 -1.97
N GLU D 70 25.54 -9.51 -3.00
CA GLU D 70 25.84 -10.55 -4.00
C GLU D 70 26.28 -11.84 -3.33
N PHE D 71 27.16 -11.71 -2.32
CA PHE D 71 27.69 -12.86 -1.59
C PHE D 71 26.72 -13.38 -0.53
N LEU D 72 26.14 -12.44 0.23
CA LEU D 72 25.23 -12.80 1.33
C LEU D 72 23.95 -13.49 0.84
N VAL D 73 23.34 -12.95 -0.21
CA VAL D 73 22.08 -13.52 -0.72
C VAL D 73 22.30 -14.86 -1.43
N ALA D 74 23.44 -15.00 -2.09
CA ALA D 74 23.85 -16.29 -2.67
C ALA D 74 23.91 -17.36 -1.59
N ASP D 75 24.49 -16.99 -0.44
CA ASP D 75 24.57 -17.86 0.72
C ASP D 75 23.18 -18.21 1.24
N ALA D 76 22.30 -17.20 1.29
CA ALA D 76 20.91 -17.40 1.73
C ALA D 76 20.20 -18.43 0.87
N LEU D 77 20.30 -18.26 -0.46
CA LEU D 77 19.68 -19.19 -1.41
C LEU D 77 20.25 -20.59 -1.32
N ARG D 78 21.57 -20.70 -1.10
CA ARG D 78 22.23 -21.98 -0.88
C ARG D 78 21.65 -22.73 0.33
N GLU D 79 21.33 -21.98 1.39
CA GLU D 79 20.74 -22.54 2.60
CA GLU D 79 20.75 -22.57 2.59
C GLU D 79 19.25 -22.82 2.45
N GLY D 80 18.67 -22.36 1.34
CA GLY D 80 17.24 -22.54 1.07
C GLY D 80 16.34 -21.54 1.80
N ALA D 81 16.90 -20.38 2.14
CA ALA D 81 16.14 -19.35 2.83
C ALA D 81 15.11 -18.71 1.91
N ASP D 82 13.98 -18.31 2.49
CA ASP D 82 12.95 -17.59 1.74
C ASP D 82 12.66 -16.21 2.33
N THR D 83 13.40 -15.86 3.38
CA THR D 83 13.23 -14.60 4.09
C THR D 83 14.60 -14.01 4.49
N LEU D 84 14.79 -12.74 4.20
CA LEU D 84 15.99 -12.02 4.65
C LEU D 84 15.63 -11.13 5.83
N ILE D 85 16.43 -11.21 6.89
CA ILE D 85 16.22 -10.37 8.07
C ILE D 85 17.48 -9.56 8.32
N THR D 86 17.30 -8.24 8.47
CA THR D 86 18.41 -7.36 8.79
C THR D 86 17.97 -6.16 9.63
N ALA D 87 18.92 -5.32 10.00
CA ALA D 87 18.65 -4.21 10.89
C ALA D 87 19.45 -2.98 10.49
N GLY D 88 18.97 -1.82 10.93
CA GLY D 88 19.68 -0.56 10.72
C GLY D 88 18.87 0.64 11.18
N ALA D 89 19.41 1.83 10.92
CA ALA D 89 18.66 3.07 11.16
C ALA D 89 17.46 3.15 10.22
N ILE D 90 16.49 4.00 10.56
CA ILE D 90 15.31 4.22 9.71
C ILE D 90 15.73 4.56 8.29
N GLN D 91 16.82 5.34 8.16
CA GLN D 91 17.32 5.78 6.85
C GLN D 91 18.49 4.96 6.31
N SER D 92 18.60 3.72 6.78
CA SER D 92 19.64 2.78 6.37
C SER D 92 19.64 2.52 4.86
N ASN D 93 20.80 2.72 4.21
CA ASN D 93 20.94 2.32 2.82
C ASN D 93 20.97 0.80 2.68
N HIS D 94 21.59 0.14 3.66
CA HIS D 94 21.68 -1.31 3.67
C HIS D 94 20.34 -1.97 3.68
N VAL D 95 19.45 -1.48 4.55
CA VAL D 95 18.09 -2.02 4.67
C VAL D 95 17.34 -1.82 3.36
N ARG D 96 17.50 -0.64 2.75
CA ARG D 96 16.85 -0.33 1.48
C ARG D 96 17.34 -1.24 0.33
N GLN D 97 18.64 -1.46 0.26
CA GLN D 97 19.20 -2.34 -0.77
C GLN D 97 18.83 -3.81 -0.55
N THR D 98 18.83 -4.25 0.72
CA THR D 98 18.41 -5.60 1.07
C THR D 98 16.95 -5.83 0.67
N ALA D 99 16.10 -4.85 0.98
CA ALA D 99 14.67 -4.93 0.68
C ALA D 99 14.41 -4.99 -0.81
N ALA D 100 15.18 -4.22 -1.59
CA ALA D 100 15.06 -4.23 -3.04
C ALA D 100 15.45 -5.57 -3.66
N VAL D 101 16.55 -6.14 -3.18
CA VAL D 101 17.02 -7.45 -3.64
C VAL D 101 16.02 -8.54 -3.25
N ALA D 102 15.49 -8.44 -2.03
CA ALA D 102 14.47 -9.38 -1.57
C ALA D 102 13.27 -9.39 -2.52
N ALA D 103 12.83 -8.20 -2.91
CA ALA D 103 11.68 -8.04 -3.80
C ALA D 103 11.97 -8.63 -5.18
N LYS D 104 13.14 -8.30 -5.72
CA LYS D 104 13.57 -8.79 -7.03
C LYS D 104 13.57 -10.32 -7.07
N LEU D 105 13.98 -10.94 -5.97
CA LEU D 105 14.17 -12.38 -5.93
C LEU D 105 12.96 -13.13 -5.37
N GLY D 106 11.91 -12.40 -5.00
CA GLY D 106 10.70 -12.98 -4.44
C GLY D 106 10.92 -13.54 -3.06
N LEU D 107 11.82 -12.93 -2.31
CA LEU D 107 12.07 -13.30 -0.92
C LEU D 107 11.30 -12.36 -0.02
N HIS D 108 10.89 -12.85 1.14
CA HIS D 108 10.32 -12.00 2.17
C HIS D 108 11.44 -11.21 2.81
N CYS D 109 11.11 -10.03 3.33
CA CYS D 109 12.11 -9.20 4.02
C CYS D 109 11.54 -8.59 5.29
N VAL D 110 12.27 -8.74 6.39
CA VAL D 110 11.90 -8.15 7.68
C VAL D 110 13.06 -7.30 8.18
N ALA D 111 12.76 -6.04 8.48
CA ALA D 111 13.79 -5.10 8.90
C ALA D 111 13.53 -4.59 10.31
N LEU D 112 14.57 -4.67 11.14
CA LEU D 112 14.53 -4.12 12.49
C LEU D 112 15.16 -2.73 12.46
N LEU D 113 14.35 -1.70 12.70
CA LEU D 113 14.80 -0.32 12.58
C LEU D 113 14.82 0.44 13.89
N GLU D 114 15.80 1.34 14.01
CA GLU D 114 15.90 2.26 15.13
C GLU D 114 15.99 3.71 14.64
N ASN D 115 15.62 4.64 15.51
CA ASN D 115 15.84 6.06 15.28
C ASN D 115 17.12 6.46 16.01
N PRO D 116 18.24 6.63 15.27
CA PRO D 116 19.54 6.82 15.93
C PRO D 116 19.82 8.24 16.41
N ILE D 117 18.96 9.19 16.05
CA ILE D 117 19.22 10.61 16.33
C ILE D 117 18.13 11.29 17.14
N GLY D 118 17.08 10.53 17.50
CA GLY D 118 15.97 11.03 18.30
C GLY D 118 15.13 12.12 17.66
N THR D 119 15.18 12.19 16.33
CA THR D 119 14.43 13.19 15.58
C THR D 119 12.93 12.85 15.48
N THR D 120 12.11 13.89 15.38
CA THR D 120 10.69 13.71 15.11
C THR D 120 10.31 14.34 13.78
N ALA D 121 11.32 14.77 13.01
CA ALA D 121 11.09 15.37 11.68
C ALA D 121 10.45 14.36 10.74
N GLU D 122 9.37 14.77 10.07
CA GLU D 122 8.59 13.83 9.27
CA GLU D 122 8.55 13.89 9.23
C GLU D 122 9.33 13.27 8.07
N ASN D 123 10.19 14.06 7.43
CA ASN D 123 10.96 13.55 6.29
C ASN D 123 11.98 12.47 6.68
N TYR D 124 12.60 12.60 7.86
CA TYR D 124 13.46 11.53 8.35
C TYR D 124 12.66 10.25 8.66
N LEU D 125 11.49 10.45 9.27
CA LEU D 125 10.68 9.32 9.72
C LEU D 125 9.96 8.58 8.59
N THR D 126 9.65 9.28 7.49
CA THR D 126 8.78 8.70 6.46
C THR D 126 9.24 8.84 4.99
N ASN D 127 10.21 9.71 4.73
CA ASN D 127 10.67 9.92 3.34
C ASN D 127 11.97 9.15 3.06
N GLY D 128 12.60 9.44 1.92
CA GLY D 128 13.92 8.88 1.57
C GLY D 128 13.91 7.37 1.55
N ASN D 129 14.92 6.76 2.17
CA ASN D 129 15.03 5.32 2.23
C ASN D 129 13.83 4.65 2.87
N ARG D 130 13.27 5.27 3.91
CA ARG D 130 12.14 4.71 4.64
C ARG D 130 10.92 4.57 3.74
N LEU D 131 10.71 5.56 2.87
CA LEU D 131 9.63 5.54 1.89
C LEU D 131 9.78 4.36 0.95
N LEU D 132 11.02 4.10 0.53
CA LEU D 132 11.31 3.01 -0.39
C LEU D 132 11.04 1.63 0.23
N LEU D 133 11.28 1.49 1.54
CA LEU D 133 11.01 0.21 2.22
C LEU D 133 9.55 -0.23 2.08
N ASP D 134 8.62 0.72 2.13
CA ASP D 134 7.20 0.41 1.98
C ASP D 134 6.87 -0.05 0.57
N LEU D 135 7.52 0.56 -0.43
CA LEU D 135 7.30 0.17 -1.83
C LEU D 135 7.75 -1.26 -2.08
N PHE D 136 8.80 -1.70 -1.36
CA PHE D 136 9.32 -3.06 -1.49
C PHE D 136 8.61 -4.09 -0.60
N ASN D 137 7.54 -3.67 0.07
CA ASN D 137 6.78 -4.56 0.97
C ASN D 137 7.59 -5.14 2.11
N THR D 138 8.50 -4.34 2.65
CA THR D 138 9.31 -4.74 3.77
C THR D 138 8.47 -4.78 5.04
N GLN D 139 8.56 -5.87 5.79
CA GLN D 139 7.95 -5.93 7.12
C GLN D 139 8.84 -5.14 8.08
N ILE D 140 8.26 -4.15 8.74
CA ILE D 140 9.00 -3.24 9.61
C ILE D 140 8.76 -3.58 11.09
N GLU D 141 9.86 -3.79 11.81
CA GLU D 141 9.82 -3.98 13.26
C GLU D 141 10.63 -2.83 13.86
N MET D 142 9.97 -2.01 14.68
CA MET D 142 10.65 -0.90 15.35
C MET D 142 11.19 -1.31 16.71
N CYS D 143 12.34 -0.77 17.07
CA CYS D 143 12.91 -0.95 18.41
C CYS D 143 13.45 0.39 18.91
N ASP D 144 13.57 0.52 20.23
CA ASP D 144 14.02 1.77 20.83
C ASP D 144 15.48 2.08 20.52
N ALA D 145 16.31 1.04 20.47
CA ALA D 145 17.73 1.18 20.13
C ALA D 145 18.32 -0.17 19.76
N LEU D 146 19.30 -0.17 18.86
CA LEU D 146 20.04 -1.37 18.50
C LEU D 146 21.23 -1.55 19.43
N THR D 147 20.95 -1.94 20.68
CA THR D 147 21.98 -2.07 21.70
C THR D 147 22.79 -3.36 21.56
N ASP D 148 22.16 -4.41 21.05
CA ASP D 148 22.83 -5.67 20.73
C ASP D 148 22.25 -6.25 19.43
N PRO D 149 22.65 -5.70 18.28
CA PRO D 149 22.00 -6.04 17.00
C PRO D 149 21.99 -7.53 16.68
N ASP D 150 23.09 -8.23 16.95
CA ASP D 150 23.18 -9.66 16.67
C ASP D 150 22.17 -10.48 17.48
N ALA D 151 22.02 -10.14 18.76
CA ALA D 151 21.06 -10.82 19.63
C ALA D 151 19.62 -10.42 19.30
N GLN D 152 19.41 -9.14 18.99
CA GLN D 152 18.07 -8.64 18.65
C GLN D 152 17.56 -9.26 17.34
N LEU D 153 18.47 -9.42 16.38
CA LEU D 153 18.16 -10.08 15.12
C LEU D 153 17.85 -11.56 15.30
N GLN D 154 18.53 -12.21 16.26
CA GLN D 154 18.28 -13.61 16.57
C GLN D 154 16.90 -13.84 17.18
N THR D 155 16.49 -12.93 18.07
CA THR D 155 15.14 -12.96 18.64
C THR D 155 14.09 -12.80 17.55
N LEU D 156 14.31 -11.85 16.64
CA LEU D 156 13.39 -11.62 15.54
C LEU D 156 13.30 -12.85 14.63
N ALA D 157 14.46 -13.42 14.30
CA ALA D 157 14.53 -14.64 13.47
C ALA D 157 13.73 -15.79 14.05
N THR D 158 13.79 -15.97 15.37
CA THR D 158 13.01 -17.00 16.07
C THR D 158 11.50 -16.80 15.86
N ARG D 159 11.00 -15.59 16.11
CA ARG D 159 9.58 -15.27 15.86
C ARG D 159 9.17 -15.56 14.43
N ILE D 160 10.01 -15.13 13.49
CA ILE D 160 9.73 -15.28 12.06
C ILE D 160 9.75 -16.75 11.64
N GLU D 161 10.74 -17.49 12.14
CA GLU D 161 10.82 -18.93 11.88
C GLU D 161 9.60 -19.67 12.41
N ALA D 162 9.05 -19.19 13.52
CA ALA D 162 7.88 -19.78 14.15
C ALA D 162 6.60 -19.57 13.33
N GLN D 163 6.64 -18.64 12.38
CA GLN D 163 5.54 -18.43 11.45
C GLN D 163 5.66 -19.38 10.26
N GLY D 164 6.74 -20.16 10.23
CA GLY D 164 6.98 -21.11 9.16
C GLY D 164 7.94 -20.62 8.09
N PHE D 165 8.38 -19.37 8.21
CA PHE D 165 9.38 -18.83 7.30
C PHE D 165 10.74 -19.50 7.52
N ARG D 166 11.62 -19.39 6.53
CA ARG D 166 12.98 -19.89 6.62
C ARG D 166 13.92 -18.69 6.50
N PRO D 167 14.23 -18.04 7.63
CA PRO D 167 14.95 -16.77 7.61
C PRO D 167 16.47 -16.90 7.45
N TYR D 168 17.07 -15.86 6.88
CA TYR D 168 18.52 -15.73 6.81
C TYR D 168 18.86 -14.35 7.36
N VAL D 169 19.65 -14.34 8.43
CA VAL D 169 20.01 -13.10 9.10
C VAL D 169 21.23 -12.46 8.43
N ILE D 170 21.06 -11.21 8.01
CA ILE D 170 22.15 -10.41 7.49
C ILE D 170 22.50 -9.39 8.57
N PRO D 171 23.78 -9.36 9.01
CA PRO D 171 24.15 -8.43 10.07
C PRO D 171 24.02 -6.97 9.63
N VAL D 172 24.07 -6.05 10.60
CA VAL D 172 24.04 -4.61 10.32
C VAL D 172 25.10 -4.27 9.27
N GLY D 173 24.69 -3.52 8.25
CA GLY D 173 25.58 -3.08 7.18
C GLY D 173 26.00 -4.19 6.23
N GLY D 174 25.53 -5.40 6.47
CA GLY D 174 25.96 -6.57 5.71
C GLY D 174 27.41 -6.92 5.97
N SER D 175 27.94 -6.43 7.08
CA SER D 175 29.38 -6.56 7.36
C SER D 175 29.77 -7.83 8.11
N SER D 176 29.89 -8.92 7.36
CA SER D 176 30.54 -10.12 7.83
C SER D 176 31.73 -10.33 6.90
N ALA D 177 32.59 -11.29 7.22
CA ALA D 177 33.70 -11.63 6.33
C ALA D 177 33.19 -12.01 4.94
N LEU D 178 32.10 -12.79 4.90
CA LEU D 178 31.47 -13.14 3.62
C LEU D 178 31.00 -11.91 2.83
N GLY D 179 30.26 -11.03 3.48
CA GLY D 179 29.77 -9.81 2.84
C GLY D 179 30.89 -8.95 2.30
N ALA D 180 31.96 -8.84 3.09
CA ALA D 180 33.14 -8.05 2.76
C ALA D 180 33.90 -8.54 1.52
N MET D 181 33.66 -9.79 1.10
CA MET D 181 34.24 -10.30 -0.14
C MET D 181 33.84 -9.44 -1.34
N GLY D 182 32.69 -8.77 -1.23
CA GLY D 182 32.25 -7.80 -2.22
C GLY D 182 33.27 -6.69 -2.44
N TYR D 183 33.93 -6.27 -1.36
CA TYR D 183 34.94 -5.22 -1.47
C TYR D 183 36.36 -5.69 -1.73
N VAL D 184 36.60 -6.98 -1.53
CA VAL D 184 37.81 -7.58 -2.07
C VAL D 184 37.66 -7.57 -3.60
N GLU D 185 36.46 -7.88 -4.08
CA GLU D 185 36.16 -7.82 -5.51
C GLU D 185 36.33 -6.41 -6.07
N SER D 186 35.80 -5.42 -5.37
CA SER D 186 35.94 -4.01 -5.78
C SER D 186 37.42 -3.61 -5.89
N ALA D 187 38.24 -4.08 -4.96
CA ALA D 187 39.70 -3.85 -4.99
C ALA D 187 40.35 -4.36 -6.28
N LEU D 188 39.90 -5.53 -6.76
CA LEU D 188 40.38 -6.10 -8.01
C LEU D 188 40.02 -5.22 -9.20
N GLU D 189 38.81 -4.65 -9.18
CA GLU D 189 38.39 -3.68 -10.19
C GLU D 189 39.25 -2.43 -10.17
N ILE D 190 39.48 -1.92 -8.95
CA ILE D 190 40.25 -0.70 -8.74
C ILE D 190 41.67 -0.85 -9.26
N ALA D 191 42.33 -1.96 -8.90
CA ALA D 191 43.70 -2.23 -9.33
C ALA D 191 43.81 -2.27 -10.85
N GLN D 192 42.87 -2.95 -11.49
CA GLN D 192 42.81 -3.03 -12.95
C GLN D 192 42.59 -1.66 -13.59
N GLN D 193 41.69 -0.87 -13.00
CA GLN D 193 41.35 0.45 -13.54
C GLN D 193 42.42 1.52 -13.30
N CYS D 194 43.22 1.33 -12.25
CA CYS D 194 44.27 2.28 -11.89
C CYS D 194 45.58 2.12 -12.66
N GLU D 195 45.62 1.17 -13.57
CA GLU D 195 46.76 1.01 -14.46
C GLU D 195 46.86 2.20 -15.44
N GLU D 196 45.84 3.07 -15.39
CA GLU D 196 45.82 4.31 -16.16
C GLU D 196 46.03 5.55 -15.27
N VAL D 197 46.13 5.33 -13.97
CA VAL D 197 46.37 6.41 -13.00
C VAL D 197 47.84 6.40 -12.60
N VAL D 198 48.50 7.55 -12.78
CA VAL D 198 49.92 7.67 -12.49
C VAL D 198 50.16 7.89 -11.00
N GLY D 199 50.71 6.86 -10.34
CA GLY D 199 51.15 6.96 -8.95
C GLY D 199 50.07 7.26 -7.94
N LEU D 200 48.97 6.52 -7.99
CA LEU D 200 47.93 6.60 -6.95
C LEU D 200 48.56 6.39 -5.57
N SER D 201 48.32 7.33 -4.67
CA SER D 201 48.96 7.33 -3.36
C SER D 201 48.02 6.91 -2.23
N SER D 202 46.75 7.33 -2.35
CA SER D 202 45.80 7.19 -1.24
C SER D 202 44.41 6.80 -1.73
N VAL D 203 43.69 6.09 -0.86
CA VAL D 203 42.28 5.74 -1.07
C VAL D 203 41.52 6.15 0.18
N VAL D 204 40.37 6.80 -0.01
CA VAL D 204 39.52 7.24 1.10
C VAL D 204 38.15 6.58 0.97
N VAL D 205 37.68 6.02 2.08
CA VAL D 205 36.35 5.40 2.15
C VAL D 205 35.75 5.67 3.52
N ALA D 206 34.43 5.87 3.56
CA ALA D 206 33.70 5.96 4.83
C ALA D 206 33.82 4.60 5.52
N SER D 207 34.01 4.63 6.84
CA SER D 207 34.17 3.40 7.61
C SER D 207 33.06 3.34 8.65
N GLY D 208 32.11 2.44 8.44
CA GLY D 208 30.90 2.37 9.28
C GLY D 208 30.82 1.04 9.99
N SER D 209 30.02 0.13 9.46
CA SER D 209 29.95 -1.25 9.99
C SER D 209 31.23 -2.05 9.69
N ALA D 210 32.07 -1.50 8.81
CA ALA D 210 33.48 -1.87 8.62
C ALA D 210 33.79 -2.87 7.50
N GLY D 211 32.76 -3.51 6.95
CA GLY D 211 32.94 -4.49 5.88
C GLY D 211 33.61 -3.94 4.62
N THR D 212 33.16 -2.77 4.18
CA THR D 212 33.74 -2.12 3.01
C THR D 212 35.23 -1.83 3.21
N HIS D 213 35.54 -1.17 4.32
CA HIS D 213 36.92 -0.84 4.69
C HIS D 213 37.77 -2.08 4.76
N ALA D 214 37.28 -3.12 5.44
CA ALA D 214 38.06 -4.34 5.66
C ALA D 214 38.30 -5.11 4.35
N GLY D 215 37.27 -5.19 3.52
CA GLY D 215 37.38 -5.82 2.20
C GLY D 215 38.40 -5.12 1.33
N LEU D 216 38.31 -3.79 1.26
CA LEU D 216 39.32 -3.01 0.54
C LEU D 216 40.72 -3.17 1.12
N ALA D 217 40.83 -3.23 2.45
CA ALA D 217 42.11 -3.39 3.12
C ALA D 217 42.82 -4.66 2.65
N VAL D 218 42.09 -5.77 2.62
CA VAL D 218 42.68 -7.05 2.24
C VAL D 218 43.07 -7.05 0.76
N GLY D 219 42.13 -6.66 -0.10
CA GLY D 219 42.38 -6.55 -1.53
C GLY D 219 43.54 -5.64 -1.89
N LEU D 220 43.55 -4.42 -1.35
CA LEU D 220 44.59 -3.46 -1.67
C LEU D 220 45.96 -3.81 -1.11
N GLU D 221 46.01 -4.44 0.07
CA GLU D 221 47.31 -4.92 0.60
C GLU D 221 47.99 -5.86 -0.40
N HIS D 222 47.20 -6.68 -1.08
CA HIS D 222 47.77 -7.67 -1.98
C HIS D 222 47.96 -7.18 -3.38
N LEU D 223 47.14 -6.23 -3.81
CA LEU D 223 47.15 -5.75 -5.19
C LEU D 223 47.91 -4.44 -5.40
N MET D 224 47.83 -3.54 -4.41
CA MET D 224 48.49 -2.24 -4.48
C MET D 224 49.09 -1.92 -3.12
N PRO D 225 50.14 -2.67 -2.70
CA PRO D 225 50.64 -2.60 -1.32
C PRO D 225 51.17 -1.24 -0.86
N ASP D 226 51.53 -0.37 -1.79
CA ASP D 226 52.09 0.94 -1.46
C ASP D 226 51.04 2.05 -1.30
N VAL D 227 49.80 1.75 -1.67
CA VAL D 227 48.71 2.70 -1.53
C VAL D 227 48.23 2.75 -0.08
N GLU D 228 48.02 3.95 0.42
CA GLU D 228 47.53 4.15 1.78
C GLU D 228 46.00 4.15 1.76
N LEU D 229 45.40 3.23 2.50
CA LEU D 229 43.95 3.19 2.63
C LEU D 229 43.52 3.90 3.92
N ILE D 230 42.74 4.96 3.75
CA ILE D 230 42.22 5.73 4.88
C ILE D 230 40.72 5.52 5.03
N GLY D 231 40.31 5.07 6.21
CA GLY D 231 38.89 4.97 6.54
C GLY D 231 38.49 6.20 7.36
N VAL D 232 37.45 6.87 6.91
CA VAL D 232 36.92 8.01 7.65
C VAL D 232 35.71 7.52 8.42
N THR D 233 35.80 7.56 9.75
CA THR D 233 34.72 7.01 10.56
C THR D 233 33.48 7.88 10.50
N VAL D 234 32.32 7.22 10.52
CA VAL D 234 31.04 7.90 10.43
C VAL D 234 30.21 7.71 11.71
N SER D 235 30.69 6.87 12.62
CA SER D 235 29.91 6.55 13.83
C SER D 235 30.71 6.37 15.13
N ARG D 236 32.01 6.11 15.02
CA ARG D 236 32.84 5.73 16.17
C ARG D 236 34.22 6.36 16.14
N SER D 237 34.82 6.46 17.31
CA SER D 237 36.21 6.88 17.43
C SER D 237 37.17 5.81 16.86
N VAL D 238 38.41 6.19 16.59
CA VAL D 238 39.42 5.24 16.14
C VAL D 238 39.50 4.04 17.10
N ALA D 239 39.56 4.31 18.40
CA ALA D 239 39.68 3.27 19.43
C ALA D 239 38.57 2.21 19.34
N GLU D 240 37.35 2.66 19.08
CA GLU D 240 36.20 1.76 19.02
C GLU D 240 36.08 1.09 17.66
N GLN D 241 36.44 1.82 16.60
CA GLN D 241 36.26 1.34 15.23
C GLN D 241 37.36 0.38 14.76
N LYS D 242 38.60 0.66 15.14
CA LYS D 242 39.74 -0.11 14.61
C LYS D 242 39.65 -1.62 14.88
N PRO D 243 39.26 -2.04 16.11
CA PRO D 243 39.14 -3.49 16.31
C PRO D 243 38.09 -4.14 15.42
N LYS D 244 37.03 -3.41 15.06
CA LYS D 244 36.01 -3.96 14.16
C LYS D 244 36.56 -4.22 12.76
N VAL D 245 37.32 -3.25 12.24
CA VAL D 245 37.91 -3.38 10.92
C VAL D 245 38.97 -4.49 10.90
N ILE D 246 39.83 -4.52 11.90
CA ILE D 246 40.88 -5.52 12.00
C ILE D 246 40.29 -6.94 12.09
N ALA D 247 39.26 -7.11 12.92
CA ALA D 247 38.63 -8.43 13.08
C ALA D 247 38.17 -8.96 11.73
N LEU D 248 37.48 -8.11 10.98
CA LEU D 248 37.05 -8.45 9.62
C LEU D 248 38.22 -8.68 8.66
N GLN D 249 39.18 -7.75 8.65
CA GLN D 249 40.40 -7.88 7.83
C GLN D 249 41.04 -9.27 8.00
N GLN D 250 41.21 -9.69 9.26
CA GLN D 250 41.86 -10.97 9.55
C GLN D 250 40.99 -12.16 9.15
N ALA D 251 39.69 -12.07 9.39
CA ALA D 251 38.77 -13.14 9.01
C ALA D 251 38.69 -13.30 7.49
N ILE D 252 38.64 -12.17 6.77
CA ILE D 252 38.63 -12.20 5.31
C ILE D 252 39.91 -12.85 4.77
N ALA D 253 41.06 -12.41 5.29
CA ALA D 253 42.36 -12.93 4.89
C ALA D 253 42.43 -14.45 5.06
N GLY D 254 41.97 -14.93 6.23
CA GLY D 254 41.93 -16.35 6.54
C GLY D 254 41.07 -17.15 5.56
N GLN D 255 39.90 -16.61 5.23
CA GLN D 255 38.99 -17.25 4.26
C GLN D 255 39.60 -17.38 2.87
N LEU D 256 40.53 -16.48 2.56
CA LEU D 256 41.18 -16.46 1.24
C LEU D 256 42.59 -17.06 1.28
N ALA D 257 42.92 -17.71 2.40
CA ALA D 257 44.24 -18.34 2.61
C ALA D 257 45.39 -17.35 2.41
N LEU D 258 45.20 -16.15 2.93
CA LEU D 258 46.19 -15.09 2.82
C LEU D 258 46.49 -14.57 4.21
N THR D 259 47.64 -13.90 4.34
CA THR D 259 47.91 -13.14 5.54
C THR D 259 47.61 -11.68 5.22
N ALA D 260 47.37 -10.89 6.26
CA ALA D 260 47.15 -9.46 6.10
C ALA D 260 47.87 -8.75 7.23
N THR D 261 49.03 -8.17 6.92
CA THR D 261 49.86 -7.51 7.92
C THR D 261 49.70 -5.99 7.94
N ALA D 262 48.98 -5.44 6.97
CA ALA D 262 48.77 -3.98 6.90
C ALA D 262 48.13 -3.41 8.15
N ASP D 263 48.61 -2.24 8.57
CA ASP D 263 47.99 -1.52 9.67
C ASP D 263 46.74 -0.84 9.10
N ILE D 264 45.64 -0.88 9.84
CA ILE D 264 44.42 -0.16 9.50
C ILE D 264 44.57 1.32 9.87
N HIS D 265 44.18 2.20 8.95
CA HIS D 265 44.23 3.65 9.20
C HIS D 265 42.84 4.20 9.24
N LEU D 266 42.58 5.01 10.25
CA LEU D 266 41.26 5.61 10.47
C LEU D 266 41.39 7.05 10.94
N TRP D 267 40.56 7.94 10.39
CA TRP D 267 40.43 9.30 10.92
C TRP D 267 39.05 9.49 11.48
N ASP D 268 38.96 9.88 12.75
CA ASP D 268 37.66 10.00 13.43
C ASP D 268 37.20 11.44 13.68
N ASP D 269 37.85 12.40 13.02
CA ASP D 269 37.62 13.83 13.28
C ASP D 269 36.43 14.41 12.55
N TYR D 270 35.73 13.60 11.77
CA TYR D 270 34.80 14.13 10.76
C TYR D 270 33.35 13.69 10.90
N PHE D 271 33.01 13.02 12.01
CA PHE D 271 31.63 12.56 12.17
C PHE D 271 30.83 13.23 13.29
N ALA D 272 31.49 14.02 14.13
CA ALA D 272 30.83 14.71 15.23
C ALA D 272 29.69 15.59 14.72
N PRO D 273 28.58 15.68 15.49
CA PRO D 273 28.37 15.12 16.84
C PRO D 273 27.89 13.66 16.94
N GLY D 274 27.86 12.92 15.83
CA GLY D 274 27.57 11.49 15.92
C GLY D 274 26.97 10.88 14.67
N TYR D 275 26.80 9.56 14.69
CA TYR D 275 26.25 8.87 13.54
C TYR D 275 24.90 9.42 13.15
N GLY D 276 24.72 9.69 11.86
CA GLY D 276 23.44 10.13 11.33
C GLY D 276 23.11 11.59 11.61
N VAL D 277 24.00 12.31 12.29
CA VAL D 277 23.82 13.74 12.51
C VAL D 277 24.66 14.53 11.50
N PRO D 278 24.01 15.36 10.66
CA PRO D 278 24.81 16.11 9.68
C PRO D 278 25.70 17.13 10.37
N ASN D 279 26.83 17.45 9.75
CA ASN D 279 27.66 18.55 10.25
C ASN D 279 28.04 19.52 9.14
N ASP D 280 28.59 20.66 9.53
CA ASP D 280 28.91 21.74 8.59
C ASP D 280 29.90 21.33 7.48
N ALA D 281 30.96 20.63 7.86
CA ALA D 281 31.97 20.21 6.88
C ALA D 281 31.40 19.17 5.91
N GLY D 282 30.55 18.28 6.43
CA GLY D 282 29.83 17.32 5.60
C GLY D 282 28.93 18.02 4.59
N MET D 283 28.14 18.99 5.06
CA MET D 283 27.24 19.75 4.20
C MET D 283 28.02 20.49 3.11
N GLU D 284 29.12 21.12 3.51
CA GLU D 284 30.00 21.82 2.57
C GLU D 284 30.60 20.89 1.51
N ALA D 285 30.98 19.68 1.91
CA ALA D 285 31.50 18.69 0.97
C ALA D 285 30.44 18.27 -0.05
N VAL D 286 29.21 18.06 0.43
CA VAL D 286 28.07 17.73 -0.43
C VAL D 286 27.84 18.84 -1.45
N LYS D 287 27.82 20.09 -0.96
CA LYS D 287 27.63 21.25 -1.83
C LYS D 287 28.77 21.38 -2.84
N LEU D 288 29.99 21.07 -2.39
CA LEU D 288 31.17 21.15 -3.26
C LEU D 288 31.15 20.16 -4.40
N LEU D 289 30.87 18.88 -4.10
CA LEU D 289 30.85 17.84 -5.13
C LEU D 289 29.70 18.00 -6.11
N ALA D 290 28.55 18.44 -5.60
CA ALA D 290 27.39 18.72 -6.46
C ALA D 290 27.65 19.91 -7.40
N SER D 291 28.16 21.01 -6.87
CA SER D 291 28.36 22.22 -7.69
C SER D 291 29.59 22.14 -8.62
N LEU D 292 30.61 21.39 -8.21
CA LEU D 292 31.80 21.24 -9.06
C LEU D 292 31.78 20.06 -10.03
N GLU D 293 31.16 18.95 -9.63
CA GLU D 293 31.21 17.74 -10.44
C GLU D 293 29.85 17.17 -10.83
N GLY D 294 28.77 17.78 -10.33
CA GLY D 294 27.42 17.22 -10.52
C GLY D 294 27.28 15.84 -9.92
N VAL D 295 28.05 15.59 -8.84
CA VAL D 295 28.05 14.31 -8.15
C VAL D 295 27.33 14.48 -6.81
N LEU D 296 26.43 13.55 -6.50
CA LEU D 296 25.66 13.64 -5.26
C LEU D 296 26.21 12.74 -4.15
N LEU D 297 26.60 13.37 -3.05
CA LEU D 297 27.03 12.65 -1.86
C LEU D 297 25.87 12.59 -0.87
N ASP D 298 26.15 12.27 0.40
CA ASP D 298 25.06 12.19 1.39
C ASP D 298 25.53 12.72 2.75
N PRO D 299 24.59 13.18 3.61
CA PRO D 299 24.99 13.79 4.89
C PRO D 299 25.51 12.81 5.95
N VAL D 300 25.19 11.53 5.81
CA VAL D 300 25.51 10.52 6.83
C VAL D 300 26.89 9.90 6.63
N TYR D 301 27.19 9.51 5.40
CA TYR D 301 28.41 8.77 5.08
C TYR D 301 29.40 9.53 4.20
N THR D 302 29.05 9.67 2.93
CA THR D 302 30.00 10.13 1.92
C THR D 302 30.35 11.61 2.07
N GLY D 303 29.39 12.41 2.53
CA GLY D 303 29.66 13.83 2.83
C GLY D 303 30.75 13.96 3.89
N LYS D 304 30.65 13.16 4.95
CA LYS D 304 31.63 13.16 6.02
C LYS D 304 32.98 12.58 5.58
N ALA D 305 32.95 11.48 4.82
CA ALA D 305 34.17 10.89 4.25
C ALA D 305 34.89 11.90 3.34
N MET D 306 34.12 12.59 2.50
CA MET D 306 34.71 13.59 1.60
C MET D 306 35.23 14.80 2.39
N ALA D 307 34.52 15.20 3.44
CA ALA D 307 35.01 16.25 4.32
C ALA D 307 36.37 15.86 4.92
N GLY D 308 36.52 14.58 5.24
CA GLY D 308 37.79 14.02 5.71
C GLY D 308 38.90 14.07 4.67
N LEU D 309 38.58 13.67 3.44
CA LEU D 309 39.51 13.77 2.31
C LEU D 309 40.00 15.20 2.13
N ILE D 310 39.07 16.15 2.16
CA ILE D 310 39.36 17.57 1.92
C ILE D 310 40.27 18.13 3.03
N ASP D 311 39.90 17.87 4.28
CA ASP D 311 40.71 18.30 5.41
C ASP D 311 42.08 17.62 5.42
N GLY D 312 42.12 16.35 5.02
CA GLY D 312 43.38 15.61 4.88
C GLY D 312 44.34 16.31 3.93
N ILE D 313 43.82 16.79 2.80
CA ILE D 313 44.61 17.60 1.88
C ILE D 313 45.02 18.91 2.55
N SER D 314 44.07 19.57 3.20
CA SER D 314 44.32 20.87 3.82
C SER D 314 45.40 20.82 4.91
N GLN D 315 45.45 19.71 5.65
CA GLN D 315 46.36 19.57 6.78
C GLN D 315 47.58 18.69 6.47
N LYS D 316 47.74 18.31 5.20
CA LYS D 316 48.82 17.41 4.74
C LYS D 316 48.85 16.12 5.57
N ARG D 317 47.66 15.50 5.71
CA ARG D 317 47.48 14.33 6.56
C ARG D 317 47.83 13.01 5.89
N PHE D 318 47.80 12.98 4.56
CA PHE D 318 48.13 11.77 3.81
C PHE D 318 49.62 11.50 3.84
N ASN D 319 50.01 10.25 3.62
CA ASN D 319 51.43 9.86 3.62
C ASN D 319 52.26 10.64 2.60
N ASP D 320 51.68 10.94 1.43
CA ASP D 320 52.31 11.84 0.45
C ASP D 320 51.31 12.65 -0.39
N ASP D 321 51.86 13.41 -1.34
CA ASP D 321 51.11 14.39 -2.13
C ASP D 321 50.38 13.87 -3.37
N GLY D 322 50.45 12.57 -3.63
CA GLY D 322 49.95 12.01 -4.89
C GLY D 322 48.45 11.93 -5.03
N PRO D 323 47.96 11.39 -6.16
CA PRO D 323 46.52 11.29 -6.41
C PRO D 323 45.78 10.50 -5.33
N ILE D 324 44.53 10.87 -5.12
CA ILE D 324 43.66 10.20 -4.14
C ILE D 324 42.45 9.63 -4.87
N LEU D 325 42.08 8.40 -4.52
CA LEU D 325 40.84 7.81 -5.01
C LEU D 325 39.80 7.83 -3.90
N PHE D 326 38.67 8.49 -4.16
CA PHE D 326 37.53 8.47 -3.25
C PHE D 326 36.59 7.33 -3.64
N ILE D 327 36.23 6.48 -2.68
CA ILE D 327 35.25 5.44 -2.94
C ILE D 327 33.86 6.00 -2.68
N HIS D 328 33.09 6.20 -3.75
CA HIS D 328 31.72 6.67 -3.58
C HIS D 328 30.85 5.50 -3.30
N THR D 329 30.47 5.35 -2.04
CA THR D 329 29.70 4.21 -1.55
C THR D 329 28.19 4.42 -1.64
N GLY D 330 27.77 5.63 -2.03
CA GLY D 330 26.36 5.92 -2.30
C GLY D 330 25.70 6.83 -1.30
N GLY D 331 24.46 6.51 -0.93
CA GLY D 331 23.77 7.20 0.16
C GLY D 331 22.84 8.34 -0.19
N ALA D 332 22.82 8.76 -1.46
CA ALA D 332 22.08 9.95 -1.87
C ALA D 332 20.58 10.01 -1.54
N PRO D 333 19.87 8.85 -1.51
CA PRO D 333 18.46 8.93 -1.12
C PRO D 333 18.20 9.57 0.26
N ALA D 334 19.21 9.55 1.13
CA ALA D 334 19.12 10.20 2.45
C ALA D 334 19.00 11.73 2.36
N LEU D 335 19.51 12.32 1.28
CA LEU D 335 19.36 13.77 1.06
C LEU D 335 17.90 14.23 1.21
N PHE D 336 16.98 13.42 0.69
CA PHE D 336 15.56 13.74 0.68
C PHE D 336 14.91 13.53 2.04
N ALA D 337 15.54 12.68 2.85
CA ALA D 337 15.06 12.42 4.21
C ALA D 337 15.54 13.51 5.18
N TYR D 338 16.75 14.01 4.96
CA TYR D 338 17.35 14.98 5.87
C TYR D 338 16.91 16.42 5.61
N HIS D 339 16.32 16.65 4.44
CA HIS D 339 15.76 17.95 4.09
C HIS D 339 14.40 18.13 4.72
N PRO D 340 14.10 19.34 5.26
CA PRO D 340 14.95 20.53 5.36
C PRO D 340 15.92 20.50 6.55
N HIS D 341 15.55 19.78 7.60
CA HIS D 341 16.41 19.61 8.78
C HIS D 341 15.99 18.43 9.59
N VAL D 342 16.91 18.02 10.48
N VAL D 342 16.84 17.99 10.53
CA VAL D 342 16.70 17.00 11.52
CA VAL D 342 16.48 16.89 11.44
C VAL D 342 15.91 15.78 11.07
C VAL D 342 16.54 17.31 12.91
#